data_8FJZ
#
_entry.id   8FJZ
#
_cell.length_a   57.71
_cell.length_b   87.4
_cell.length_c   109.071
_cell.angle_alpha   96.43
_cell.angle_beta   99.99
_cell.angle_gamma   108.89
#
_symmetry.space_group_name_H-M   'P 1'
#
loop_
_entity.id
_entity.type
_entity.pdbx_description
1 polymer 'Mitogen-activated protein kinase kinase kinase kinase 1'
2 non-polymer (3P)-3-{4-[(3R,5S)-3-amino-5-methylpiperidin-1-yl]-6-chloro-7H-pyrrolo[2,3-d]pyrimidin-5-yl}benzonitrile
3 water water
#
_entity_poly.entity_id   1
_entity_poly.type   'polypeptide(L)'
_entity_poly.pdbx_seq_one_letter_code
;MASHHHHHHDYDGATTENLYFQGSMDVVDPDIFNRDPRDHYDLLQRLGGGTYGEVFKARDKVSGDLVALKMVKMEPDDDV
STLQKEILILKTCRHANIVAYHGSYLWLQKLWICMEFCGAGSLQDIYQVTGSLSELQISYVCREVLQGLAYLHSQKKIHR
DIKGANILINDAGEVRLADFGISAQIGAELARRLEFIGTPYWMAPEVAAVALKGGYNELCDIWSLGITAIELAELQPPLF
DVHPLRVLFLMTKSGYQPPRLKEKGKWSAAFHNFIKVTLTKSPKKRPSATKMLSHQLVSQPGLNRGLILDLLDKLKNPGK
GPSIGDIEDEE
;
_entity_poly.pdbx_strand_id   A,B,C,D,E,F
#
# COMPACT_ATOMS: atom_id res chain seq x y z
N VAL A 27 -0.04 -0.18 -19.38
CA VAL A 27 -0.42 1.23 -19.53
C VAL A 27 -1.81 1.51 -18.90
N VAL A 28 -1.91 2.61 -18.14
CA VAL A 28 -3.13 2.94 -17.42
C VAL A 28 -4.30 3.18 -18.38
N ASP A 29 -4.02 3.78 -19.56
CA ASP A 29 -5.05 4.11 -20.54
C ASP A 29 -4.45 4.47 -21.91
N PRO A 30 -4.78 3.72 -22.97
CA PRO A 30 -4.24 4.05 -24.31
C PRO A 30 -4.74 5.38 -24.89
N ASP A 31 -5.91 5.85 -24.43
CA ASP A 31 -6.45 7.12 -24.91
C ASP A 31 -6.02 8.33 -24.06
N ILE A 32 -5.07 8.14 -23.13
CA ILE A 32 -4.63 9.18 -22.23
C ILE A 32 -3.94 10.35 -22.93
N PHE A 33 -4.12 11.55 -22.38
CA PHE A 33 -3.47 12.74 -22.90
C PHE A 33 -2.20 12.96 -22.10
N ASN A 34 -1.05 13.02 -22.77
CA ASN A 34 0.22 13.28 -22.07
C ASN A 34 0.45 14.78 -22.04
N ARG A 35 -0.42 15.46 -21.31
CA ARG A 35 -0.37 16.91 -21.17
C ARG A 35 -0.91 17.33 -19.80
N ASP A 36 -0.54 18.53 -19.38
CA ASP A 36 -0.98 19.15 -18.14
C ASP A 36 -2.42 19.52 -18.39
N PRO A 37 -3.37 18.95 -17.62
CA PRO A 37 -4.78 19.31 -17.85
C PRO A 37 -5.03 20.81 -17.65
N ARG A 38 -4.14 21.52 -16.94
CA ARG A 38 -4.25 22.96 -16.72
C ARG A 38 -4.04 23.79 -18.00
N ASP A 39 -3.49 23.19 -19.07
CA ASP A 39 -3.43 23.89 -20.37
C ASP A 39 -4.83 24.01 -21.00
N HIS A 40 -5.75 23.09 -20.63
CA HIS A 40 -7.09 23.03 -21.16
C HIS A 40 -8.18 23.42 -20.17
N TYR A 41 -7.89 23.40 -18.87
CA TYR A 41 -8.91 23.69 -17.85
C TYR A 41 -8.42 24.64 -16.81
N ASP A 42 -9.31 25.49 -16.31
CA ASP A 42 -9.04 26.35 -15.17
C ASP A 42 -9.64 25.61 -13.95
N LEU A 43 -8.88 25.38 -12.88
CA LEU A 43 -9.43 24.72 -11.69
C LEU A 43 -10.18 25.81 -10.89
N LEU A 44 -11.45 25.56 -10.50
CA LEU A 44 -12.29 26.55 -9.81
C LEU A 44 -12.50 26.31 -8.32
N GLN A 45 -12.68 25.04 -7.93
CA GLN A 45 -12.85 24.72 -6.52
C GLN A 45 -12.62 23.25 -6.20
N ARG A 46 -12.12 22.99 -5.01
CA ARG A 46 -11.90 21.70 -4.44
C ARG A 46 -13.31 21.19 -4.03
N LEU A 47 -13.73 20.04 -4.53
CA LEU A 47 -15.04 19.46 -4.21
C LEU A 47 -14.98 18.38 -3.12
N GLY A 48 -13.79 17.90 -2.78
CA GLY A 48 -13.63 16.83 -1.83
C GLY A 48 -13.12 15.58 -2.52
N GLY A 49 -13.12 14.47 -1.81
CA GLY A 49 -12.61 13.22 -2.37
C GLY A 49 -13.64 12.15 -2.64
N GLY A 50 -13.33 11.28 -3.56
CA GLY A 50 -14.13 10.09 -3.79
C GLY A 50 -13.55 8.98 -2.91
N THR A 51 -13.77 7.70 -3.27
CA THR A 51 -13.15 6.57 -2.52
C THR A 51 -11.61 6.78 -2.44
N TYR A 52 -11.04 7.27 -3.52
CA TYR A 52 -9.66 7.75 -3.61
C TYR A 52 -9.66 9.01 -4.50
N GLY A 53 -8.56 9.74 -4.52
CA GLY A 53 -8.44 10.93 -5.34
C GLY A 53 -9.10 12.15 -4.80
N GLU A 54 -8.87 13.28 -5.45
CA GLU A 54 -9.39 14.58 -5.06
C GLU A 54 -10.11 15.10 -6.25
N VAL A 55 -11.33 15.55 -6.05
CA VAL A 55 -12.16 16.04 -7.14
C VAL A 55 -12.23 17.56 -7.18
N PHE A 56 -12.06 18.14 -8.36
CA PHE A 56 -12.14 19.58 -8.55
C PHE A 56 -13.20 19.95 -9.53
N LYS A 57 -13.87 21.09 -9.32
CA LYS A 57 -14.75 21.69 -10.30
C LYS A 57 -13.77 22.44 -11.22
N ALA A 58 -13.92 22.31 -12.52
CA ALA A 58 -13.03 22.98 -13.47
C ALA A 58 -13.78 23.55 -14.69
N ARG A 59 -13.17 24.49 -15.43
CA ARG A 59 -13.82 25.06 -16.60
C ARG A 59 -12.94 24.93 -17.85
N ASP A 60 -13.50 24.38 -18.93
CA ASP A 60 -12.82 24.24 -20.20
C ASP A 60 -12.50 25.65 -20.75
N LYS A 61 -11.21 25.91 -21.04
CA LYS A 61 -10.78 27.23 -21.50
C LYS A 61 -11.34 27.65 -22.87
N VAL A 62 -11.74 26.69 -23.73
CA VAL A 62 -12.29 27.06 -25.04
C VAL A 62 -13.83 26.91 -25.07
N SER A 63 -14.37 25.81 -24.52
CA SER A 63 -15.80 25.53 -24.47
C SER A 63 -16.55 26.35 -23.43
N GLY A 64 -15.87 26.76 -22.36
CA GLY A 64 -16.53 27.41 -21.24
C GLY A 64 -17.31 26.42 -20.37
N ASP A 65 -17.44 25.14 -20.81
CA ASP A 65 -18.15 24.07 -20.11
C ASP A 65 -17.50 23.68 -18.79
N LEU A 66 -18.33 23.32 -17.83
CA LEU A 66 -17.85 22.88 -16.53
C LEU A 66 -17.64 21.36 -16.56
N VAL A 67 -16.58 20.89 -15.90
CA VAL A 67 -16.24 19.46 -15.80
C VAL A 67 -15.81 19.19 -14.36
N ALA A 68 -15.74 17.92 -13.95
CA ALA A 68 -15.17 17.55 -12.68
C ALA A 68 -13.83 16.85 -13.04
N LEU A 69 -12.74 17.22 -12.38
CA LEU A 69 -11.44 16.58 -12.60
C LEU A 69 -11.04 15.82 -11.37
N LYS A 70 -10.80 14.52 -11.49
CA LYS A 70 -10.40 13.70 -10.33
C LYS A 70 -8.89 13.42 -10.43
N MET A 71 -8.13 13.96 -9.50
CA MET A 71 -6.68 13.83 -9.52
C MET A 71 -6.25 12.74 -8.57
N VAL A 72 -5.40 11.82 -9.05
CA VAL A 72 -4.88 10.71 -8.27
C VAL A 72 -3.36 10.67 -8.45
N LYS A 73 -2.61 10.61 -7.35
CA LYS A 73 -1.14 10.51 -7.46
C LYS A 73 -0.80 9.14 -8.03
N MET A 74 0.03 9.10 -9.09
CA MET A 74 0.41 7.83 -9.73
C MET A 74 1.92 7.76 -9.97
N ASP A 77 6.47 3.21 -10.60
CA ASP A 77 6.47 2.13 -9.60
C ASP A 77 5.09 1.70 -9.14
N ASP A 78 4.11 2.61 -9.17
CA ASP A 78 2.75 2.30 -8.72
C ASP A 78 2.06 1.28 -9.64
N ASP A 79 1.29 0.36 -9.05
CA ASP A 79 0.52 -0.61 -9.84
C ASP A 79 -0.64 0.17 -10.44
N VAL A 80 -0.75 0.18 -11.77
CA VAL A 80 -1.81 0.94 -12.44
C VAL A 80 -3.13 0.20 -12.59
N SER A 81 -3.24 -1.01 -12.05
CA SER A 81 -4.37 -1.90 -12.17
C SER A 81 -5.74 -1.31 -11.78
N THR A 82 -5.87 -0.67 -10.61
CA THR A 82 -7.22 -0.16 -10.22
C THR A 82 -7.56 1.07 -11.06
N LEU A 83 -6.63 2.03 -11.28
CA LEU A 83 -6.94 3.20 -12.11
C LEU A 83 -7.21 2.81 -13.57
N GLN A 84 -6.55 1.76 -14.05
CA GLN A 84 -6.75 1.25 -15.41
C GLN A 84 -8.18 0.71 -15.51
N LYS A 85 -8.64 -0.03 -14.49
CA LYS A 85 -9.99 -0.59 -14.50
C LYS A 85 -11.06 0.46 -14.30
N GLU A 86 -10.78 1.55 -13.56
CA GLU A 86 -11.77 2.62 -13.38
C GLU A 86 -12.01 3.35 -14.69
N ILE A 87 -10.92 3.63 -15.43
CA ILE A 87 -11.04 4.32 -16.70
C ILE A 87 -11.80 3.45 -17.71
N LEU A 88 -11.54 2.15 -17.71
CA LEU A 88 -12.16 1.19 -18.60
C LEU A 88 -13.65 1.13 -18.35
N ILE A 89 -14.06 1.11 -17.07
CA ILE A 89 -15.48 1.14 -16.73
C ILE A 89 -16.16 2.40 -17.28
N LEU A 90 -15.61 3.59 -16.96
CA LEU A 90 -16.13 4.88 -17.39
C LEU A 90 -16.19 5.02 -18.90
N LYS A 91 -15.18 4.48 -19.58
CA LYS A 91 -15.02 4.53 -21.02
C LYS A 91 -16.01 3.61 -21.72
N THR A 92 -16.20 2.40 -21.22
CA THR A 92 -17.07 1.42 -21.86
C THR A 92 -18.55 1.54 -21.44
N CYS A 93 -18.91 2.43 -20.51
CA CYS A 93 -20.33 2.67 -20.15
C CYS A 93 -20.94 3.71 -21.05
N ARG A 94 -22.00 3.36 -21.71
CA ARG A 94 -22.72 4.28 -22.57
C ARG A 94 -24.10 4.31 -22.01
N HIS A 95 -24.37 5.14 -20.95
CA HIS A 95 -25.71 5.13 -20.38
C HIS A 95 -26.16 6.45 -19.75
N ALA A 96 -27.44 6.79 -19.99
CA ALA A 96 -28.03 8.03 -19.49
C ALA A 96 -28.01 8.14 -17.96
N ASN A 97 -27.86 7.03 -17.25
CA ASN A 97 -27.84 7.06 -15.78
C ASN A 97 -26.46 6.81 -15.19
N ILE A 98 -25.40 6.99 -16.00
CA ILE A 98 -24.01 6.87 -15.54
C ILE A 98 -23.29 8.18 -15.90
N VAL A 99 -22.54 8.77 -14.96
CA VAL A 99 -21.81 10.04 -15.19
C VAL A 99 -20.97 9.98 -16.47
N ALA A 100 -21.09 10.99 -17.34
CA ALA A 100 -20.38 10.98 -18.62
C ALA A 100 -18.88 11.10 -18.36
N TYR A 101 -18.10 10.51 -19.25
CA TYR A 101 -16.66 10.47 -19.17
C TYR A 101 -16.10 11.28 -20.35
N HIS A 102 -15.09 12.14 -20.10
CA HIS A 102 -14.52 12.99 -21.16
C HIS A 102 -13.13 12.56 -21.64
N GLY A 103 -12.35 11.99 -20.75
CA GLY A 103 -10.99 11.58 -21.06
C GLY A 103 -10.09 11.68 -19.83
N SER A 104 -8.80 11.33 -19.99
CA SER A 104 -7.85 11.33 -18.88
C SER A 104 -6.51 11.97 -19.25
N TYR A 105 -5.79 12.49 -18.25
CA TYR A 105 -4.49 13.15 -18.43
C TYR A 105 -3.48 12.54 -17.49
N LEU A 106 -2.22 12.44 -17.95
CA LEU A 106 -1.13 11.98 -17.11
C LEU A 106 -0.05 13.04 -17.23
N TRP A 107 0.31 13.68 -16.11
CA TRP A 107 1.29 14.76 -16.12
C TRP A 107 1.98 14.83 -14.78
N LEU A 108 3.33 14.76 -14.80
CA LEU A 108 4.15 14.81 -13.60
C LEU A 108 3.65 13.93 -12.44
N GLN A 109 3.45 12.63 -12.70
CA GLN A 109 3.06 11.62 -11.74
C GLN A 109 1.66 11.83 -11.13
N LYS A 110 0.79 12.55 -11.83
CA LYS A 110 -0.60 12.75 -11.43
C LYS A 110 -1.51 12.33 -12.57
N LEU A 111 -2.49 11.48 -12.29
CA LEU A 111 -3.47 11.05 -13.27
C LEU A 111 -4.75 11.90 -12.99
N TRP A 112 -5.34 12.46 -14.03
CA TRP A 112 -6.53 13.28 -13.90
C TRP A 112 -7.64 12.67 -14.74
N ILE A 113 -8.71 12.24 -14.11
CA ILE A 113 -9.87 11.66 -14.79
C ILE A 113 -10.91 12.76 -14.96
N CYS A 114 -11.23 13.08 -16.20
CA CYS A 114 -12.17 14.14 -16.53
C CYS A 114 -13.58 13.58 -16.75
N MET A 115 -14.53 13.97 -15.88
CA MET A 115 -15.91 13.49 -15.99
C MET A 115 -16.91 14.67 -15.97
N GLU A 116 -18.17 14.38 -16.22
CA GLU A 116 -19.24 15.33 -16.23
C GLU A 116 -19.36 16.09 -14.90
N PHE A 117 -19.58 17.42 -14.97
CA PHE A 117 -19.85 18.18 -13.76
C PHE A 117 -21.37 18.17 -13.64
N CYS A 118 -21.88 17.67 -12.50
CA CYS A 118 -23.34 17.59 -12.27
C CYS A 118 -23.69 18.73 -11.29
N GLY A 119 -24.31 19.78 -11.82
CA GLY A 119 -24.60 21.05 -11.15
C GLY A 119 -25.22 21.03 -9.77
N ALA A 120 -26.09 20.06 -9.49
CA ALA A 120 -26.72 19.96 -8.15
C ALA A 120 -25.91 19.09 -7.17
N GLY A 121 -24.78 18.51 -7.63
CA GLY A 121 -23.98 17.66 -6.77
C GLY A 121 -24.64 16.31 -6.53
N SER A 122 -24.31 15.71 -5.39
CA SER A 122 -24.81 14.42 -4.97
C SER A 122 -26.16 14.55 -4.25
N LEU A 123 -26.88 13.45 -4.15
CA LEU A 123 -28.13 13.44 -3.40
C LEU A 123 -27.89 13.79 -1.93
N GLN A 124 -26.68 13.49 -1.39
CA GLN A 124 -26.35 13.86 0.00
C GLN A 124 -26.21 15.40 0.09
N ASP A 125 -25.59 16.04 -0.93
CA ASP A 125 -25.53 17.51 -0.99
C ASP A 125 -26.96 18.09 -0.98
N ILE A 126 -27.89 17.44 -1.70
CA ILE A 126 -29.26 17.90 -1.80
C ILE A 126 -30.08 17.70 -0.53
N TYR A 127 -30.09 16.49 0.05
CA TYR A 127 -30.98 16.25 1.19
C TYR A 127 -30.52 16.94 2.46
N GLN A 128 -29.23 17.25 2.60
CA GLN A 128 -28.84 17.96 3.82
C GLN A 128 -29.29 19.43 3.77
N VAL A 129 -29.55 19.99 2.58
CA VAL A 129 -30.06 21.36 2.44
C VAL A 129 -31.59 21.39 2.48
N THR A 130 -32.21 20.46 1.75
CA THR A 130 -33.65 20.45 1.56
C THR A 130 -34.44 19.55 2.51
N GLY A 131 -33.75 18.75 3.31
CA GLY A 131 -34.39 17.77 4.15
C GLY A 131 -34.77 16.53 3.38
N SER A 132 -35.61 15.68 3.96
CA SER A 132 -36.00 14.41 3.32
C SER A 132 -36.71 14.60 2.00
N LEU A 133 -36.37 13.77 1.03
CA LEU A 133 -37.01 13.85 -0.29
C LEU A 133 -38.46 13.36 -0.15
N SER A 134 -39.32 13.75 -1.08
CA SER A 134 -40.70 13.28 -1.05
C SER A 134 -40.64 11.81 -1.56
N GLU A 135 -41.72 11.07 -1.31
CA GLU A 135 -41.80 9.67 -1.75
C GLU A 135 -41.73 9.59 -3.26
N LEU A 136 -42.35 10.54 -3.98
CA LEU A 136 -42.30 10.51 -5.45
C LEU A 136 -40.90 10.83 -5.95
N GLN A 137 -40.21 11.77 -5.32
CA GLN A 137 -38.83 12.10 -5.72
C GLN A 137 -37.93 10.90 -5.45
N ILE A 138 -38.07 10.24 -4.29
CA ILE A 138 -37.28 9.03 -4.00
C ILE A 138 -37.62 7.93 -5.02
N SER A 139 -38.91 7.78 -5.37
CA SER A 139 -39.32 6.77 -6.34
C SER A 139 -38.65 6.99 -7.70
N TYR A 140 -38.61 8.25 -8.17
CA TYR A 140 -37.99 8.61 -9.47
C TYR A 140 -36.50 8.26 -9.40
N VAL A 141 -35.81 8.69 -8.34
CA VAL A 141 -34.38 8.41 -8.16
C VAL A 141 -34.12 6.89 -8.18
N CYS A 142 -34.94 6.12 -7.47
CA CYS A 142 -34.77 4.67 -7.39
C CYS A 142 -34.93 4.03 -8.78
N ARG A 143 -35.91 4.54 -9.55
CA ARG A 143 -36.13 4.02 -10.89
C ARG A 143 -34.90 4.30 -11.77
N GLU A 144 -34.39 5.53 -11.71
CA GLU A 144 -33.22 5.93 -12.49
C GLU A 144 -31.96 5.13 -12.10
N VAL A 145 -31.76 4.93 -10.80
CA VAL A 145 -30.63 4.13 -10.31
C VAL A 145 -30.77 2.67 -10.79
N LEU A 146 -31.98 2.12 -10.74
CA LEU A 146 -32.23 0.76 -11.21
C LEU A 146 -31.94 0.63 -12.70
N GLN A 147 -32.24 1.66 -13.49
CA GLN A 147 -31.94 1.62 -14.92
C GLN A 147 -30.42 1.56 -15.15
N GLY A 148 -29.67 2.35 -14.38
CA GLY A 148 -28.21 2.34 -14.50
C GLY A 148 -27.63 1.01 -14.02
N LEU A 149 -28.18 0.45 -12.95
CA LEU A 149 -27.70 -0.82 -12.39
C LEU A 149 -28.01 -1.98 -13.35
N ALA A 150 -29.22 -1.98 -13.95
CA ALA A 150 -29.58 -3.04 -14.92
C ALA A 150 -28.60 -2.98 -16.12
N TYR A 151 -28.24 -1.77 -16.55
CA TYR A 151 -27.28 -1.60 -17.64
C TYR A 151 -25.89 -2.12 -17.20
N LEU A 152 -25.39 -1.65 -16.04
CA LEU A 152 -24.09 -2.08 -15.53
C LEU A 152 -24.02 -3.61 -15.37
N HIS A 153 -25.03 -4.22 -14.76
CA HIS A 153 -25.07 -5.66 -14.53
C HIS A 153 -25.14 -6.43 -15.86
N SER A 154 -25.80 -5.89 -16.87
CA SER A 154 -25.83 -6.51 -18.20
C SER A 154 -24.44 -6.50 -18.87
N GLN A 155 -23.58 -5.54 -18.48
CA GLN A 155 -22.20 -5.45 -18.99
C GLN A 155 -21.20 -6.13 -18.06
N LYS A 156 -21.68 -6.97 -17.10
CA LYS A 156 -20.88 -7.72 -16.15
C LYS A 156 -20.10 -6.84 -15.19
N LYS A 157 -20.67 -5.68 -14.84
CA LYS A 157 -20.04 -4.80 -13.86
C LYS A 157 -20.89 -4.72 -12.60
N ILE A 158 -20.26 -4.45 -11.46
CA ILE A 158 -20.94 -4.27 -10.18
C ILE A 158 -20.47 -2.91 -9.66
N HIS A 159 -21.38 -2.08 -9.16
CA HIS A 159 -20.97 -0.77 -8.65
C HIS A 159 -20.32 -0.93 -7.27
N ARG A 160 -20.98 -1.65 -6.37
CA ARG A 160 -20.54 -1.98 -5.00
C ARG A 160 -20.42 -0.77 -4.05
N ASP A 161 -20.80 0.44 -4.48
CA ASP A 161 -20.74 1.62 -3.60
C ASP A 161 -21.96 2.56 -3.85
N ILE A 162 -23.15 1.99 -4.01
CA ILE A 162 -24.38 2.79 -4.21
C ILE A 162 -24.72 3.40 -2.85
N LYS A 163 -24.87 4.70 -2.82
CA LYS A 163 -25.21 5.51 -1.63
C LYS A 163 -25.53 6.89 -2.14
N GLY A 164 -26.20 7.71 -1.33
CA GLY A 164 -26.54 9.07 -1.72
C GLY A 164 -25.37 9.91 -2.23
N ALA A 165 -24.15 9.76 -1.64
CA ALA A 165 -22.97 10.52 -2.07
C ALA A 165 -22.53 10.17 -3.51
N ASN A 166 -22.92 8.98 -4.00
CA ASN A 166 -22.52 8.54 -5.33
C ASN A 166 -23.62 8.59 -6.38
N ILE A 167 -24.71 9.25 -6.08
CA ILE A 167 -25.80 9.45 -7.01
C ILE A 167 -25.88 10.94 -7.24
N LEU A 168 -25.64 11.39 -8.47
CA LEU A 168 -25.59 12.81 -8.78
C LEU A 168 -26.79 13.29 -9.57
N ILE A 169 -27.04 14.60 -9.50
CA ILE A 169 -28.13 15.21 -10.25
C ILE A 169 -27.52 16.35 -11.06
N ASN A 170 -27.60 16.29 -12.39
CA ASN A 170 -27.02 17.39 -13.19
C ASN A 170 -28.06 18.53 -13.36
N ASP A 171 -27.68 19.63 -14.03
CA ASP A 171 -28.58 20.77 -14.24
C ASP A 171 -29.79 20.41 -15.12
N ALA A 172 -29.67 19.36 -15.94
CA ALA A 172 -30.79 18.89 -16.75
C ALA A 172 -31.80 18.03 -15.97
N GLY A 173 -31.61 17.84 -14.65
CA GLY A 173 -32.50 17.01 -13.84
C GLY A 173 -32.27 15.51 -14.00
N GLU A 174 -31.10 15.12 -14.53
CA GLU A 174 -30.78 13.72 -14.78
C GLU A 174 -30.07 13.07 -13.59
N VAL A 175 -30.39 11.80 -13.35
CA VAL A 175 -29.81 11.08 -12.23
C VAL A 175 -28.63 10.23 -12.77
N ARG A 176 -27.40 10.45 -12.25
CA ARG A 176 -26.23 9.74 -12.76
C ARG A 176 -25.41 9.08 -11.65
N LEU A 177 -25.07 7.80 -11.82
CA LEU A 177 -24.27 7.09 -10.87
C LEU A 177 -22.82 7.53 -11.01
N ALA A 178 -22.09 7.64 -9.89
CA ALA A 178 -20.72 8.09 -9.93
C ALA A 178 -19.83 7.26 -8.98
N ASP A 179 -18.50 7.45 -9.09
CA ASP A 179 -17.48 6.81 -8.28
C ASP A 179 -17.43 5.31 -8.42
N PHE A 180 -16.69 4.91 -9.44
CA PHE A 180 -16.41 3.50 -9.66
C PHE A 180 -15.09 3.05 -8.99
N GLY A 181 -14.56 3.84 -8.04
CA GLY A 181 -13.31 3.50 -7.37
C GLY A 181 -13.37 2.17 -6.65
N ILE A 182 -14.43 1.89 -5.85
CA ILE A 182 -14.57 0.60 -5.17
C ILE A 182 -14.66 -0.52 -6.21
N SER A 183 -15.48 -0.33 -7.23
CA SER A 183 -15.66 -1.33 -8.29
C SER A 183 -14.28 -1.68 -8.95
N ALA A 184 -13.46 -0.65 -9.17
CA ALA A 184 -12.15 -0.80 -9.81
C ALA A 184 -11.21 -1.57 -8.88
N GLN A 185 -11.21 -1.22 -7.57
CA GLN A 185 -10.39 -1.88 -6.57
C GLN A 185 -10.75 -3.37 -6.47
N ILE A 186 -12.03 -3.69 -6.55
CA ILE A 186 -12.48 -5.07 -6.51
C ILE A 186 -12.12 -5.85 -7.77
N GLY A 187 -12.21 -5.22 -8.93
CA GLY A 187 -11.77 -5.84 -10.17
C GLY A 187 -10.26 -6.11 -10.14
N ALA A 188 -9.47 -5.16 -9.57
CA ALA A 188 -8.01 -5.29 -9.48
C ALA A 188 -7.63 -6.44 -8.52
N GLU A 189 -8.39 -6.56 -7.41
CA GLU A 189 -8.19 -7.64 -6.45
C GLU A 189 -8.48 -9.01 -7.07
N LEU A 190 -9.57 -9.13 -7.85
CA LEU A 190 -9.95 -10.38 -8.53
C LEU A 190 -8.93 -10.80 -9.60
N ALA A 191 -8.19 -9.84 -10.17
CA ALA A 191 -7.14 -10.12 -11.15
C ALA A 191 -5.84 -10.51 -10.43
N ARG A 192 -5.56 -9.89 -9.27
CA ARG A 192 -4.40 -10.18 -8.45
C ARG A 192 -4.53 -11.54 -7.73
N ARG A 193 -5.76 -12.04 -7.51
CA ARG A 193 -5.97 -13.33 -6.87
C ARG A 193 -5.77 -14.44 -7.90
N LEU A 194 -6.32 -14.26 -9.09
CA LEU A 194 -6.23 -15.24 -10.15
C LEU A 194 -4.80 -15.49 -10.62
N GLU A 195 -3.95 -14.46 -10.57
CA GLU A 195 -2.55 -14.60 -10.99
C GLU A 195 -1.72 -15.37 -9.96
N PHE A 196 -2.09 -15.32 -8.68
CA PHE A 196 -1.35 -15.95 -7.60
C PHE A 196 -2.10 -17.10 -6.92
N ILE A 197 -3.16 -17.65 -7.55
CA ILE A 197 -3.94 -18.71 -6.93
C ILE A 197 -3.16 -20.05 -6.86
N GLY A 198 -2.25 -20.27 -7.79
CA GLY A 198 -1.45 -21.48 -7.80
C GLY A 198 -2.14 -22.64 -8.48
N THR A 199 -1.68 -23.86 -8.19
CA THR A 199 -2.24 -25.06 -8.80
C THR A 199 -3.66 -25.32 -8.25
N PRO A 200 -4.64 -25.56 -9.13
CA PRO A 200 -6.03 -25.73 -8.64
C PRO A 200 -6.58 -27.16 -8.56
N TYR A 201 -5.82 -28.18 -8.94
CA TYR A 201 -6.33 -29.57 -9.03
C TYR A 201 -6.92 -30.16 -7.74
N TRP A 202 -6.47 -29.70 -6.56
CA TRP A 202 -6.99 -30.21 -5.28
C TRP A 202 -8.02 -29.28 -4.63
N MET A 203 -8.39 -28.17 -5.30
CA MET A 203 -9.33 -27.20 -4.72
C MET A 203 -10.76 -27.64 -4.89
N ALA A 204 -11.57 -27.38 -3.89
CA ALA A 204 -12.97 -27.65 -3.95
C ALA A 204 -13.61 -26.64 -4.94
N PRO A 205 -14.63 -27.05 -5.71
CA PRO A 205 -15.25 -26.13 -6.67
C PRO A 205 -15.66 -24.77 -6.11
N GLU A 206 -16.15 -24.71 -4.86
CA GLU A 206 -16.52 -23.45 -4.23
C GLU A 206 -15.29 -22.54 -3.98
N VAL A 207 -14.10 -23.12 -3.81
CA VAL A 207 -12.87 -22.35 -3.61
C VAL A 207 -12.45 -21.73 -4.92
N ALA A 208 -12.54 -22.49 -6.02
CA ALA A 208 -12.26 -22.05 -7.36
C ALA A 208 -13.27 -20.93 -7.77
N ALA A 209 -14.52 -20.99 -7.26
CA ALA A 209 -15.57 -20.01 -7.51
C ALA A 209 -15.31 -18.69 -6.79
N VAL A 210 -14.81 -18.71 -5.53
CA VAL A 210 -14.51 -17.43 -4.88
C VAL A 210 -13.22 -16.80 -5.44
N ALA A 211 -12.29 -17.60 -5.99
CA ALA A 211 -11.06 -17.04 -6.56
C ALA A 211 -11.33 -16.31 -7.87
N LEU A 212 -12.22 -16.85 -8.72
CA LEU A 212 -12.54 -16.26 -10.02
C LEU A 212 -13.72 -15.27 -10.01
N LYS A 213 -14.74 -15.51 -9.19
CA LYS A 213 -15.95 -14.65 -9.18
C LYS A 213 -16.24 -13.93 -7.87
N GLY A 214 -15.50 -14.24 -6.81
CA GLY A 214 -15.76 -13.64 -5.49
C GLY A 214 -16.87 -14.38 -4.76
N GLY A 215 -17.11 -14.03 -3.50
CA GLY A 215 -18.14 -14.71 -2.71
C GLY A 215 -19.53 -14.10 -2.76
N TYR A 216 -19.75 -13.17 -3.69
CA TYR A 216 -21.06 -12.51 -3.82
C TYR A 216 -21.27 -12.07 -5.26
N ASN A 217 -22.44 -11.51 -5.58
CA ASN A 217 -22.73 -11.12 -6.95
C ASN A 217 -23.36 -9.70 -7.00
N GLU A 218 -23.79 -9.27 -8.18
CA GLU A 218 -24.35 -7.96 -8.45
C GLU A 218 -25.58 -7.61 -7.64
N LEU A 219 -26.27 -8.61 -7.06
CA LEU A 219 -27.44 -8.34 -6.22
C LEU A 219 -27.10 -7.55 -4.96
N CYS A 220 -25.80 -7.42 -4.62
CA CYS A 220 -25.38 -6.58 -3.50
C CYS A 220 -25.79 -5.10 -3.75
N ASP A 221 -25.77 -4.66 -5.00
CA ASP A 221 -26.16 -3.30 -5.41
C ASP A 221 -27.65 -3.03 -5.15
N ILE A 222 -28.50 -4.06 -5.28
CA ILE A 222 -29.95 -3.92 -5.03
C ILE A 222 -30.19 -3.65 -3.53
N TRP A 223 -29.45 -4.37 -2.67
CA TRP A 223 -29.50 -4.13 -1.22
C TRP A 223 -29.04 -2.68 -0.95
N SER A 224 -27.90 -2.24 -1.54
CA SER A 224 -27.38 -0.88 -1.30
C SER A 224 -28.40 0.20 -1.73
N LEU A 225 -29.16 -0.05 -2.79
CA LEU A 225 -30.19 0.89 -3.23
C LEU A 225 -31.32 0.94 -2.22
N GLY A 226 -31.64 -0.19 -1.55
CA GLY A 226 -32.64 -0.19 -0.50
C GLY A 226 -32.18 0.69 0.66
N ILE A 227 -30.90 0.55 1.03
CA ILE A 227 -30.34 1.36 2.14
C ILE A 227 -30.35 2.83 1.72
N THR A 228 -30.01 3.13 0.44
CA THR A 228 -30.00 4.50 -0.06
C THR A 228 -31.40 5.10 0.00
N ALA A 229 -32.47 4.34 -0.35
CA ALA A 229 -33.83 4.89 -0.28
C ALA A 229 -34.19 5.28 1.16
N ILE A 230 -33.73 4.53 2.16
CA ILE A 230 -33.93 4.91 3.58
C ILE A 230 -33.07 6.16 3.89
N GLU A 231 -31.86 6.25 3.35
CA GLU A 231 -31.00 7.42 3.53
C GLU A 231 -31.66 8.68 2.95
N LEU A 232 -32.34 8.60 1.78
CA LEU A 232 -33.01 9.75 1.20
C LEU A 232 -34.25 10.18 2.04
N ALA A 233 -34.87 9.20 2.72
CA ALA A 233 -36.05 9.39 3.58
C ALA A 233 -35.69 9.91 4.94
N GLU A 234 -34.57 9.45 5.50
CA GLU A 234 -34.23 9.78 6.89
C GLU A 234 -32.96 10.57 7.09
N LEU A 235 -32.23 10.90 6.00
CA LEU A 235 -30.98 11.71 6.03
C LEU A 235 -29.75 10.99 6.59
N GLN A 236 -29.87 9.68 6.87
CA GLN A 236 -28.81 8.83 7.36
C GLN A 236 -29.19 7.40 7.05
N PRO A 237 -28.22 6.53 6.74
CA PRO A 237 -28.55 5.11 6.55
C PRO A 237 -28.91 4.49 7.92
N PRO A 238 -29.60 3.34 7.94
CA PRO A 238 -29.92 2.71 9.23
C PRO A 238 -28.67 2.35 10.04
N LEU A 239 -28.77 2.45 11.37
CA LEU A 239 -27.68 2.11 12.29
C LEU A 239 -26.46 3.01 12.15
N PHE A 240 -26.61 4.21 11.58
CA PHE A 240 -25.49 5.15 11.38
C PHE A 240 -24.80 5.54 12.69
N ASP A 241 -25.54 5.50 13.80
CA ASP A 241 -24.95 5.83 15.11
C ASP A 241 -24.26 4.63 15.80
N VAL A 242 -24.36 3.42 15.23
CA VAL A 242 -23.75 2.23 15.79
C VAL A 242 -22.34 2.08 15.25
N HIS A 243 -21.40 1.58 16.11
CA HIS A 243 -20.01 1.35 15.71
C HIS A 243 -19.92 0.47 14.47
N PRO A 244 -19.14 0.90 13.46
CA PRO A 244 -19.07 0.13 12.20
C PRO A 244 -18.78 -1.35 12.32
N LEU A 245 -17.92 -1.73 13.29
CA LEU A 245 -17.59 -3.13 13.51
C LEU A 245 -18.79 -3.89 14.06
N ARG A 246 -19.60 -3.27 14.93
CA ARG A 246 -20.78 -3.94 15.47
C ARG A 246 -21.77 -4.25 14.33
N VAL A 247 -22.03 -3.27 13.45
CA VAL A 247 -22.96 -3.44 12.32
C VAL A 247 -22.57 -4.64 11.44
N LEU A 248 -21.27 -4.76 11.11
CA LEU A 248 -20.69 -5.82 10.29
C LEU A 248 -20.85 -7.20 10.94
N PHE A 249 -20.50 -7.32 12.24
CA PHE A 249 -20.64 -8.59 12.94
C PHE A 249 -22.11 -9.00 13.09
N LEU A 250 -23.02 -8.01 13.28
CA LEU A 250 -24.44 -8.30 13.41
C LEU A 250 -25.06 -8.90 12.15
N MET A 251 -24.54 -8.53 10.96
CA MET A 251 -25.03 -9.08 9.69
C MET A 251 -24.67 -10.56 9.51
N THR A 252 -23.67 -11.05 10.22
CA THR A 252 -23.23 -12.46 10.12
C THR A 252 -23.87 -13.36 11.17
N LYS A 253 -24.95 -12.93 11.84
CA LYS A 253 -25.63 -13.76 12.83
C LYS A 253 -26.90 -14.35 12.24
N SER A 254 -27.19 -15.63 12.54
CA SER A 254 -28.35 -16.37 12.01
C SER A 254 -29.72 -15.66 12.15
N GLY A 255 -29.97 -14.98 13.26
CA GLY A 255 -31.23 -14.27 13.47
C GLY A 255 -31.27 -12.83 12.99
N TYR A 256 -30.27 -12.43 12.18
CA TYR A 256 -30.16 -11.07 11.63
C TYR A 256 -31.44 -10.60 10.94
N GLN A 257 -31.93 -9.40 11.26
CA GLN A 257 -33.12 -8.83 10.61
C GLN A 257 -32.75 -7.55 9.85
N PRO A 258 -33.04 -7.51 8.54
CA PRO A 258 -32.74 -6.28 7.76
C PRO A 258 -33.45 -5.04 8.32
N PRO A 259 -32.87 -3.85 8.08
CA PRO A 259 -33.51 -2.62 8.56
C PRO A 259 -34.79 -2.26 7.81
N ARG A 260 -35.54 -1.31 8.36
CA ARG A 260 -36.82 -0.79 7.84
C ARG A 260 -36.86 0.73 8.04
N LEU A 261 -37.86 1.42 7.45
CA LEU A 261 -38.08 2.85 7.65
C LEU A 261 -38.57 3.05 9.08
N LYS A 262 -38.08 4.08 9.76
CA LYS A 262 -38.48 4.36 11.15
C LYS A 262 -39.91 4.91 11.27
N GLU A 263 -40.34 5.81 10.37
CA GLU A 263 -41.70 6.40 10.49
C GLU A 263 -42.71 5.75 9.56
N LYS A 264 -43.47 4.78 10.05
CA LYS A 264 -44.45 4.07 9.23
C LYS A 264 -45.47 4.96 8.51
N GLY A 265 -46.09 5.87 9.24
CA GLY A 265 -47.17 6.72 8.73
C GLY A 265 -46.79 7.72 7.67
N LYS A 266 -45.53 8.11 7.64
CA LYS A 266 -45.04 9.09 6.69
C LYS A 266 -44.95 8.52 5.25
N TRP A 267 -44.86 7.19 5.10
CA TRP A 267 -44.61 6.58 3.78
C TRP A 267 -45.70 5.61 3.36
N SER A 268 -46.03 5.54 2.07
CA SER A 268 -47.06 4.58 1.62
C SER A 268 -46.56 3.14 1.68
N ALA A 269 -47.49 2.21 1.58
CA ALA A 269 -47.18 0.79 1.55
C ALA A 269 -46.26 0.43 0.37
N ALA A 270 -46.27 1.22 -0.72
CA ALA A 270 -45.39 0.91 -1.85
C ALA A 270 -43.93 1.11 -1.46
N PHE A 271 -43.64 2.16 -0.69
CA PHE A 271 -42.28 2.48 -0.30
C PHE A 271 -41.83 1.43 0.75
N HIS A 272 -42.68 1.12 1.76
CA HIS A 272 -42.34 0.06 2.72
C HIS A 272 -42.04 -1.27 2.02
N ASN A 273 -42.83 -1.60 0.97
CA ASN A 273 -42.60 -2.85 0.27
C ASN A 273 -41.32 -2.80 -0.56
N PHE A 274 -40.98 -1.64 -1.13
CA PHE A 274 -39.73 -1.49 -1.92
C PHE A 274 -38.52 -1.79 -1.02
N ILE A 275 -38.56 -1.27 0.20
CA ILE A 275 -37.52 -1.49 1.19
C ILE A 275 -37.47 -2.96 1.59
N LYS A 276 -38.66 -3.55 1.79
CA LYS A 276 -38.78 -4.96 2.19
C LYS A 276 -38.12 -5.86 1.17
N VAL A 277 -38.44 -5.69 -0.13
CA VAL A 277 -37.91 -6.57 -1.16
C VAL A 277 -36.46 -6.28 -1.55
N THR A 278 -36.04 -4.99 -1.64
CA THR A 278 -34.62 -4.73 -1.94
C THR A 278 -33.71 -5.26 -0.81
N LEU A 279 -34.17 -5.11 0.43
CA LEU A 279 -33.41 -5.56 1.58
C LEU A 279 -33.71 -7.02 1.95
N THR A 280 -33.80 -7.90 0.95
CA THR A 280 -34.03 -9.32 1.23
C THR A 280 -32.66 -9.85 1.66
N LYS A 281 -32.57 -10.39 2.89
CA LYS A 281 -31.33 -10.90 3.47
C LYS A 281 -30.62 -11.91 2.59
N SER A 282 -31.34 -12.86 2.03
CA SER A 282 -30.75 -13.87 1.16
C SER A 282 -30.57 -13.35 -0.25
N PRO A 283 -29.33 -13.38 -0.77
CA PRO A 283 -29.13 -12.94 -2.16
C PRO A 283 -29.85 -13.84 -3.17
N LYS A 284 -30.14 -15.11 -2.81
CA LYS A 284 -30.86 -16.02 -3.70
C LYS A 284 -32.32 -15.57 -3.93
N LYS A 285 -32.90 -14.83 -2.97
CA LYS A 285 -34.28 -14.37 -3.10
C LYS A 285 -34.43 -12.86 -3.41
N ARG A 286 -33.31 -12.11 -3.46
CA ARG A 286 -33.35 -10.68 -3.75
C ARG A 286 -33.54 -10.48 -5.25
N PRO A 287 -34.50 -9.64 -5.67
CA PRO A 287 -34.72 -9.45 -7.11
C PRO A 287 -33.65 -8.68 -7.86
N SER A 288 -33.51 -8.97 -9.14
CA SER A 288 -32.54 -8.29 -10.00
C SER A 288 -32.99 -6.83 -10.22
N ALA A 289 -32.12 -6.03 -10.84
CA ALA A 289 -32.45 -4.65 -11.16
C ALA A 289 -33.61 -4.61 -12.17
N THR A 290 -33.57 -5.51 -13.18
CA THR A 290 -34.65 -5.54 -14.16
C THR A 290 -35.98 -5.93 -13.53
N LYS A 291 -35.97 -6.88 -12.58
CA LYS A 291 -37.18 -7.27 -11.91
C LYS A 291 -37.73 -6.13 -11.06
N MET A 292 -36.83 -5.43 -10.37
CA MET A 292 -37.21 -4.29 -9.55
C MET A 292 -37.84 -3.17 -10.35
N LEU A 293 -37.51 -3.04 -11.64
CA LEU A 293 -38.10 -1.99 -12.48
C LEU A 293 -39.62 -2.16 -12.63
N SER A 294 -40.14 -3.39 -12.38
CA SER A 294 -41.59 -3.59 -12.44
C SER A 294 -42.26 -3.50 -11.05
N HIS A 295 -41.52 -3.06 -10.02
CA HIS A 295 -42.09 -2.93 -8.68
C HIS A 295 -43.10 -1.79 -8.65
N GLN A 296 -44.16 -1.90 -7.82
CA GLN A 296 -45.19 -0.91 -7.66
C GLN A 296 -44.66 0.51 -7.38
N LEU A 297 -43.56 0.65 -6.61
CA LEU A 297 -43.06 2.00 -6.30
C LEU A 297 -42.50 2.72 -7.52
N VAL A 298 -41.74 2.02 -8.34
CA VAL A 298 -41.07 2.63 -9.50
C VAL A 298 -41.80 2.48 -10.83
N SER A 299 -42.93 1.77 -10.86
CA SER A 299 -43.74 1.62 -12.07
C SER A 299 -44.96 2.59 -12.06
N GLN A 300 -45.17 3.34 -10.95
CA GLN A 300 -46.17 4.38 -10.67
C GLN A 300 -46.20 5.39 -11.81
N PRO A 301 -47.39 5.93 -12.16
CA PRO A 301 -47.51 6.87 -13.30
C PRO A 301 -46.83 8.26 -13.38
N GLY A 302 -46.74 9.01 -12.30
CA GLY A 302 -46.23 10.39 -12.38
C GLY A 302 -44.74 10.56 -12.13
N LEU A 303 -43.93 9.57 -12.54
CA LEU A 303 -42.49 9.62 -12.30
C LEU A 303 -41.76 10.23 -13.48
N ASN A 304 -41.55 11.53 -13.43
CA ASN A 304 -40.90 12.24 -14.55
C ASN A 304 -39.84 13.24 -14.08
N ARG A 305 -39.02 13.75 -15.00
CA ARG A 305 -37.97 14.69 -14.65
C ARG A 305 -38.47 15.97 -13.98
N GLY A 306 -39.74 16.32 -14.16
CA GLY A 306 -40.35 17.46 -13.49
C GLY A 306 -40.23 17.42 -11.98
N LEU A 307 -40.24 16.22 -11.40
CA LEU A 307 -40.08 16.06 -9.93
C LEU A 307 -38.68 16.50 -9.50
N ILE A 308 -37.66 16.19 -10.32
CA ILE A 308 -36.28 16.56 -10.00
C ILE A 308 -36.05 18.05 -10.32
N LEU A 309 -36.64 18.55 -11.42
CA LEU A 309 -36.54 20.00 -11.72
C LEU A 309 -37.15 20.83 -10.60
N ASP A 310 -38.25 20.32 -10.01
CA ASP A 310 -38.92 20.96 -8.89
C ASP A 310 -38.02 20.87 -7.63
N LEU A 311 -37.31 19.74 -7.41
CA LEU A 311 -36.37 19.61 -6.28
C LEU A 311 -35.25 20.65 -6.44
N LEU A 312 -34.72 20.78 -7.67
CA LEU A 312 -33.66 21.75 -7.95
C LEU A 312 -34.11 23.20 -7.75
N ASP A 313 -35.37 23.53 -8.10
CA ASP A 313 -35.94 24.87 -7.90
C ASP A 313 -35.88 25.23 -6.40
N LYS A 314 -36.22 24.26 -5.53
CA LYS A 314 -36.20 24.41 -4.07
C LYS A 314 -34.81 24.67 -3.51
N LEU A 315 -33.75 24.23 -4.21
CA LEU A 315 -32.38 24.48 -3.78
C LEU A 315 -31.98 25.92 -3.98
N LYS A 316 -32.52 26.56 -5.03
CA LYS A 316 -32.24 27.96 -5.35
C LYS A 316 -33.16 28.84 -4.52
N ASP B 29 22.56 29.98 -27.90
CA ASP B 29 22.62 29.13 -26.70
C ASP B 29 23.79 29.55 -25.80
N PRO B 30 23.59 29.59 -24.48
CA PRO B 30 24.68 30.05 -23.59
C PRO B 30 25.74 29.00 -23.26
N ASP B 31 25.46 27.71 -23.47
CA ASP B 31 26.43 26.65 -23.16
C ASP B 31 27.36 26.30 -24.35
N ILE B 32 27.32 27.08 -25.44
CA ILE B 32 28.11 26.84 -26.63
C ILE B 32 29.61 26.99 -26.37
N PHE B 33 30.40 26.01 -26.82
CA PHE B 33 31.84 26.00 -26.66
C PHE B 33 32.45 26.96 -27.66
N ASN B 34 33.06 28.04 -27.15
CA ASN B 34 33.68 29.02 -28.03
C ASN B 34 35.10 28.54 -28.30
N ARG B 35 35.22 27.41 -29.02
CA ARG B 35 36.48 26.81 -29.39
C ARG B 35 36.37 26.03 -30.70
N ASP B 36 37.52 25.76 -31.34
CA ASP B 36 37.57 25.02 -32.60
C ASP B 36 37.24 23.55 -32.27
N PRO B 37 36.18 22.98 -32.86
CA PRO B 37 35.89 21.56 -32.61
C PRO B 37 37.05 20.63 -32.95
N ARG B 38 37.93 21.05 -33.89
CA ARG B 38 39.12 20.30 -34.27
C ARG B 38 40.15 20.17 -33.15
N ASP B 39 40.02 20.94 -32.06
CA ASP B 39 40.87 20.78 -30.88
C ASP B 39 40.55 19.44 -30.22
N HIS B 40 39.27 18.98 -30.26
CA HIS B 40 38.84 17.75 -29.60
C HIS B 40 38.56 16.60 -30.58
N TYR B 41 38.29 16.90 -31.86
CA TYR B 41 37.92 15.88 -32.82
C TYR B 41 38.74 15.87 -34.09
N ASP B 42 38.87 14.70 -34.71
CA ASP B 42 39.46 14.56 -36.03
C ASP B 42 38.28 14.24 -36.95
N LEU B 43 38.08 14.99 -38.04
CA LEU B 43 36.99 14.71 -38.96
C LEU B 43 37.43 13.61 -39.88
N LEU B 44 36.64 12.54 -39.93
CA LEU B 44 37.00 11.35 -40.69
C LEU B 44 36.39 11.26 -42.05
N GLN B 45 35.14 11.69 -42.20
CA GLN B 45 34.48 11.62 -43.50
C GLN B 45 33.25 12.53 -43.55
N ARG B 46 32.80 12.88 -44.75
CA ARG B 46 31.58 13.66 -44.90
C ARG B 46 30.46 12.64 -45.12
N LEU B 47 29.45 12.65 -44.28
CA LEU B 47 28.34 11.70 -44.38
C LEU B 47 27.29 12.18 -45.36
N GLY B 48 27.04 13.48 -45.41
CA GLY B 48 26.05 14.05 -46.29
C GLY B 48 25.52 15.35 -45.76
N GLY B 49 24.30 15.68 -46.15
CA GLY B 49 23.61 16.85 -45.64
C GLY B 49 22.22 16.52 -45.15
N GLY B 50 21.75 17.28 -44.18
CA GLY B 50 20.39 17.14 -43.67
C GLY B 50 19.53 18.19 -44.34
N THR B 51 18.54 18.72 -43.62
CA THR B 51 17.68 19.81 -44.12
C THR B 51 18.56 21.01 -44.51
N TYR B 52 19.55 21.30 -43.68
CA TYR B 52 20.56 22.32 -43.95
C TYR B 52 21.89 21.88 -43.30
N GLY B 53 22.98 22.46 -43.77
CA GLY B 53 24.31 22.12 -43.26
C GLY B 53 24.84 20.79 -43.76
N GLU B 54 26.00 20.41 -43.26
CA GLU B 54 26.60 19.13 -43.63
C GLU B 54 27.10 18.41 -42.42
N VAL B 55 27.01 17.10 -42.46
CA VAL B 55 27.32 16.23 -41.33
C VAL B 55 28.56 15.40 -41.58
N PHE B 56 29.44 15.38 -40.61
CA PHE B 56 30.70 14.65 -40.69
C PHE B 56 30.73 13.59 -39.64
N LYS B 57 31.42 12.49 -39.93
CA LYS B 57 31.72 11.50 -38.93
C LYS B 57 33.05 12.03 -38.30
N ALA B 58 33.15 12.08 -36.97
CA ALA B 58 34.36 12.54 -36.31
C ALA B 58 34.76 11.61 -35.14
N ARG B 59 36.04 11.66 -34.72
CA ARG B 59 36.52 10.79 -33.63
C ARG B 59 37.16 11.64 -32.52
N ASP B 60 36.76 11.42 -31.26
CA ASP B 60 37.32 12.11 -30.11
C ASP B 60 38.84 11.76 -30.03
N LYS B 61 39.72 12.79 -30.04
CA LYS B 61 41.17 12.60 -30.05
C LYS B 61 41.70 11.81 -28.86
N VAL B 62 41.08 11.95 -27.67
CA VAL B 62 41.58 11.25 -26.50
C VAL B 62 40.74 9.99 -26.17
N SER B 63 39.39 10.03 -26.28
CA SER B 63 38.56 8.86 -25.99
C SER B 63 38.39 7.87 -27.14
N GLY B 64 38.53 8.34 -28.37
CA GLY B 64 38.32 7.50 -29.54
C GLY B 64 36.86 7.30 -29.90
N ASP B 65 35.93 7.91 -29.15
CA ASP B 65 34.49 7.80 -29.39
C ASP B 65 34.08 8.49 -30.68
N LEU B 66 33.20 7.85 -31.46
CA LEU B 66 32.73 8.45 -32.71
C LEU B 66 31.52 9.32 -32.45
N VAL B 67 31.45 10.47 -33.12
CA VAL B 67 30.33 11.39 -33.02
C VAL B 67 29.97 11.87 -34.45
N ALA B 68 28.82 12.51 -34.60
CA ALA B 68 28.44 13.13 -35.85
C ALA B 68 28.50 14.61 -35.55
N LEU B 69 29.16 15.37 -36.41
CA LEU B 69 29.23 16.82 -36.27
C LEU B 69 28.48 17.48 -37.40
N LYS B 70 27.42 18.24 -37.11
CA LYS B 70 26.66 18.96 -38.13
C LYS B 70 27.16 20.41 -38.21
N MET B 71 27.77 20.76 -39.35
CA MET B 71 28.37 22.07 -39.57
C MET B 71 27.41 23.00 -40.32
N VAL B 72 27.17 24.16 -39.74
CA VAL B 72 26.31 25.16 -40.32
C VAL B 72 27.12 26.42 -40.52
N LYS B 73 27.22 26.89 -41.76
CA LYS B 73 27.95 28.11 -42.09
C LYS B 73 27.07 29.34 -41.95
N MET B 74 27.59 30.35 -41.29
CA MET B 74 26.88 31.59 -41.00
C MET B 74 27.62 32.81 -41.58
N GLU B 75 26.93 33.96 -41.58
CA GLU B 75 27.46 35.27 -41.96
C GLU B 75 27.21 36.17 -40.75
N PRO B 76 28.04 37.20 -40.51
CA PRO B 76 27.85 38.04 -39.31
C PRO B 76 26.47 38.69 -39.11
N ASP B 77 25.85 39.21 -40.18
CA ASP B 77 24.56 39.90 -40.04
C ASP B 77 23.33 38.99 -40.03
N ASP B 78 23.52 37.65 -39.96
CA ASP B 78 22.46 36.64 -40.04
C ASP B 78 21.50 36.54 -38.86
N ASP B 79 20.23 36.26 -39.19
CA ASP B 79 19.21 35.96 -38.22
C ASP B 79 19.50 34.49 -37.90
N VAL B 80 19.84 34.20 -36.65
CA VAL B 80 20.17 32.84 -36.21
C VAL B 80 18.99 32.21 -35.38
N SER B 81 17.77 32.71 -35.56
CA SER B 81 16.61 32.22 -34.80
C SER B 81 16.35 30.72 -34.95
N THR B 82 16.41 30.21 -36.18
CA THR B 82 16.13 28.79 -36.42
C THR B 82 17.24 27.91 -35.82
N LEU B 83 18.53 28.31 -35.93
CA LEU B 83 19.63 27.53 -35.34
C LEU B 83 19.53 27.51 -33.84
N GLN B 84 19.14 28.64 -33.24
CA GLN B 84 18.92 28.72 -31.80
C GLN B 84 17.78 27.79 -31.38
N LYS B 85 16.75 27.68 -32.21
CA LYS B 85 15.63 26.78 -31.92
C LYS B 85 16.06 25.31 -32.07
N GLU B 86 16.89 24.99 -33.10
CA GLU B 86 17.38 23.62 -33.28
C GLU B 86 18.17 23.15 -32.07
N ILE B 87 19.11 24.00 -31.60
CA ILE B 87 19.92 23.67 -30.44
C ILE B 87 19.04 23.48 -29.20
N LEU B 88 18.04 24.35 -29.00
CA LEU B 88 17.17 24.23 -27.83
C LEU B 88 16.38 22.91 -27.82
N ILE B 89 15.84 22.51 -28.98
CA ILE B 89 15.11 21.23 -29.11
C ILE B 89 16.02 20.05 -28.74
N LEU B 90 17.23 20.00 -29.33
CA LEU B 90 18.20 18.93 -29.11
C LEU B 90 18.65 18.88 -27.66
N LYS B 91 18.91 20.03 -27.08
CA LYS B 91 19.36 20.14 -25.70
C LYS B 91 18.29 19.73 -24.72
N THR B 92 17.02 20.10 -24.99
CA THR B 92 15.94 19.79 -24.05
C THR B 92 15.35 18.37 -24.27
N CYS B 93 15.79 17.63 -25.30
CA CYS B 93 15.42 16.21 -25.49
C CYS B 93 16.34 15.34 -24.66
N ARG B 94 15.79 14.39 -23.96
CA ARG B 94 16.54 13.44 -23.17
C ARG B 94 15.74 12.14 -23.25
N HIS B 95 15.74 11.53 -24.44
CA HIS B 95 14.99 10.30 -24.66
C HIS B 95 15.85 9.34 -25.43
N ALA B 96 15.81 8.05 -25.07
CA ALA B 96 16.61 7.02 -25.72
C ALA B 96 16.38 6.97 -27.24
N ASN B 97 15.17 7.28 -27.73
CA ASN B 97 14.89 7.20 -29.15
C ASN B 97 15.09 8.49 -29.94
N ILE B 98 15.78 9.47 -29.36
CA ILE B 98 16.12 10.70 -30.03
C ILE B 98 17.64 10.78 -29.97
N VAL B 99 18.28 11.08 -31.11
CA VAL B 99 19.74 11.17 -31.18
C VAL B 99 20.32 12.08 -30.06
N ALA B 100 21.29 11.57 -29.28
CA ALA B 100 21.85 12.32 -28.14
C ALA B 100 22.57 13.57 -28.60
N TYR B 101 22.56 14.59 -27.76
CA TYR B 101 23.19 15.88 -28.04
C TYR B 101 24.41 16.06 -27.14
N HIS B 102 25.58 16.39 -27.73
CA HIS B 102 26.81 16.52 -26.94
C HIS B 102 27.33 17.95 -26.86
N GLY B 103 26.50 18.94 -27.16
CA GLY B 103 26.95 20.32 -27.17
C GLY B 103 27.27 20.82 -28.56
N SER B 104 27.49 22.13 -28.68
CA SER B 104 27.77 22.77 -29.94
C SER B 104 29.03 23.64 -29.80
N TYR B 105 29.75 23.81 -30.89
CA TYR B 105 30.95 24.64 -30.94
C TYR B 105 30.69 25.79 -31.89
N LEU B 106 31.08 27.00 -31.51
CA LEU B 106 31.00 28.15 -32.39
C LEU B 106 32.42 28.57 -32.65
N TRP B 107 32.85 28.55 -33.91
CA TRP B 107 34.21 28.91 -34.25
C TRP B 107 34.20 29.55 -35.63
N LEU B 108 34.69 30.81 -35.75
CA LEU B 108 34.74 31.50 -37.05
C LEU B 108 33.49 31.44 -38.00
N GLN B 109 32.29 31.84 -37.56
CA GLN B 109 31.13 31.84 -38.50
C GLN B 109 30.65 30.42 -38.86
N LYS B 110 31.03 29.42 -38.08
CA LYS B 110 30.56 28.05 -38.29
C LYS B 110 30.08 27.55 -36.98
N LEU B 111 28.86 27.01 -36.95
CA LEU B 111 28.33 26.39 -35.76
C LEU B 111 28.42 24.86 -36.02
N TRP B 112 29.02 24.11 -35.09
CA TRP B 112 29.18 22.67 -35.22
C TRP B 112 28.36 21.99 -34.11
N ILE B 113 27.33 21.23 -34.47
CA ILE B 113 26.46 20.59 -33.49
C ILE B 113 26.89 19.16 -33.34
N CYS B 114 27.27 18.78 -32.13
CA CYS B 114 27.77 17.45 -31.88
C CYS B 114 26.66 16.53 -31.42
N MET B 115 26.44 15.47 -32.17
CA MET B 115 25.37 14.52 -31.90
C MET B 115 25.88 13.10 -31.93
N GLU B 116 25.05 12.17 -31.45
CA GLU B 116 25.35 10.75 -31.44
C GLU B 116 25.61 10.24 -32.90
N PHE B 117 26.64 9.41 -33.10
CA PHE B 117 26.92 8.78 -34.38
C PHE B 117 26.25 7.40 -34.33
N CYS B 118 25.42 7.05 -35.31
CA CYS B 118 24.73 5.76 -35.31
C CYS B 118 25.35 4.97 -36.43
N GLY B 119 26.12 3.96 -36.07
CA GLY B 119 27.00 3.20 -36.94
C GLY B 119 26.45 2.68 -38.24
N ALA B 120 25.16 2.33 -38.25
CA ALA B 120 24.58 1.75 -39.46
C ALA B 120 23.89 2.78 -40.37
N GLY B 121 23.95 4.06 -40.01
CA GLY B 121 23.34 5.11 -40.81
C GLY B 121 21.82 5.10 -40.70
N SER B 122 21.15 5.62 -41.72
CA SER B 122 19.69 5.71 -41.68
C SER B 122 19.03 4.43 -42.21
N LEU B 123 17.73 4.26 -41.97
CA LEU B 123 17.02 3.12 -42.54
C LEU B 123 17.04 3.16 -44.07
N GLN B 124 17.10 4.36 -44.65
CA GLN B 124 17.20 4.49 -46.11
C GLN B 124 18.56 3.95 -46.59
N ASP B 125 19.64 4.28 -45.87
CA ASP B 125 20.98 3.75 -46.19
C ASP B 125 20.98 2.22 -46.18
N ILE B 126 20.33 1.64 -45.18
CA ILE B 126 20.27 0.20 -45.00
C ILE B 126 19.40 -0.48 -46.05
N TYR B 127 18.14 -0.04 -46.25
CA TYR B 127 17.26 -0.76 -47.19
C TYR B 127 17.77 -0.67 -48.63
N GLN B 128 18.51 0.36 -48.99
CA GLN B 128 19.10 0.47 -50.33
C GLN B 128 20.09 -0.66 -50.58
N VAL B 129 20.73 -1.19 -49.52
CA VAL B 129 21.69 -2.29 -49.61
C VAL B 129 21.05 -3.65 -49.32
N THR B 130 20.15 -3.69 -48.34
CA THR B 130 19.56 -4.93 -47.90
C THR B 130 18.23 -5.37 -48.54
N GLY B 131 17.50 -4.46 -49.18
CA GLY B 131 16.15 -4.78 -49.62
C GLY B 131 15.13 -4.43 -48.53
N SER B 132 13.88 -4.73 -48.79
CA SER B 132 12.79 -4.34 -47.90
C SER B 132 12.88 -4.99 -46.54
N LEU B 133 12.40 -4.28 -45.52
CA LEU B 133 12.39 -4.82 -44.17
C LEU B 133 11.24 -5.80 -44.02
N SER B 134 11.38 -6.74 -43.09
CA SER B 134 10.32 -7.70 -42.79
C SER B 134 9.25 -6.95 -41.95
N GLU B 135 8.08 -7.57 -41.79
CA GLU B 135 7.01 -6.98 -40.97
C GLU B 135 7.43 -6.82 -39.54
N LEU B 136 8.13 -7.81 -38.97
CA LEU B 136 8.56 -7.70 -37.57
C LEU B 136 9.60 -6.61 -37.42
N GLN B 137 10.48 -6.46 -38.40
CA GLN B 137 11.49 -5.38 -38.40
C GLN B 137 10.80 -4.03 -38.45
N ILE B 138 9.82 -3.87 -39.33
CA ILE B 138 9.06 -2.60 -39.43
C ILE B 138 8.28 -2.34 -38.12
N SER B 139 7.72 -3.41 -37.51
CA SER B 139 6.93 -3.27 -36.26
C SER B 139 7.79 -2.74 -35.14
N TYR B 140 9.00 -3.26 -35.01
CA TYR B 140 9.94 -2.81 -33.98
C TYR B 140 10.33 -1.34 -34.26
N VAL B 141 10.67 -0.98 -35.50
CA VAL B 141 11.02 0.42 -35.85
C VAL B 141 9.85 1.35 -35.53
N CYS B 142 8.61 0.98 -35.88
CA CYS B 142 7.47 1.84 -35.62
C CYS B 142 7.26 2.06 -34.13
N ARG B 143 7.47 1.02 -33.33
CA ARG B 143 7.30 1.13 -31.89
C ARG B 143 8.32 2.11 -31.33
N GLU B 144 9.59 2.00 -31.78
CA GLU B 144 10.66 2.85 -31.30
C GLU B 144 10.44 4.30 -31.72
N VAL B 145 9.99 4.51 -32.95
CA VAL B 145 9.68 5.86 -33.44
C VAL B 145 8.50 6.46 -32.65
N LEU B 146 7.49 5.63 -32.36
CA LEU B 146 6.31 6.11 -31.60
C LEU B 146 6.67 6.50 -30.19
N GLN B 147 7.63 5.79 -29.57
CA GLN B 147 8.13 6.12 -28.22
C GLN B 147 8.84 7.50 -28.25
N GLY B 148 9.65 7.73 -29.29
CA GLY B 148 10.30 9.02 -29.45
C GLY B 148 9.28 10.11 -29.75
N LEU B 149 8.26 9.81 -30.55
CA LEU B 149 7.25 10.81 -30.90
C LEU B 149 6.35 11.15 -29.70
N ALA B 150 5.99 10.15 -28.90
CA ALA B 150 5.15 10.40 -27.70
C ALA B 150 5.90 11.35 -26.74
N TYR B 151 7.21 11.22 -26.67
CA TYR B 151 8.03 12.08 -25.83
C TYR B 151 8.06 13.48 -26.42
N LEU B 152 8.39 13.62 -27.73
CA LEU B 152 8.41 14.93 -28.38
C LEU B 152 7.11 15.65 -28.24
N HIS B 153 5.97 14.96 -28.52
CA HIS B 153 4.66 15.58 -28.47
C HIS B 153 4.29 16.04 -27.07
N SER B 154 4.72 15.31 -26.04
CA SER B 154 4.48 15.66 -24.64
C SER B 154 5.27 16.94 -24.27
N GLN B 155 6.40 17.23 -24.98
CA GLN B 155 7.14 18.46 -24.75
C GLN B 155 6.71 19.58 -25.70
N LYS B 156 5.61 19.40 -26.45
CA LYS B 156 5.05 20.33 -27.42
C LYS B 156 5.97 20.54 -28.60
N LYS B 157 6.66 19.49 -29.02
CA LYS B 157 7.53 19.57 -30.21
C LYS B 157 6.94 18.70 -31.30
N ILE B 158 7.18 19.06 -32.57
CA ILE B 158 6.71 18.30 -33.72
C ILE B 158 7.97 18.00 -34.53
N HIS B 159 8.15 16.76 -34.97
CA HIS B 159 9.37 16.43 -35.76
C HIS B 159 9.18 17.01 -37.18
N ARG B 160 8.04 16.69 -37.80
CA ARG B 160 7.58 17.16 -39.11
C ARG B 160 8.40 16.62 -40.31
N ASP B 161 9.38 15.74 -40.06
CA ASP B 161 10.17 15.18 -41.16
C ASP B 161 10.48 13.69 -40.92
N ILE B 162 9.49 12.95 -40.42
CA ILE B 162 9.65 11.52 -40.19
C ILE B 162 9.70 10.83 -41.55
N LYS B 163 10.75 10.06 -41.78
CA LYS B 163 10.98 9.29 -43.02
C LYS B 163 12.20 8.37 -42.78
N GLY B 164 12.43 7.39 -43.65
CA GLY B 164 13.54 6.46 -43.49
C GLY B 164 14.90 7.11 -43.33
N ALA B 165 15.14 8.22 -44.02
CA ALA B 165 16.43 8.95 -43.96
C ALA B 165 16.68 9.59 -42.60
N ASN B 166 15.62 9.81 -41.82
CA ASN B 166 15.77 10.47 -40.50
C ASN B 166 15.59 9.53 -39.31
N ILE B 167 15.61 8.22 -39.57
CA ILE B 167 15.50 7.22 -38.52
C ILE B 167 16.79 6.44 -38.61
N LEU B 168 17.61 6.60 -37.60
CA LEU B 168 18.97 6.03 -37.58
C LEU B 168 19.05 4.78 -36.76
N ILE B 169 20.02 3.91 -37.11
CA ILE B 169 20.23 2.63 -36.44
C ILE B 169 21.69 2.59 -35.97
N ASN B 170 21.93 2.36 -34.68
CA ASN B 170 23.31 2.26 -34.20
C ASN B 170 23.77 0.78 -34.29
N ASP B 171 25.06 0.48 -34.02
CA ASP B 171 25.57 -0.90 -34.16
C ASP B 171 24.86 -1.94 -33.28
N ALA B 172 24.17 -1.49 -32.24
CA ALA B 172 23.38 -2.34 -31.35
C ALA B 172 21.94 -2.61 -31.87
N GLY B 173 21.58 -2.05 -33.05
CA GLY B 173 20.23 -2.18 -33.60
C GLY B 173 19.20 -1.25 -32.97
N GLU B 174 19.65 -0.27 -32.16
CA GLU B 174 18.74 0.69 -31.53
C GLU B 174 18.34 1.80 -32.51
N VAL B 175 17.16 2.37 -32.32
CA VAL B 175 16.53 3.33 -33.22
C VAL B 175 16.57 4.74 -32.63
N ARG B 176 17.03 5.70 -33.45
CA ARG B 176 17.12 7.10 -33.02
C ARG B 176 16.55 8.04 -34.07
N LEU B 177 15.70 8.99 -33.67
CA LEU B 177 15.20 10.00 -34.59
C LEU B 177 16.25 11.08 -34.70
N ALA B 178 16.42 11.62 -35.91
CA ALA B 178 17.40 12.65 -36.16
C ALA B 178 16.80 13.76 -37.08
N ASP B 179 17.54 14.88 -37.22
CA ASP B 179 17.28 16.01 -38.07
C ASP B 179 16.06 16.82 -37.66
N PHE B 180 16.30 17.73 -36.71
CA PHE B 180 15.31 18.64 -36.21
C PHE B 180 15.35 20.00 -36.95
N GLY B 181 15.89 20.03 -38.17
CA GLY B 181 15.97 21.25 -38.97
C GLY B 181 14.59 21.77 -39.35
N ILE B 182 13.71 20.88 -39.87
CA ILE B 182 12.35 21.30 -40.21
C ILE B 182 11.60 21.74 -38.95
N SER B 183 11.74 21.01 -37.85
CA SER B 183 11.07 21.31 -36.57
C SER B 183 11.45 22.72 -36.11
N ALA B 184 12.77 23.04 -36.22
CA ALA B 184 13.33 24.33 -35.83
C ALA B 184 12.81 25.44 -36.75
N GLN B 185 12.76 25.22 -38.07
CA GLN B 185 12.25 26.24 -39.00
C GLN B 185 10.79 26.55 -38.74
N ILE B 186 10.00 25.55 -38.34
CA ILE B 186 8.58 25.72 -38.03
C ILE B 186 8.40 26.53 -36.76
N GLY B 187 9.11 26.16 -35.70
CA GLY B 187 9.07 26.89 -34.44
C GLY B 187 9.56 28.32 -34.58
N ALA B 188 10.55 28.55 -35.46
CA ALA B 188 11.07 29.90 -35.71
C ALA B 188 10.13 30.74 -36.59
N GLU B 189 9.43 30.11 -37.54
CA GLU B 189 8.46 30.80 -38.40
C GLU B 189 7.25 31.24 -37.58
N LEU B 190 6.87 30.46 -36.55
CA LEU B 190 5.76 30.75 -35.66
C LEU B 190 6.04 31.96 -34.77
N ALA B 191 7.31 32.12 -34.36
CA ALA B 191 7.71 33.23 -33.50
C ALA B 191 7.80 34.55 -34.27
N ARG B 192 8.30 34.52 -35.51
CA ARG B 192 8.44 35.71 -36.34
C ARG B 192 7.12 36.14 -37.04
N ARG B 193 6.07 35.33 -36.97
CA ARG B 193 4.78 35.66 -37.58
C ARG B 193 4.06 36.76 -36.78
N LEU B 194 4.24 36.76 -35.45
CA LEU B 194 3.65 37.78 -34.58
C LEU B 194 4.43 39.09 -34.70
N THR B 199 -2.58 44.56 -35.93
CA THR B 199 -3.95 44.78 -35.48
C THR B 199 -4.90 43.73 -36.03
N PRO B 200 -5.66 43.06 -35.16
CA PRO B 200 -6.60 42.05 -35.64
C PRO B 200 -8.06 42.55 -35.70
N TYR B 201 -8.31 43.86 -35.49
CA TYR B 201 -9.65 44.43 -35.40
C TYR B 201 -10.54 44.12 -36.59
N TRP B 202 -9.99 44.14 -37.81
CA TRP B 202 -10.73 43.82 -39.05
C TRP B 202 -10.44 42.37 -39.57
N MET B 203 -9.72 41.59 -38.78
CA MET B 203 -9.28 40.25 -39.13
C MET B 203 -10.31 39.18 -38.81
N ALA B 204 -10.61 38.33 -39.80
CA ALA B 204 -11.54 37.21 -39.68
C ALA B 204 -11.01 36.23 -38.62
N PRO B 205 -11.91 35.60 -37.82
CA PRO B 205 -11.44 34.71 -36.75
C PRO B 205 -10.57 33.55 -37.23
N GLU B 206 -10.86 32.99 -38.42
CA GLU B 206 -10.05 31.91 -38.97
C GLU B 206 -8.65 32.37 -39.36
N VAL B 207 -8.46 33.66 -39.68
CA VAL B 207 -7.14 34.23 -39.97
C VAL B 207 -6.36 34.37 -38.65
N ALA B 208 -7.05 34.74 -37.56
CA ALA B 208 -6.44 34.86 -36.23
C ALA B 208 -6.13 33.47 -35.64
N ALA B 209 -6.87 32.43 -36.04
CA ALA B 209 -6.68 31.06 -35.55
C ALA B 209 -5.39 30.47 -36.13
N VAL B 210 -5.11 30.70 -37.42
CA VAL B 210 -3.88 30.17 -38.02
C VAL B 210 -2.65 30.99 -37.60
N ALA B 211 -2.85 32.27 -37.22
CA ALA B 211 -1.77 33.13 -36.76
C ALA B 211 -1.28 32.69 -35.38
N LEU B 212 -2.19 32.19 -34.52
CA LEU B 212 -1.81 31.73 -33.19
C LEU B 212 -1.43 30.24 -33.21
N LYS B 213 -2.25 29.37 -33.85
CA LYS B 213 -2.00 27.92 -33.92
C LYS B 213 -1.00 27.50 -35.04
N GLY B 214 -1.39 27.59 -36.33
CA GLY B 214 -0.45 27.25 -37.41
C GLY B 214 -0.93 26.46 -38.60
N GLY B 215 -2.15 25.94 -38.55
CA GLY B 215 -2.70 25.16 -39.65
C GLY B 215 -2.71 23.66 -39.44
N TYR B 216 -1.81 23.15 -38.58
CA TYR B 216 -1.76 21.71 -38.29
C TYR B 216 -1.14 21.46 -36.92
N ASN B 217 -1.18 20.20 -36.44
CA ASN B 217 -0.61 19.88 -35.14
C ASN B 217 0.34 18.66 -35.20
N GLU B 218 0.73 18.15 -34.05
CA GLU B 218 1.67 17.04 -33.93
C GLU B 218 1.19 15.74 -34.56
N LEU B 219 -0.13 15.60 -34.83
CA LEU B 219 -0.64 14.38 -35.47
C LEU B 219 -0.13 14.22 -36.91
N CYS B 220 0.44 15.26 -37.52
CA CYS B 220 1.05 15.14 -38.86
C CYS B 220 2.20 14.07 -38.81
N ASP B 221 2.87 13.91 -37.66
CA ASP B 221 3.97 12.93 -37.48
C ASP B 221 3.48 11.49 -37.54
N ILE B 222 2.22 11.26 -37.14
CA ILE B 222 1.62 9.92 -37.14
C ILE B 222 1.37 9.49 -38.57
N TRP B 223 0.83 10.38 -39.38
CA TRP B 223 0.64 10.15 -40.81
C TRP B 223 2.03 9.84 -41.47
N SER B 224 3.05 10.67 -41.20
CA SER B 224 4.41 10.45 -41.77
C SER B 224 4.98 9.09 -41.37
N LEU B 225 4.73 8.64 -40.14
CA LEU B 225 5.19 7.32 -39.70
C LEU B 225 4.49 6.20 -40.48
N GLY B 226 3.22 6.38 -40.85
CA GLY B 226 2.48 5.39 -41.65
C GLY B 226 3.06 5.30 -43.05
N ILE B 227 3.41 6.45 -43.63
CA ILE B 227 4.08 6.51 -44.95
C ILE B 227 5.43 5.86 -44.85
N THR B 228 6.16 6.11 -43.74
CA THR B 228 7.49 5.55 -43.52
C THR B 228 7.40 4.01 -43.46
N ALA B 229 6.37 3.46 -42.81
CA ALA B 229 6.21 2.00 -42.71
C ALA B 229 6.02 1.40 -44.11
N ILE B 230 5.33 2.12 -44.99
CA ILE B 230 5.17 1.69 -46.36
C ILE B 230 6.51 1.78 -47.07
N GLU B 231 7.25 2.86 -46.87
CA GLU B 231 8.60 3.05 -47.47
C GLU B 231 9.53 1.89 -47.07
N LEU B 232 9.53 1.49 -45.80
CA LEU B 232 10.36 0.39 -45.33
C LEU B 232 9.97 -0.95 -45.96
N ALA B 233 8.66 -1.15 -46.23
CA ALA B 233 8.16 -2.37 -46.82
C ALA B 233 8.34 -2.41 -48.32
N GLU B 234 8.31 -1.25 -48.98
CA GLU B 234 8.27 -1.16 -50.41
C GLU B 234 9.45 -0.47 -51.07
N LEU B 235 10.41 0.09 -50.31
CA LEU B 235 11.63 0.75 -50.84
C LEU B 235 11.40 2.18 -51.40
N GLN B 236 10.16 2.67 -51.32
CA GLN B 236 9.78 4.02 -51.69
C GLN B 236 8.42 4.30 -51.13
N PRO B 237 8.15 5.57 -50.80
CA PRO B 237 6.80 5.92 -50.32
C PRO B 237 5.81 5.85 -51.48
N PRO B 238 4.51 5.79 -51.18
CA PRO B 238 3.51 5.79 -52.26
C PRO B 238 3.58 7.07 -53.09
N LEU B 239 3.28 6.94 -54.38
CA LEU B 239 3.28 8.07 -55.33
C LEU B 239 4.66 8.65 -55.57
N PHE B 240 5.75 7.94 -55.18
CA PHE B 240 7.12 8.41 -55.41
C PHE B 240 7.39 8.61 -56.93
N ASP B 241 6.66 7.90 -57.79
CA ASP B 241 6.76 7.98 -59.24
C ASP B 241 6.05 9.23 -59.82
N VAL B 242 5.05 9.74 -59.12
CA VAL B 242 4.29 10.92 -59.53
C VAL B 242 5.09 12.18 -59.22
N HIS B 243 5.02 13.20 -60.11
CA HIS B 243 5.69 14.50 -59.96
C HIS B 243 5.35 15.12 -58.58
N PRO B 244 6.34 15.66 -57.86
CA PRO B 244 6.08 16.16 -56.49
C PRO B 244 5.03 17.25 -56.37
N LEU B 245 4.94 18.15 -57.38
CA LEU B 245 3.93 19.22 -57.34
C LEU B 245 2.53 18.65 -57.56
N ARG B 246 2.40 17.63 -58.42
CA ARG B 246 1.13 16.95 -58.63
C ARG B 246 0.67 16.28 -57.33
N VAL B 247 1.63 15.68 -56.56
CA VAL B 247 1.33 15.02 -55.31
C VAL B 247 0.82 15.99 -54.26
N LEU B 248 1.51 17.13 -54.07
CA LEU B 248 1.09 18.18 -53.12
C LEU B 248 -0.35 18.63 -53.39
N PHE B 249 -0.70 18.81 -54.66
CA PHE B 249 -2.06 19.25 -55.01
C PHE B 249 -3.09 18.16 -54.78
N LEU B 250 -2.78 16.90 -55.16
CA LEU B 250 -3.68 15.75 -54.98
C LEU B 250 -4.12 15.57 -53.54
N MET B 251 -3.18 15.74 -52.59
CA MET B 251 -3.41 15.61 -51.15
C MET B 251 -4.44 16.62 -50.64
N THR B 252 -4.47 17.82 -51.23
CA THR B 252 -5.43 18.85 -50.82
C THR B 252 -6.86 18.59 -51.37
N LYS B 253 -6.98 17.79 -52.43
CA LYS B 253 -8.28 17.51 -53.03
C LYS B 253 -9.14 16.61 -52.16
N SER B 254 -10.44 16.88 -52.13
CA SER B 254 -11.40 16.11 -51.31
C SER B 254 -11.46 14.62 -51.68
N GLY B 255 -11.15 14.31 -52.93
CA GLY B 255 -11.15 12.92 -53.39
C GLY B 255 -9.88 12.15 -53.06
N TYR B 256 -8.89 12.79 -52.36
CA TYR B 256 -7.66 12.09 -52.00
C TYR B 256 -7.93 10.92 -51.10
N GLN B 257 -7.49 9.73 -51.54
CA GLN B 257 -7.65 8.53 -50.72
C GLN B 257 -6.32 8.20 -50.09
N PRO B 258 -6.31 7.86 -48.80
CA PRO B 258 -5.05 7.47 -48.15
C PRO B 258 -4.38 6.26 -48.82
N PRO B 259 -3.04 6.28 -48.92
CA PRO B 259 -2.35 5.14 -49.55
C PRO B 259 -2.51 3.83 -48.80
N ARG B 260 -2.21 2.72 -49.47
CA ARG B 260 -2.29 1.40 -48.88
C ARG B 260 -1.03 0.58 -49.25
N LEU B 261 -0.73 -0.49 -48.50
CA LEU B 261 0.35 -1.41 -48.89
C LEU B 261 -0.08 -2.08 -50.22
N LYS B 262 0.80 -2.16 -51.21
CA LYS B 262 0.48 -2.69 -52.54
C LYS B 262 0.28 -4.21 -52.63
N GLU B 263 1.10 -4.98 -51.92
CA GLU B 263 1.05 -6.43 -51.98
C GLU B 263 0.27 -6.93 -50.79
N LYS B 264 -1.05 -7.01 -50.92
CA LYS B 264 -1.94 -7.38 -49.83
C LYS B 264 -1.56 -8.69 -49.10
N GLY B 265 -1.27 -9.76 -49.85
CA GLY B 265 -0.94 -11.08 -49.27
C GLY B 265 0.34 -11.24 -48.48
N LYS B 266 1.25 -10.27 -48.54
CA LYS B 266 2.54 -10.35 -47.84
C LYS B 266 2.45 -9.92 -46.35
N TRP B 267 1.37 -9.25 -45.94
CA TRP B 267 1.26 -8.64 -44.64
C TRP B 267 0.08 -9.10 -43.82
N SER B 268 0.22 -9.00 -42.51
CA SER B 268 -0.83 -9.36 -41.57
C SER B 268 -1.97 -8.33 -41.58
N ALA B 269 -3.13 -8.76 -41.03
CA ALA B 269 -4.28 -7.86 -40.88
C ALA B 269 -3.88 -6.67 -39.94
N ALA B 270 -3.08 -6.91 -38.92
CA ALA B 270 -2.63 -5.85 -38.00
C ALA B 270 -1.71 -4.82 -38.70
N PHE B 271 -0.87 -5.25 -39.70
CA PHE B 271 -0.02 -4.26 -40.41
C PHE B 271 -0.92 -3.42 -41.33
N HIS B 272 -1.86 -4.06 -42.08
CA HIS B 272 -2.81 -3.29 -42.90
C HIS B 272 -3.63 -2.33 -42.03
N ASN B 273 -4.03 -2.74 -40.82
CA ASN B 273 -4.81 -1.87 -39.94
C ASN B 273 -3.96 -0.71 -39.40
N PHE B 274 -2.70 -0.99 -39.09
CA PHE B 274 -1.77 0.05 -38.63
C PHE B 274 -1.64 1.16 -39.69
N ILE B 275 -1.55 0.78 -40.96
CA ILE B 275 -1.47 1.74 -42.05
C ILE B 275 -2.80 2.49 -42.17
N LYS B 276 -3.91 1.75 -42.15
CA LYS B 276 -5.24 2.38 -42.24
C LYS B 276 -5.46 3.46 -41.17
N VAL B 277 -5.11 3.17 -39.92
CA VAL B 277 -5.37 4.12 -38.85
C VAL B 277 -4.30 5.23 -38.76
N THR B 278 -3.01 4.96 -39.05
CA THR B 278 -2.02 6.07 -39.04
C THR B 278 -2.32 7.03 -40.18
N LEU B 279 -2.81 6.52 -41.31
CA LEU B 279 -3.12 7.33 -42.46
C LEU B 279 -4.58 7.76 -42.49
N THR B 280 -5.09 8.21 -41.36
CA THR B 280 -6.46 8.72 -41.29
C THR B 280 -6.38 10.12 -41.87
N LYS B 281 -7.15 10.41 -42.92
CA LYS B 281 -7.06 11.71 -43.58
C LYS B 281 -7.36 12.89 -42.67
N SER B 282 -8.38 12.76 -41.79
CA SER B 282 -8.75 13.86 -40.90
C SER B 282 -7.91 13.84 -39.64
N PRO B 283 -7.24 14.96 -39.33
CA PRO B 283 -6.43 15.03 -38.10
C PRO B 283 -7.25 14.91 -36.83
N LYS B 284 -8.53 15.32 -36.86
CA LYS B 284 -9.38 15.21 -35.67
C LYS B 284 -9.60 13.75 -35.26
N LYS B 285 -9.51 12.81 -36.21
CA LYS B 285 -9.72 11.39 -35.93
C LYS B 285 -8.41 10.55 -35.94
N ARG B 286 -7.27 11.16 -36.32
CA ARG B 286 -6.01 10.43 -36.36
C ARG B 286 -5.51 10.11 -34.97
N PRO B 287 -5.15 8.85 -34.69
CA PRO B 287 -4.70 8.49 -33.34
C PRO B 287 -3.41 9.16 -32.91
N SER B 288 -3.30 9.46 -31.62
CA SER B 288 -2.08 10.04 -31.06
C SER B 288 -0.94 8.98 -31.03
N ALA B 289 0.31 9.40 -30.70
CA ALA B 289 1.44 8.46 -30.62
C ALA B 289 1.20 7.47 -29.49
N THR B 290 0.71 7.96 -28.33
CA THR B 290 0.40 7.10 -27.19
C THR B 290 -0.65 6.04 -27.56
N LYS B 291 -1.71 6.43 -28.27
CA LYS B 291 -2.77 5.49 -28.68
C LYS B 291 -2.18 4.43 -29.61
N MET B 292 -1.34 4.86 -30.56
CA MET B 292 -0.67 3.94 -31.49
C MET B 292 0.24 2.95 -30.82
N LEU B 293 0.84 3.31 -29.67
CA LEU B 293 1.66 2.38 -28.89
C LEU B 293 0.88 1.17 -28.34
N SER B 294 -0.45 1.29 -28.26
CA SER B 294 -1.28 0.16 -27.82
C SER B 294 -1.80 -0.66 -29.01
N HIS B 295 -1.48 -0.29 -30.26
CA HIS B 295 -1.90 -1.02 -31.44
C HIS B 295 -1.26 -2.40 -31.43
N GLN B 296 -2.02 -3.40 -31.88
CA GLN B 296 -1.59 -4.80 -31.95
C GLN B 296 -0.21 -4.98 -32.62
N LEU B 297 0.01 -4.28 -33.72
CA LEU B 297 1.29 -4.39 -34.48
C LEU B 297 2.50 -4.05 -33.62
N VAL B 298 2.43 -2.96 -32.83
CA VAL B 298 3.60 -2.54 -32.06
C VAL B 298 3.60 -3.02 -30.62
N SER B 299 2.48 -3.64 -30.14
CA SER B 299 2.49 -4.16 -28.77
C SER B 299 2.75 -5.68 -28.70
N GLN B 300 3.02 -6.37 -29.87
CA GLN B 300 3.41 -7.80 -29.99
C GLN B 300 4.58 -8.09 -29.07
N PRO B 301 4.70 -9.32 -28.51
CA PRO B 301 5.77 -9.59 -27.54
C PRO B 301 7.25 -9.74 -27.95
N GLY B 302 7.58 -10.13 -29.19
CA GLY B 302 8.99 -10.35 -29.55
C GLY B 302 9.65 -9.28 -30.39
N LEU B 303 9.29 -8.01 -30.16
CA LEU B 303 9.87 -6.90 -30.90
C LEU B 303 11.05 -6.35 -30.10
N ASN B 304 12.26 -6.50 -30.64
CA ASN B 304 13.48 -6.01 -29.97
C ASN B 304 14.58 -5.72 -31.00
N ARG B 305 15.71 -5.16 -30.57
CA ARG B 305 16.83 -4.79 -31.43
C ARG B 305 17.46 -5.97 -32.19
N GLY B 306 17.22 -7.20 -31.72
CA GLY B 306 17.72 -8.40 -32.40
C GLY B 306 17.20 -8.52 -33.81
N LEU B 307 15.97 -8.02 -34.08
CA LEU B 307 15.38 -8.04 -35.43
C LEU B 307 16.17 -7.18 -36.41
N ILE B 308 16.71 -6.05 -35.91
CA ILE B 308 17.53 -5.12 -36.70
C ILE B 308 18.95 -5.65 -36.81
N LEU B 309 19.47 -6.31 -35.77
CA LEU B 309 20.77 -7.00 -35.88
C LEU B 309 20.69 -8.07 -37.01
N ASP B 310 19.53 -8.71 -37.18
CA ASP B 310 19.31 -9.65 -38.29
C ASP B 310 19.42 -8.92 -39.64
N LEU B 311 18.86 -7.71 -39.71
CA LEU B 311 18.90 -6.92 -40.93
C LEU B 311 20.34 -6.48 -41.21
N LEU B 312 21.07 -6.01 -40.17
CA LEU B 312 22.47 -5.60 -40.31
C LEU B 312 23.40 -6.74 -40.64
N ASP B 313 23.02 -7.99 -40.30
CA ASP B 313 23.83 -9.14 -40.68
C ASP B 313 23.87 -9.32 -42.20
N LYS B 314 22.87 -8.78 -42.93
CA LYS B 314 22.81 -8.82 -44.39
C LYS B 314 23.79 -7.87 -45.07
N LEU B 315 24.42 -6.95 -44.30
CA LEU B 315 25.45 -6.06 -44.83
C LEU B 315 26.76 -6.83 -44.69
N LYS B 316 27.05 -7.34 -43.47
CA LYS B 316 28.26 -8.11 -43.15
C LYS B 316 28.26 -9.45 -43.88
N ASP C 29 5.80 -13.62 16.91
CA ASP C 29 5.52 -14.44 18.09
C ASP C 29 6.30 -13.95 19.31
N PRO C 30 5.63 -13.84 20.48
CA PRO C 30 6.33 -13.38 21.69
C PRO C 30 7.28 -14.39 22.31
N ASP C 31 7.22 -15.68 21.88
CA ASP C 31 8.09 -16.71 22.43
C ASP C 31 9.27 -17.09 21.52
N ILE C 32 9.58 -16.26 20.51
CA ILE C 32 10.67 -16.49 19.57
C ILE C 32 12.03 -16.43 20.25
N PHE C 33 12.93 -17.36 19.88
CA PHE C 33 14.27 -17.38 20.43
C PHE C 33 15.12 -16.41 19.63
N ASN C 34 15.73 -15.44 20.31
CA ASN C 34 16.59 -14.48 19.62
C ASN C 34 18.02 -14.96 19.61
N ARG C 35 18.24 -16.06 18.91
CA ARG C 35 19.56 -16.64 18.79
C ARG C 35 19.67 -17.48 17.54
N ASP C 36 20.91 -17.67 17.09
CA ASP C 36 21.24 -18.43 15.90
C ASP C 36 20.78 -19.90 16.08
N PRO C 37 19.92 -20.44 15.17
CA PRO C 37 19.49 -21.85 15.29
C PRO C 37 20.66 -22.84 15.21
N ARG C 38 21.73 -22.46 14.47
CA ARG C 38 22.97 -23.24 14.31
C ARG C 38 23.69 -23.50 15.65
N ASP C 39 23.33 -22.77 16.72
CA ASP C 39 23.85 -22.99 18.06
C ASP C 39 23.24 -24.30 18.65
N HIS C 40 22.05 -24.68 18.19
CA HIS C 40 21.33 -25.84 18.67
C HIS C 40 21.19 -26.96 17.65
N TYR C 41 21.39 -26.68 16.35
CA TYR C 41 21.21 -27.64 15.26
C TYR C 41 22.32 -27.57 14.22
N ASP C 42 22.52 -28.66 13.48
CA ASP C 42 23.46 -28.69 12.38
C ASP C 42 22.67 -28.88 11.10
N LEU C 43 22.87 -28.02 10.10
CA LEU C 43 22.17 -28.10 8.82
C LEU C 43 22.73 -29.20 7.92
N LEU C 44 21.94 -30.25 7.66
CA LEU C 44 22.35 -31.40 6.87
C LEU C 44 22.11 -31.31 5.36
N GLN C 45 20.88 -31.01 4.92
CA GLN C 45 20.59 -30.94 3.49
C GLN C 45 19.43 -30.01 3.17
N ARG C 46 19.41 -29.49 1.95
CA ARG C 46 18.32 -28.62 1.51
C ARG C 46 17.24 -29.51 0.93
N LEU C 47 16.01 -29.37 1.44
CA LEU C 47 14.89 -30.21 0.99
C LEU C 47 14.01 -29.57 -0.09
N GLY C 48 14.21 -28.30 -0.37
CA GLY C 48 13.36 -27.56 -1.30
C GLY C 48 12.45 -26.65 -0.51
N GLY C 49 11.40 -26.15 -1.14
CA GLY C 49 10.50 -25.22 -0.46
C GLY C 49 9.06 -25.62 -0.43
N GLY C 50 8.34 -25.06 0.51
CA GLY C 50 6.89 -25.22 0.56
C GLY C 50 6.25 -24.04 -0.16
N THR C 51 5.04 -23.66 0.25
CA THR C 51 4.30 -22.50 -0.29
C THR C 51 5.20 -21.24 -0.26
N TYR C 52 5.94 -21.08 0.82
CA TYR C 52 6.99 -20.06 0.91
C TYR C 52 8.16 -20.60 1.78
N GLY C 53 9.31 -19.98 1.69
CA GLY C 53 10.46 -20.37 2.50
C GLY C 53 11.27 -21.53 1.95
N GLU C 54 12.40 -21.80 2.61
CA GLU C 54 13.30 -22.87 2.23
C GLU C 54 13.35 -23.86 3.39
N VAL C 55 13.24 -25.16 3.12
CA VAL C 55 13.26 -26.15 4.20
C VAL C 55 14.58 -26.91 4.22
N PHE C 56 15.12 -27.12 5.41
CA PHE C 56 16.37 -27.84 5.61
C PHE C 56 16.18 -29.03 6.56
N LYS C 57 16.86 -30.12 6.28
CA LYS C 57 16.95 -31.26 7.18
C LYS C 57 18.07 -30.85 8.15
N ALA C 58 17.81 -30.90 9.45
CA ALA C 58 18.83 -30.52 10.44
C ALA C 58 18.93 -31.57 11.59
N ARG C 59 20.01 -31.50 12.42
CA ARG C 59 20.19 -32.42 13.55
C ARG C 59 20.34 -31.71 14.91
N ASP C 60 19.50 -32.03 15.91
CA ASP C 60 19.56 -31.48 17.29
C ASP C 60 20.90 -31.89 17.88
N LYS C 61 21.66 -30.93 18.40
CA LYS C 61 23.02 -31.21 18.89
C LYS C 61 23.10 -31.97 20.23
N VAL C 62 22.02 -31.98 21.02
CA VAL C 62 22.04 -32.69 22.29
C VAL C 62 21.48 -34.11 22.19
N SER C 63 20.51 -34.35 21.31
CA SER C 63 19.88 -35.67 21.23
C SER C 63 20.13 -36.44 19.96
N GLY C 64 20.62 -35.78 18.92
CA GLY C 64 20.81 -36.39 17.62
C GLY C 64 19.53 -36.43 16.79
N ASP C 65 18.37 -36.10 17.40
CA ASP C 65 17.07 -36.07 16.75
C ASP C 65 17.10 -35.19 15.50
N LEU C 66 16.49 -35.66 14.43
CA LEU C 66 16.42 -34.86 13.20
C LEU C 66 15.20 -33.94 13.31
N VAL C 67 15.32 -32.77 12.70
CA VAL C 67 14.25 -31.77 12.66
C VAL C 67 14.25 -31.15 11.26
N ALA C 68 13.14 -30.50 10.89
CA ALA C 68 13.06 -29.74 9.65
C ALA C 68 13.10 -28.27 10.08
N LEU C 69 13.94 -27.46 9.45
CA LEU C 69 14.00 -26.03 9.77
C LEU C 69 13.51 -25.25 8.53
N LYS C 70 12.45 -24.46 8.67
CA LYS C 70 11.94 -23.68 7.52
C LYS C 70 12.43 -22.24 7.65
N MET C 71 13.23 -21.78 6.72
CA MET C 71 13.81 -20.45 6.76
C MET C 71 13.08 -19.49 5.82
N VAL C 72 12.69 -18.33 6.36
CA VAL C 72 12.01 -17.29 5.57
C VAL C 72 12.80 -16.00 5.73
N LYS C 73 13.27 -15.41 4.60
CA LYS C 73 14.08 -14.19 4.66
C LYS C 73 13.26 -13.00 5.06
N MET C 74 13.77 -12.23 6.03
CA MET C 74 13.13 -11.02 6.53
C MET C 74 13.74 -9.78 5.91
N GLU C 75 12.93 -8.75 5.76
CA GLU C 75 13.36 -7.45 5.27
C GLU C 75 12.78 -6.39 6.20
N PRO C 76 13.50 -5.27 6.37
CA PRO C 76 13.02 -4.21 7.27
C PRO C 76 11.54 -3.82 7.12
N ASP C 77 11.07 -3.63 5.87
CA ASP C 77 9.68 -3.25 5.64
C ASP C 77 8.84 -4.44 5.11
N ASP C 78 8.79 -5.53 5.87
CA ASP C 78 8.01 -6.69 5.49
C ASP C 78 6.79 -6.80 6.39
N ASP C 79 5.63 -7.13 5.81
CA ASP C 79 4.43 -7.35 6.61
C ASP C 79 4.64 -8.72 7.28
N VAL C 80 4.61 -8.75 8.60
CA VAL C 80 4.88 -9.91 9.43
C VAL C 80 3.63 -10.80 9.70
N SER C 81 2.43 -10.31 9.34
CA SER C 81 1.14 -10.98 9.51
C SER C 81 1.06 -12.47 9.10
N THR C 82 1.55 -12.84 7.91
CA THR C 82 1.46 -14.24 7.45
C THR C 82 2.32 -15.15 8.34
N LEU C 83 3.57 -14.76 8.59
CA LEU C 83 4.50 -15.55 9.39
C LEU C 83 4.02 -15.65 10.82
N GLN C 84 3.49 -14.54 11.35
CA GLN C 84 2.92 -14.47 12.68
C GLN C 84 1.74 -15.45 12.80
N LYS C 85 0.91 -15.55 11.76
CA LYS C 85 -0.22 -16.48 11.79
C LYS C 85 0.19 -17.95 11.63
N GLU C 86 1.21 -18.23 10.81
CA GLU C 86 1.68 -19.61 10.61
C GLU C 86 2.24 -20.15 11.94
N ILE C 87 3.06 -19.35 12.64
CA ILE C 87 3.64 -19.77 13.92
C ILE C 87 2.53 -20.00 14.95
N LEU C 88 1.49 -19.16 14.95
CA LEU C 88 0.37 -19.32 15.89
C LEU C 88 -0.38 -20.64 15.62
N ILE C 89 -0.59 -21.01 14.34
CA ILE C 89 -1.27 -22.27 14.00
C ILE C 89 -0.43 -23.46 14.52
N LEU C 90 0.87 -23.48 14.21
CA LEU C 90 1.80 -24.57 14.62
C LEU C 90 1.91 -24.69 16.14
N LYS C 91 2.02 -23.55 16.82
CA LYS C 91 2.15 -23.47 18.28
C LYS C 91 0.92 -23.97 18.97
N THR C 92 -0.28 -23.61 18.47
CA THR C 92 -1.53 -24.04 19.09
C THR C 92 -1.99 -25.45 18.69
N CYS C 93 -1.28 -26.12 17.77
CA CYS C 93 -1.62 -27.48 17.39
C CYS C 93 -0.88 -28.48 18.31
N ARG C 94 -1.61 -29.44 18.83
CA ARG C 94 -1.06 -30.45 19.72
C ARG C 94 -1.76 -31.77 19.36
N HIS C 95 -1.39 -32.35 18.20
CA HIS C 95 -2.01 -33.58 17.72
C HIS C 95 -1.00 -34.41 16.96
N ALA C 96 -1.05 -35.74 17.15
CA ALA C 96 -0.13 -36.67 16.51
C ALA C 96 -0.01 -36.52 14.98
N ASN C 97 -1.15 -36.31 14.30
CA ASN C 97 -1.24 -36.25 12.85
C ASN C 97 -0.93 -34.88 12.23
N ILE C 98 -0.42 -33.96 13.02
CA ILE C 98 0.02 -32.65 12.54
C ILE C 98 1.46 -32.50 12.96
N VAL C 99 2.36 -32.06 12.04
CA VAL C 99 3.78 -31.86 12.35
C VAL C 99 4.01 -31.04 13.64
N ALA C 100 4.85 -31.62 14.53
CA ALA C 100 5.15 -31.00 15.83
C ALA C 100 5.95 -29.75 15.60
N TYR C 101 5.81 -28.81 16.51
CA TYR C 101 6.47 -27.54 16.43
C TYR C 101 7.46 -27.41 17.59
N HIS C 102 8.70 -27.09 17.30
CA HIS C 102 9.75 -26.98 18.34
C HIS C 102 10.25 -25.56 18.59
N GLY C 103 9.53 -24.55 18.11
CA GLY C 103 9.93 -23.17 18.33
C GLY C 103 10.44 -22.48 17.09
N SER C 104 10.70 -21.19 17.20
CA SER C 104 11.20 -20.41 16.08
C SER C 104 12.37 -19.53 16.50
N TYR C 105 13.33 -19.33 15.62
CA TYR C 105 14.52 -18.56 15.90
C TYR C 105 14.57 -17.38 14.97
N LEU C 106 14.87 -16.19 15.50
CA LEU C 106 15.04 -15.02 14.65
C LEU C 106 16.48 -14.56 14.82
N TRP C 107 17.25 -14.56 13.73
CA TRP C 107 18.66 -14.21 13.79
C TRP C 107 19.14 -13.67 12.45
N LEU C 108 19.88 -12.55 12.49
CA LEU C 108 20.46 -11.88 11.32
C LEU C 108 19.53 -11.78 10.11
N GLN C 109 18.34 -11.24 10.35
CA GLN C 109 17.30 -11.01 9.33
C GLN C 109 16.78 -12.28 8.65
N LYS C 110 16.69 -13.39 9.42
CA LYS C 110 16.16 -14.66 8.91
C LYS C 110 15.34 -15.32 10.01
N LEU C 111 14.10 -15.73 9.69
CA LEU C 111 13.26 -16.42 10.66
C LEU C 111 13.37 -17.93 10.37
N TRP C 112 13.51 -18.76 11.42
CA TRP C 112 13.67 -20.21 11.27
C TRP C 112 12.61 -20.91 12.09
N ILE C 113 11.67 -21.59 11.43
CA ILE C 113 10.63 -22.31 12.10
C ILE C 113 11.07 -23.76 12.27
N CYS C 114 11.10 -24.25 13.51
CA CYS C 114 11.57 -25.62 13.75
C CYS C 114 10.42 -26.57 13.87
N MET C 115 10.37 -27.58 12.98
CA MET C 115 9.29 -28.57 12.96
C MET C 115 9.79 -30.02 12.89
N GLU C 116 8.88 -30.95 13.11
CA GLU C 116 9.14 -32.39 13.08
C GLU C 116 9.69 -32.81 11.73
N PHE C 117 10.75 -33.66 11.73
CA PHE C 117 11.29 -34.19 10.48
C PHE C 117 10.67 -35.56 10.21
N CYS C 118 10.22 -35.84 9.00
CA CYS C 118 9.62 -37.13 8.67
C CYS C 118 10.53 -37.85 7.64
N GLY C 119 11.22 -38.90 8.11
CA GLY C 119 12.25 -39.59 7.34
C GLY C 119 11.96 -40.03 5.92
N ALA C 120 10.71 -40.41 5.63
CA ALA C 120 10.35 -40.85 4.28
C ALA C 120 9.88 -39.66 3.36
N GLY C 121 9.85 -38.46 3.89
CA GLY C 121 9.41 -37.29 3.12
C GLY C 121 7.90 -37.32 2.97
N SER C 122 7.39 -36.76 1.85
CA SER C 122 5.96 -36.72 1.60
C SER C 122 5.52 -37.96 0.83
N LEU C 123 4.21 -38.18 0.74
CA LEU C 123 3.66 -39.28 -0.05
C LEU C 123 3.95 -39.08 -1.53
N GLN C 124 4.04 -37.81 -2.01
CA GLN C 124 4.40 -37.57 -3.40
C GLN C 124 5.85 -38.02 -3.62
N ASP C 125 6.77 -37.75 -2.66
CA ASP C 125 8.16 -38.22 -2.76
C ASP C 125 8.20 -39.77 -2.91
N ILE C 126 7.33 -40.44 -2.16
CA ILE C 126 7.26 -41.90 -2.17
C ILE C 126 6.62 -42.47 -3.42
N TYR C 127 5.35 -42.08 -3.78
CA TYR C 127 4.68 -42.70 -4.91
C TYR C 127 5.38 -42.43 -6.25
N GLN C 128 6.32 -41.47 -6.31
CA GLN C 128 7.08 -41.18 -7.52
C GLN C 128 8.13 -42.26 -7.79
N VAL C 129 8.51 -43.03 -6.74
CA VAL C 129 9.44 -44.13 -6.84
C VAL C 129 8.66 -45.45 -6.85
N THR C 130 7.67 -45.60 -5.94
CA THR C 130 6.98 -46.90 -5.80
C THR C 130 5.86 -47.17 -6.77
N GLY C 131 5.25 -46.10 -7.26
CA GLY C 131 4.03 -46.23 -8.06
C GLY C 131 2.83 -46.12 -7.15
N SER C 132 1.66 -46.54 -7.65
CA SER C 132 0.41 -46.46 -6.93
C SER C 132 0.37 -47.13 -5.56
N LEU C 133 -0.33 -46.51 -4.62
CA LEU C 133 -0.53 -47.11 -3.31
C LEU C 133 -1.69 -48.10 -3.41
N SER C 134 -1.70 -49.09 -2.48
CA SER C 134 -2.79 -50.04 -2.41
C SER C 134 -3.99 -49.38 -1.70
N GLU C 135 -5.18 -50.00 -1.83
CA GLU C 135 -6.39 -49.49 -1.21
C GLU C 135 -6.29 -49.45 0.32
N LEU C 136 -5.66 -50.47 0.93
CA LEU C 136 -5.53 -50.48 2.38
C LEU C 136 -4.53 -49.39 2.83
N GLN C 137 -3.47 -49.14 2.04
CA GLN C 137 -2.48 -48.09 2.35
C GLN C 137 -3.16 -46.72 2.26
N ILE C 138 -3.96 -46.51 1.22
CA ILE C 138 -4.74 -45.27 1.05
C ILE C 138 -5.74 -45.08 2.16
N SER C 139 -6.42 -46.17 2.57
CA SER C 139 -7.40 -46.13 3.65
C SER C 139 -6.78 -45.73 4.96
N TYR C 140 -5.57 -46.24 5.26
CA TYR C 140 -4.87 -45.89 6.50
C TYR C 140 -4.47 -44.41 6.40
N VAL C 141 -3.91 -43.99 5.25
CA VAL C 141 -3.52 -42.58 5.05
C VAL C 141 -4.76 -41.65 5.23
N CYS C 142 -5.89 -41.98 4.62
CA CYS C 142 -7.12 -41.19 4.77
C CYS C 142 -7.64 -41.11 6.20
N ARG C 143 -7.59 -42.23 6.98
CA ARG C 143 -8.03 -42.17 8.37
C ARG C 143 -7.12 -41.24 9.16
N GLU C 144 -5.78 -41.34 8.94
CA GLU C 144 -4.83 -40.48 9.66
C GLU C 144 -5.04 -39.01 9.28
N VAL C 145 -5.25 -38.73 7.98
CA VAL C 145 -5.51 -37.35 7.54
C VAL C 145 -6.80 -36.83 8.19
N LEU C 146 -7.85 -37.67 8.23
CA LEU C 146 -9.12 -37.30 8.87
C LEU C 146 -9.00 -37.01 10.33
N GLN C 147 -8.13 -37.74 11.07
CA GLN C 147 -7.93 -37.44 12.50
C GLN C 147 -7.30 -36.05 12.68
N GLY C 148 -6.36 -35.70 11.79
CA GLY C 148 -5.71 -34.40 11.81
C GLY C 148 -6.68 -33.29 11.42
N LEU C 149 -7.50 -33.54 10.38
CA LEU C 149 -8.50 -32.57 9.93
C LEU C 149 -9.61 -32.37 10.96
N ALA C 150 -10.11 -33.44 11.60
CA ALA C 150 -11.15 -33.32 12.63
C ALA C 150 -10.64 -32.46 13.78
N TYR C 151 -9.36 -32.63 14.14
CA TYR C 151 -8.71 -31.84 15.17
C TYR C 151 -8.63 -30.37 14.72
N LEU C 152 -8.06 -30.09 13.52
CA LEU C 152 -7.91 -28.72 13.01
C LEU C 152 -9.24 -28.02 12.93
N HIS C 153 -10.26 -28.70 12.43
CA HIS C 153 -11.59 -28.14 12.27
C HIS C 153 -12.25 -27.85 13.61
N SER C 154 -11.96 -28.63 14.64
CA SER C 154 -12.46 -28.42 16.00
C SER C 154 -11.81 -27.16 16.64
N GLN C 155 -10.60 -26.79 16.19
CA GLN C 155 -9.92 -25.58 16.67
C GLN C 155 -10.16 -24.37 15.75
N LYS C 156 -11.17 -24.46 14.84
CA LYS C 156 -11.56 -23.43 13.87
C LYS C 156 -10.41 -23.07 12.91
N LYS C 157 -9.57 -24.06 12.59
CA LYS C 157 -8.47 -23.95 11.65
C LYS C 157 -8.83 -24.72 10.40
N ILE C 158 -8.26 -24.31 9.29
CA ILE C 158 -8.48 -24.95 7.99
C ILE C 158 -7.09 -25.13 7.41
N HIS C 159 -6.84 -26.27 6.74
CA HIS C 159 -5.52 -26.49 6.12
C HIS C 159 -5.47 -25.81 4.77
N ARG C 160 -6.47 -26.08 3.92
CA ARG C 160 -6.63 -25.50 2.58
C ARG C 160 -5.56 -25.92 1.58
N ASP C 161 -4.61 -26.80 2.00
CA ASP C 161 -3.60 -27.26 1.05
C ASP C 161 -3.36 -28.77 1.17
N ILE C 162 -4.44 -29.56 1.42
CA ILE C 162 -4.33 -31.01 1.47
C ILE C 162 -3.99 -31.55 0.08
N LYS C 163 -2.89 -32.32 0.02
CA LYS C 163 -2.37 -32.96 -1.19
C LYS C 163 -1.23 -33.89 -0.75
N GLY C 164 -0.87 -34.82 -1.62
CA GLY C 164 0.20 -35.78 -1.36
C GLY C 164 1.52 -35.17 -0.95
N ALA C 165 1.86 -33.96 -1.48
CA ALA C 165 3.12 -33.32 -1.12
C ALA C 165 3.10 -32.76 0.31
N ASN C 166 1.92 -32.60 0.92
CA ASN C 166 1.82 -32.05 2.28
C ASN C 166 1.44 -33.09 3.36
N ILE C 167 1.42 -34.36 2.99
CA ILE C 167 1.12 -35.46 3.91
C ILE C 167 2.45 -36.23 4.02
N LEU C 168 3.08 -36.13 5.19
CA LEU C 168 4.41 -36.69 5.40
C LEU C 168 4.34 -38.03 6.12
N ILE C 169 5.36 -38.86 5.85
CA ILE C 169 5.48 -40.20 6.43
C ILE C 169 6.81 -40.29 7.16
N ASN C 170 6.81 -40.69 8.45
CA ASN C 170 8.07 -40.82 9.16
C ASN C 170 8.57 -42.31 9.03
N ASP C 171 9.75 -42.61 9.55
CA ASP C 171 10.34 -43.95 9.43
C ASP C 171 9.46 -45.06 10.03
N ALA C 172 8.64 -44.73 11.03
CA ALA C 172 7.71 -45.68 11.65
C ALA C 172 6.41 -45.84 10.87
N GLY C 173 6.26 -45.18 9.73
CA GLY C 173 5.05 -45.25 8.92
C GLY C 173 3.89 -44.41 9.44
N GLU C 174 4.17 -43.45 10.33
CA GLU C 174 3.15 -42.56 10.87
C GLU C 174 2.95 -41.37 9.92
N VAL C 175 1.74 -40.82 9.90
CA VAL C 175 1.27 -39.78 8.97
C VAL C 175 1.13 -38.44 9.65
N ARG C 176 1.69 -37.37 9.04
CA ARG C 176 1.64 -36.03 9.61
C ARG C 176 1.30 -35.01 8.51
N LEU C 177 0.38 -34.10 8.78
CA LEU C 177 0.03 -33.02 7.86
C LEU C 177 1.03 -31.91 8.03
N ALA C 178 1.52 -31.33 6.91
CA ALA C 178 2.51 -30.28 6.92
C ALA C 178 2.09 -29.07 6.01
N ASP C 179 2.81 -27.95 6.12
CA ASP C 179 2.71 -26.73 5.36
C ASP C 179 1.41 -25.99 5.59
N PHE C 180 1.41 -25.21 6.64
CA PHE C 180 0.29 -24.33 6.94
C PHE C 180 0.49 -22.93 6.27
N GLY C 181 1.30 -22.87 5.22
CA GLY C 181 1.64 -21.64 4.50
C GLY C 181 0.44 -21.01 3.82
N ILE C 182 -0.37 -21.82 3.12
CA ILE C 182 -1.58 -21.32 2.47
C ILE C 182 -2.56 -20.89 3.54
N SER C 183 -2.73 -21.69 4.60
CA SER C 183 -3.64 -21.38 5.69
C SER C 183 -3.29 -20.04 6.35
N ALA C 184 -2.00 -19.81 6.57
CA ALA C 184 -1.52 -18.56 7.17
C ALA C 184 -1.80 -17.37 6.24
N GLN C 185 -1.55 -17.52 4.92
CA GLN C 185 -1.76 -16.43 3.97
C GLN C 185 -3.25 -16.03 3.94
N ILE C 186 -4.14 -17.02 3.94
CA ILE C 186 -5.57 -16.76 3.92
C ILE C 186 -6.01 -16.03 5.18
N GLY C 187 -5.50 -16.47 6.33
CA GLY C 187 -5.79 -15.85 7.61
C GLY C 187 -5.36 -14.40 7.65
N ALA C 188 -4.16 -14.11 7.12
CA ALA C 188 -3.61 -12.75 7.02
C ALA C 188 -4.46 -11.90 6.03
N GLU C 189 -4.83 -12.47 4.86
CA GLU C 189 -5.67 -11.84 3.82
C GLU C 189 -7.01 -11.43 4.45
N LEU C 190 -7.59 -12.30 5.28
CA LEU C 190 -8.85 -12.07 5.96
C LEU C 190 -8.74 -10.93 6.98
N ALA C 191 -7.64 -10.90 7.75
CA ALA C 191 -7.39 -9.82 8.71
C ALA C 191 -7.23 -8.49 7.98
N ARG C 192 -6.55 -8.51 6.82
CA ARG C 192 -6.38 -7.32 5.98
C ARG C 192 -7.74 -6.78 5.50
N ARG C 193 -8.66 -7.69 5.08
CA ARG C 193 -10.02 -7.35 4.65
C ARG C 193 -10.77 -6.59 5.73
N LEU C 194 -10.72 -7.07 6.98
CA LEU C 194 -11.40 -6.43 8.09
C LEU C 194 -10.83 -5.03 8.37
N GLU C 195 -9.51 -4.85 8.20
CA GLU C 195 -8.83 -3.57 8.42
C GLU C 195 -9.13 -2.49 7.34
N PHE C 196 -9.52 -2.91 6.13
CA PHE C 196 -9.79 -1.96 5.06
C PHE C 196 -11.21 -2.08 4.44
N ILE C 197 -12.15 -2.74 5.15
CA ILE C 197 -13.51 -2.92 4.65
C ILE C 197 -14.26 -1.57 4.46
N GLY C 198 -13.87 -0.55 5.23
CA GLY C 198 -14.48 0.77 5.10
C GLY C 198 -15.86 0.84 5.75
N THR C 199 -16.58 1.96 5.55
CA THR C 199 -17.89 2.13 6.14
C THR C 199 -18.87 1.03 5.65
N PRO C 200 -19.58 0.38 6.57
CA PRO C 200 -20.42 -0.76 6.20
C PRO C 200 -21.92 -0.54 6.09
N TYR C 201 -22.41 0.68 6.29
CA TYR C 201 -23.87 0.92 6.43
C TYR C 201 -24.71 0.60 5.20
N TRP C 202 -24.12 0.65 4.01
CA TRP C 202 -24.84 0.36 2.74
C TRP C 202 -24.47 -1.02 2.17
N MET C 203 -23.69 -1.79 2.90
CA MET C 203 -23.18 -3.06 2.48
C MET C 203 -24.16 -4.18 2.74
N ALA C 204 -24.39 -5.01 1.74
CA ALA C 204 -25.25 -6.18 1.83
C ALA C 204 -24.64 -7.18 2.84
N PRO C 205 -25.50 -7.95 3.53
CA PRO C 205 -24.99 -8.92 4.52
C PRO C 205 -24.06 -9.99 3.95
N GLU C 206 -24.21 -10.40 2.69
CA GLU C 206 -23.31 -11.39 2.10
C GLU C 206 -21.95 -10.79 1.77
N VAL C 207 -21.87 -9.46 1.53
CA VAL C 207 -20.58 -8.79 1.29
C VAL C 207 -19.82 -8.74 2.63
N ALA C 208 -20.53 -8.39 3.72
CA ALA C 208 -19.96 -8.37 5.06
C ALA C 208 -19.48 -9.80 5.46
N ALA C 209 -20.29 -10.84 5.23
CA ALA C 209 -19.90 -12.21 5.57
C ALA C 209 -18.64 -12.66 4.83
N VAL C 210 -18.45 -12.29 3.55
CA VAL C 210 -17.24 -12.71 2.83
C VAL C 210 -16.03 -11.90 3.34
N ALA C 211 -16.21 -10.63 3.74
CA ALA C 211 -15.11 -9.87 4.30
C ALA C 211 -14.66 -10.50 5.64
N LEU C 212 -15.60 -10.86 6.54
CA LEU C 212 -15.24 -11.40 7.85
C LEU C 212 -14.83 -12.87 7.84
N LYS C 213 -15.63 -13.74 7.22
CA LYS C 213 -15.42 -15.19 7.25
C LYS C 213 -15.05 -15.86 5.92
N GLY C 214 -14.89 -15.10 4.86
CA GLY C 214 -14.54 -15.65 3.54
C GLY C 214 -15.67 -16.37 2.83
N GLY C 215 -15.47 -16.69 1.55
CA GLY C 215 -16.50 -17.33 0.74
C GLY C 215 -16.65 -18.84 0.80
N TYR C 216 -15.98 -19.48 1.75
CA TYR C 216 -16.07 -20.94 1.89
C TYR C 216 -15.69 -21.37 3.30
N ASN C 217 -15.85 -22.67 3.62
CA ASN C 217 -15.52 -23.14 4.95
C ASN C 217 -14.53 -24.34 4.92
N GLU C 218 -14.27 -24.94 6.08
CA GLU C 218 -13.35 -26.08 6.30
C GLU C 218 -13.71 -27.36 5.51
N LEU C 219 -14.93 -27.47 5.00
CA LEU C 219 -15.31 -28.64 4.22
C LEU C 219 -14.57 -28.72 2.88
N CYS C 220 -13.83 -27.65 2.48
CA CYS C 220 -12.95 -27.66 1.32
C CYS C 220 -11.83 -28.70 1.52
N ASP C 221 -11.37 -28.91 2.76
CA ASP C 221 -10.34 -29.93 3.08
C ASP C 221 -10.85 -31.36 2.85
N ILE C 222 -12.16 -31.58 3.03
CA ILE C 222 -12.73 -32.91 2.77
C ILE C 222 -12.69 -33.24 1.28
N TRP C 223 -12.94 -32.24 0.42
CA TRP C 223 -12.85 -32.40 -1.02
C TRP C 223 -11.39 -32.69 -1.39
N SER C 224 -10.44 -31.87 -0.90
CA SER C 224 -9.02 -32.05 -1.22
C SER C 224 -8.54 -33.45 -0.79
N LEU C 225 -9.07 -33.98 0.32
CA LEU C 225 -8.72 -35.35 0.75
C LEU C 225 -9.23 -36.36 -0.27
N GLY C 226 -10.41 -36.14 -0.83
CA GLY C 226 -10.96 -36.99 -1.89
C GLY C 226 -10.09 -36.97 -3.13
N ILE C 227 -9.65 -35.76 -3.55
CA ILE C 227 -8.74 -35.65 -4.70
C ILE C 227 -7.37 -36.32 -4.37
N THR C 228 -6.91 -36.15 -3.12
CA THR C 228 -5.63 -36.74 -2.69
C THR C 228 -5.74 -38.28 -2.74
N ALA C 229 -6.90 -38.85 -2.37
CA ALA C 229 -7.08 -40.31 -2.42
C ALA C 229 -6.93 -40.84 -3.84
N ILE C 230 -7.46 -40.08 -4.82
CA ILE C 230 -7.33 -40.43 -6.25
C ILE C 230 -5.87 -40.27 -6.67
N GLU C 231 -5.22 -39.18 -6.25
CA GLU C 231 -3.81 -38.91 -6.53
C GLU C 231 -2.93 -40.09 -6.02
N LEU C 232 -3.19 -40.62 -4.81
CA LEU C 232 -2.40 -41.76 -4.28
C LEU C 232 -2.64 -43.06 -5.09
N ALA C 233 -3.84 -43.18 -5.69
CA ALA C 233 -4.20 -44.34 -6.52
C ALA C 233 -3.65 -44.23 -7.94
N GLU C 234 -3.65 -43.02 -8.53
CA GLU C 234 -3.27 -42.88 -9.95
C GLU C 234 -2.03 -42.05 -10.25
N LEU C 235 -1.33 -41.53 -9.24
CA LEU C 235 -0.07 -40.76 -9.37
C LEU C 235 -0.22 -39.32 -9.84
N GLN C 236 -1.44 -38.85 -10.06
CA GLN C 236 -1.73 -37.48 -10.48
C GLN C 236 -3.15 -37.18 -10.05
N PRO C 237 -3.44 -35.90 -9.72
CA PRO C 237 -4.81 -35.54 -9.41
C PRO C 237 -5.65 -35.53 -10.71
N PRO C 238 -7.00 -35.54 -10.60
CA PRO C 238 -7.82 -35.49 -11.82
C PRO C 238 -7.53 -34.24 -12.65
N LEU C 239 -7.48 -34.40 -13.99
CA LEU C 239 -7.25 -33.34 -14.96
C LEU C 239 -5.86 -32.68 -14.90
N PHE C 240 -4.89 -33.32 -14.23
CA PHE C 240 -3.53 -32.76 -14.08
C PHE C 240 -2.86 -32.34 -15.38
N ASP C 241 -3.19 -33.00 -16.50
CA ASP C 241 -2.55 -32.67 -17.77
C ASP C 241 -3.27 -31.59 -18.58
N VAL C 242 -4.29 -30.94 -18.00
CA VAL C 242 -4.99 -29.86 -18.70
C VAL C 242 -4.61 -28.52 -18.03
N HIS C 243 -4.55 -27.43 -18.83
CA HIS C 243 -4.12 -26.11 -18.38
C HIS C 243 -4.77 -25.66 -17.06
N PRO C 244 -3.96 -25.13 -16.12
CA PRO C 244 -4.48 -24.73 -14.81
C PRO C 244 -5.69 -23.80 -14.80
N LEU C 245 -5.76 -22.81 -15.71
CA LEU C 245 -6.88 -21.88 -15.73
C LEU C 245 -8.16 -22.51 -16.24
N ARG C 246 -8.05 -23.48 -17.17
CA ARG C 246 -9.19 -24.20 -17.74
C ARG C 246 -9.93 -25.00 -16.68
N VAL C 247 -9.18 -25.63 -15.75
CA VAL C 247 -9.73 -26.40 -14.64
C VAL C 247 -10.52 -25.51 -13.72
N LEU C 248 -9.94 -24.35 -13.35
CA LEU C 248 -10.63 -23.37 -12.50
C LEU C 248 -11.98 -22.93 -13.12
N PHE C 249 -12.01 -22.68 -14.43
CA PHE C 249 -13.25 -22.27 -15.12
C PHE C 249 -14.27 -23.40 -15.19
N LEU C 250 -13.85 -24.62 -15.53
CA LEU C 250 -14.75 -25.76 -15.62
C LEU C 250 -15.38 -26.11 -14.27
N MET C 251 -14.61 -25.95 -13.17
CA MET C 251 -15.08 -26.24 -11.82
C MET C 251 -16.18 -25.27 -11.37
N THR C 252 -16.13 -24.01 -11.83
CA THR C 252 -17.11 -22.98 -11.46
C THR C 252 -18.47 -23.09 -12.16
N LYS C 253 -18.58 -23.94 -13.20
CA LYS C 253 -19.83 -24.09 -13.92
C LYS C 253 -20.84 -24.97 -13.16
N SER C 254 -22.14 -24.79 -13.43
CA SER C 254 -23.20 -25.58 -12.78
C SER C 254 -23.22 -27.04 -13.24
N GLY C 255 -22.76 -27.29 -14.47
CA GLY C 255 -22.71 -28.64 -15.01
C GLY C 255 -21.43 -29.39 -14.69
N TYR C 256 -20.66 -28.92 -13.68
CA TYR C 256 -19.42 -29.61 -13.31
C TYR C 256 -19.70 -30.91 -12.60
N GLN C 257 -19.05 -31.99 -13.04
CA GLN C 257 -19.23 -33.29 -12.42
C GLN C 257 -17.99 -33.67 -11.61
N PRO C 258 -18.17 -33.99 -10.31
CA PRO C 258 -17.02 -34.40 -9.48
C PRO C 258 -16.26 -35.56 -10.08
N PRO C 259 -14.92 -35.59 -9.93
CA PRO C 259 -14.15 -36.67 -10.54
C PRO C 259 -14.36 -38.04 -9.91
N ARG C 260 -13.91 -39.07 -10.60
CA ARG C 260 -14.05 -40.46 -10.15
C ARG C 260 -12.75 -41.24 -10.42
N LEU C 261 -12.60 -42.43 -9.79
CA LEU C 261 -11.45 -43.27 -10.06
C LEU C 261 -11.57 -43.83 -11.48
N LYS C 262 -10.46 -43.89 -12.23
CA LYS C 262 -10.48 -44.34 -13.61
C LYS C 262 -10.74 -45.85 -13.77
N GLU C 263 -9.97 -46.71 -13.05
CA GLU C 263 -10.11 -48.16 -13.13
C GLU C 263 -11.17 -48.65 -12.17
N LYS C 264 -12.39 -48.89 -12.65
CA LYS C 264 -13.52 -49.29 -11.79
C LYS C 264 -13.36 -50.62 -11.04
N GLY C 265 -12.87 -51.65 -11.70
CA GLY C 265 -12.71 -52.97 -11.11
C GLY C 265 -11.58 -53.13 -10.09
N LYS C 266 -10.54 -52.30 -10.23
CA LYS C 266 -9.37 -52.31 -9.34
C LYS C 266 -9.68 -51.89 -7.90
N TRP C 267 -10.74 -51.11 -7.69
CA TRP C 267 -11.04 -50.60 -6.35
C TRP C 267 -12.39 -51.07 -5.82
N SER C 268 -12.47 -51.32 -4.51
CA SER C 268 -13.69 -51.80 -3.88
C SER C 268 -14.83 -50.76 -3.86
N ALA C 269 -16.07 -51.23 -3.65
CA ALA C 269 -17.24 -50.35 -3.59
C ALA C 269 -17.18 -49.33 -2.45
N ALA C 270 -16.47 -49.68 -1.36
CA ALA C 270 -16.35 -48.77 -0.23
C ALA C 270 -15.43 -47.60 -0.55
N PHE C 271 -14.41 -47.81 -1.39
CA PHE C 271 -13.45 -46.77 -1.81
C PHE C 271 -14.17 -45.80 -2.77
N HIS C 272 -14.91 -46.35 -3.75
CA HIS C 272 -15.68 -45.55 -4.70
C HIS C 272 -16.70 -44.67 -3.96
N ASN C 273 -17.32 -45.20 -2.90
CA ASN C 273 -18.28 -44.45 -2.10
C ASN C 273 -17.60 -43.36 -1.24
N PHE C 274 -16.36 -43.61 -0.81
CA PHE C 274 -15.61 -42.63 -0.03
C PHE C 274 -15.28 -41.44 -0.93
N ILE C 275 -14.95 -41.69 -2.20
CA ILE C 275 -14.66 -40.67 -3.21
C ILE C 275 -15.93 -39.89 -3.54
N LYS C 276 -17.06 -40.58 -3.66
CA LYS C 276 -18.34 -39.95 -3.96
C LYS C 276 -18.84 -39.05 -2.82
N VAL C 277 -18.65 -39.44 -1.55
CA VAL C 277 -19.16 -38.60 -0.46
C VAL C 277 -18.14 -37.49 -0.07
N THR C 278 -16.81 -37.72 -0.22
CA THR C 278 -15.86 -36.63 0.04
C THR C 278 -15.93 -35.61 -1.10
N LEU C 279 -16.08 -36.10 -2.35
CA LEU C 279 -16.17 -35.24 -3.52
C LEU C 279 -17.60 -34.79 -3.83
N THR C 280 -18.39 -34.48 -2.81
CA THR C 280 -19.74 -33.96 -2.99
C THR C 280 -19.58 -32.51 -3.44
N LYS C 281 -20.07 -32.17 -4.63
CA LYS C 281 -19.94 -30.84 -5.23
C LYS C 281 -20.41 -29.69 -4.31
N SER C 282 -21.49 -29.91 -3.56
CA SER C 282 -22.04 -28.87 -2.70
C SER C 282 -21.53 -28.97 -1.25
N PRO C 283 -20.94 -27.89 -0.74
CA PRO C 283 -20.44 -27.90 0.65
C PRO C 283 -21.49 -28.10 1.72
N LYS C 284 -22.75 -27.73 1.45
CA LYS C 284 -23.83 -27.95 2.41
C LYS C 284 -24.17 -29.46 2.57
N LYS C 285 -23.85 -30.29 1.55
CA LYS C 285 -24.11 -31.72 1.61
C LYS C 285 -22.87 -32.53 2.05
N ARG C 286 -21.66 -32.01 1.76
CA ARG C 286 -20.38 -32.68 2.04
C ARG C 286 -20.19 -33.01 3.51
N PRO C 287 -19.90 -34.29 3.81
CA PRO C 287 -19.74 -34.68 5.23
C PRO C 287 -18.52 -34.06 5.88
N SER C 288 -18.59 -33.90 7.20
CA SER C 288 -17.50 -33.35 7.98
C SER C 288 -16.38 -34.39 8.18
N ALA C 289 -15.24 -34.00 8.77
CA ALA C 289 -14.15 -34.93 9.03
C ALA C 289 -14.59 -35.94 10.08
N THR C 290 -15.23 -35.50 11.18
CA THR C 290 -15.72 -36.42 12.22
C THR C 290 -16.72 -37.42 11.65
N LYS C 291 -17.62 -36.97 10.75
CA LYS C 291 -18.57 -37.87 10.11
C LYS C 291 -17.82 -38.84 9.21
N MET C 292 -16.78 -38.35 8.48
CA MET C 292 -15.99 -39.18 7.60
C MET C 292 -15.21 -40.27 8.30
N LEU C 293 -14.88 -40.07 9.59
CA LEU C 293 -14.14 -41.05 10.38
C LEU C 293 -14.96 -42.32 10.65
N SER C 294 -16.31 -42.22 10.64
CA SER C 294 -17.16 -43.40 10.82
C SER C 294 -17.48 -44.12 9.50
N HIS C 295 -16.99 -43.60 8.35
CA HIS C 295 -17.17 -44.23 7.04
C HIS C 295 -16.41 -45.55 7.03
N GLN C 296 -16.99 -46.57 6.37
CA GLN C 296 -16.47 -47.93 6.31
C GLN C 296 -15.01 -48.04 5.85
N LEU C 297 -14.59 -47.27 4.83
CA LEU C 297 -13.23 -47.34 4.29
C LEU C 297 -12.15 -47.08 5.35
N VAL C 298 -12.39 -46.12 6.23
CA VAL C 298 -11.39 -45.75 7.22
C VAL C 298 -11.69 -46.29 8.62
N SER C 299 -12.90 -46.84 8.87
CA SER C 299 -13.18 -47.45 10.18
C SER C 299 -12.94 -48.99 10.20
N GLN C 300 -12.46 -49.55 9.05
CA GLN C 300 -12.03 -50.93 8.81
C GLN C 300 -11.04 -51.40 9.88
N PRO C 301 -11.02 -52.70 10.24
CA PRO C 301 -10.14 -53.16 11.33
C PRO C 301 -8.63 -53.32 11.10
N GLY C 302 -8.14 -53.61 9.91
CA GLY C 302 -6.70 -53.86 9.73
C GLY C 302 -5.84 -52.68 9.34
N LEU C 303 -6.19 -51.47 9.79
CA LEU C 303 -5.46 -50.26 9.38
C LEU C 303 -4.48 -49.82 10.39
N ASN C 304 -3.19 -49.95 10.07
CA ASN C 304 -2.12 -49.53 10.95
C ASN C 304 -0.85 -49.16 10.17
N ARG C 305 0.13 -48.54 10.84
CA ARG C 305 1.39 -48.10 10.24
C ARG C 305 2.14 -49.21 9.48
N GLY C 306 1.81 -50.48 9.75
CA GLY C 306 2.43 -51.62 9.09
C GLY C 306 2.22 -51.59 7.59
N LEU C 307 1.05 -51.11 7.16
CA LEU C 307 0.76 -50.98 5.73
C LEU C 307 1.73 -49.99 5.06
N ILE C 308 2.11 -48.90 5.76
CA ILE C 308 3.05 -47.92 5.20
C ILE C 308 4.49 -48.43 5.30
N LEU C 309 4.82 -49.23 6.35
CA LEU C 309 6.13 -49.89 6.43
C LEU C 309 6.35 -50.80 5.20
N ASP C 310 5.29 -51.44 4.72
CA ASP C 310 5.36 -52.28 3.50
C ASP C 310 5.68 -51.41 2.26
N LEU C 311 5.08 -50.21 2.20
CA LEU C 311 5.33 -49.30 1.08
C LEU C 311 6.78 -48.80 1.12
N LEU C 312 7.29 -48.49 2.31
CA LEU C 312 8.65 -48.02 2.52
C LEU C 312 9.70 -49.11 2.21
N ASP C 313 9.32 -50.38 2.42
CA ASP C 313 10.20 -51.52 2.07
C ASP C 313 10.36 -51.60 0.55
N LYS C 314 9.28 -51.33 -0.20
CA LYS C 314 9.28 -51.27 -1.66
C LYS C 314 10.19 -50.12 -2.15
N LEU C 315 10.28 -49.03 -1.38
CA LEU C 315 11.13 -47.87 -1.68
C LEU C 315 12.60 -48.32 -1.59
N LYS C 316 13.00 -48.93 -0.46
CA LYS C 316 14.39 -49.38 -0.27
C LYS C 316 14.75 -50.53 -1.19
N ASP D 29 -16.67 54.50 39.45
CA ASP D 29 -17.15 53.23 39.96
C ASP D 29 -17.05 53.16 41.50
N PRO D 30 -18.18 52.97 42.20
CA PRO D 30 -18.15 52.93 43.67
C PRO D 30 -17.28 51.83 44.32
N ASP D 31 -16.77 50.88 43.53
CA ASP D 31 -15.88 49.82 44.03
C ASP D 31 -14.50 49.84 43.35
N ILE D 32 -14.15 50.92 42.60
CA ILE D 32 -12.86 51.00 41.92
C ILE D 32 -11.69 51.12 42.88
N PHE D 33 -10.54 50.57 42.50
CA PHE D 33 -9.35 50.62 43.35
C PHE D 33 -8.47 51.76 42.90
N ASN D 34 -8.35 52.80 43.71
CA ASN D 34 -7.57 53.97 43.35
C ASN D 34 -6.08 53.83 43.66
N ARG D 35 -5.47 52.75 43.16
CA ARG D 35 -4.06 52.46 43.30
C ARG D 35 -3.50 51.91 41.99
N ASP D 36 -2.17 51.80 41.89
CA ASP D 36 -1.51 51.28 40.70
C ASP D 36 -1.79 49.78 40.63
N PRO D 37 -2.41 49.30 39.53
CA PRO D 37 -2.64 47.85 39.41
C PRO D 37 -1.34 47.04 39.44
N ARG D 38 -0.19 47.67 39.11
CA ARG D 38 1.11 47.00 39.20
C ARG D 38 1.55 46.70 40.65
N ASP D 39 0.83 47.22 41.65
CA ASP D 39 1.10 46.86 43.05
C ASP D 39 0.61 45.41 43.25
N HIS D 40 -0.52 45.03 42.62
CA HIS D 40 -1.12 43.72 42.74
C HIS D 40 -0.74 42.74 41.62
N TYR D 41 -0.33 43.24 40.42
CA TYR D 41 -0.04 42.33 39.31
C TYR D 41 1.26 42.59 38.57
N ASP D 42 1.83 41.52 37.98
CA ASP D 42 2.99 41.63 37.10
C ASP D 42 2.44 41.54 35.67
N LEU D 43 2.65 42.58 34.84
CA LEU D 43 2.20 42.55 33.44
C LEU D 43 3.14 41.64 32.66
N LEU D 44 2.59 40.58 32.02
CA LEU D 44 3.39 39.59 31.30
C LEU D 44 3.49 39.79 29.77
N GLN D 45 2.36 40.01 29.07
CA GLN D 45 2.38 40.25 27.62
C GLN D 45 1.11 40.90 27.13
N ARG D 46 1.24 41.75 26.10
CA ARG D 46 0.07 42.43 25.52
C ARG D 46 -0.57 41.41 24.61
N LEU D 47 -1.81 41.02 24.91
CA LEU D 47 -2.52 40.03 24.11
C LEU D 47 -3.11 40.63 22.83
N GLY D 48 -3.42 41.91 22.86
CA GLY D 48 -4.01 42.61 21.73
C GLY D 48 -4.98 43.65 22.22
N GLY D 49 -5.95 44.00 21.38
CA GLY D 49 -6.96 44.96 21.76
C GLY D 49 -8.37 44.52 21.39
N GLY D 50 -9.35 45.03 22.12
CA GLY D 50 -10.75 44.75 21.80
C GLY D 50 -11.31 45.86 20.95
N THR D 51 -12.61 46.15 21.10
CA THR D 51 -13.27 47.27 20.39
C THR D 51 -12.52 48.60 20.70
N TYR D 52 -12.01 48.71 21.94
CA TYR D 52 -11.15 49.78 22.42
C TYR D 52 -10.23 49.24 23.54
N GLY D 53 -9.20 50.00 23.89
CA GLY D 53 -8.25 49.59 24.91
C GLY D 53 -7.34 48.44 24.50
N GLU D 54 -6.39 48.09 25.38
CA GLU D 54 -5.47 47.00 25.15
C GLU D 54 -5.50 46.02 26.31
N VAL D 55 -5.44 44.73 26.02
CA VAL D 55 -5.54 43.70 27.01
C VAL D 55 -4.19 43.12 27.30
N PHE D 56 -3.87 42.91 28.57
CA PHE D 56 -2.60 42.34 28.97
C PHE D 56 -2.84 41.06 29.75
N LYS D 57 -1.99 40.08 29.54
CA LYS D 57 -1.99 38.87 30.35
C LYS D 57 -1.17 39.29 31.58
N ALA D 58 -1.67 38.99 32.78
CA ALA D 58 -0.96 39.38 33.99
C ALA D 58 -0.99 38.27 35.06
N ARG D 59 -0.03 38.32 36.00
CA ARG D 59 0.04 37.33 37.06
C ARG D 59 -0.08 38.02 38.42
N ASP D 60 -1.01 37.55 39.25
CA ASP D 60 -1.22 38.05 40.61
C ASP D 60 0.06 37.75 41.42
N LYS D 61 0.62 38.78 42.09
CA LYS D 61 1.85 38.62 42.87
C LYS D 61 1.74 37.66 44.06
N VAL D 62 0.60 37.67 44.79
CA VAL D 62 0.45 36.80 45.95
C VAL D 62 -0.09 35.39 45.60
N SER D 63 -1.21 35.31 44.87
CA SER D 63 -1.81 34.02 44.54
C SER D 63 -1.24 33.33 43.32
N GLY D 64 -0.60 34.07 42.44
CA GLY D 64 -0.04 33.53 41.20
C GLY D 64 -1.07 33.34 40.09
N ASP D 65 -2.33 33.70 40.36
CA ASP D 65 -3.44 33.55 39.42
C ASP D 65 -3.24 34.39 38.18
N LEU D 66 -3.53 33.82 37.01
CA LEU D 66 -3.44 34.58 35.78
C LEU D 66 -4.74 35.36 35.60
N VAL D 67 -4.63 36.60 35.14
CA VAL D 67 -5.77 37.47 34.89
C VAL D 67 -5.55 38.16 33.52
N ALA D 68 -6.56 38.87 33.00
CA ALA D 68 -6.46 39.67 31.79
C ALA D 68 -6.79 41.10 32.24
N LEU D 69 -5.88 42.05 32.02
CA LEU D 69 -6.12 43.45 32.39
C LEU D 69 -6.36 44.29 31.16
N LYS D 70 -7.57 44.83 31.01
CA LYS D 70 -7.88 45.69 29.88
C LYS D 70 -7.58 47.12 30.32
N MET D 71 -6.74 47.84 29.59
CA MET D 71 -6.36 49.22 29.91
C MET D 71 -6.96 50.21 28.90
N VAL D 72 -7.70 51.20 29.37
CA VAL D 72 -8.31 52.23 28.54
C VAL D 72 -7.75 53.59 28.99
N LYS D 73 -7.20 54.38 28.07
CA LYS D 73 -6.65 55.70 28.43
C LYS D 73 -7.77 56.69 28.72
N MET D 74 -8.25 56.75 29.97
CA MET D 74 -9.33 57.65 30.38
C MET D 74 -8.87 59.09 30.46
N ASP D 79 -15.87 61.97 27.55
CA ASP D 79 -17.11 61.37 28.07
C ASP D 79 -16.81 59.99 28.67
N VAL D 80 -17.00 59.85 29.99
CA VAL D 80 -16.75 58.61 30.72
C VAL D 80 -17.85 57.54 30.48
N SER D 81 -19.06 57.98 30.09
CA SER D 81 -20.26 57.16 29.89
C SER D 81 -20.04 55.76 29.30
N THR D 82 -19.30 55.60 28.18
CA THR D 82 -19.10 54.27 27.60
C THR D 82 -18.35 53.34 28.56
N LEU D 83 -17.30 53.85 29.22
CA LEU D 83 -16.52 53.04 30.15
C LEU D 83 -17.31 52.68 31.40
N GLN D 84 -18.18 53.59 31.86
CA GLN D 84 -19.01 53.36 33.03
C GLN D 84 -20.08 52.30 32.74
N LYS D 85 -20.65 52.32 31.52
CA LYS D 85 -21.64 51.32 31.13
C LYS D 85 -21.02 49.94 31.03
N GLU D 86 -19.77 49.85 30.52
CA GLU D 86 -19.10 48.55 30.38
C GLU D 86 -18.85 47.90 31.74
N ILE D 87 -18.36 48.68 32.71
CA ILE D 87 -18.11 48.21 34.08
C ILE D 87 -19.43 47.79 34.75
N LEU D 88 -20.53 48.48 34.43
CA LEU D 88 -21.85 48.15 34.96
C LEU D 88 -22.33 46.82 34.37
N ILE D 89 -22.15 46.59 33.05
CA ILE D 89 -22.52 45.33 32.41
C ILE D 89 -21.71 44.18 33.04
N LEU D 90 -20.39 44.36 33.16
CA LEU D 90 -19.54 43.34 33.78
C LEU D 90 -19.91 43.06 35.25
N LYS D 91 -20.31 44.09 36.01
CA LYS D 91 -20.73 43.92 37.40
C LYS D 91 -22.08 43.20 37.52
N THR D 92 -23.11 43.66 36.77
CA THR D 92 -24.47 43.13 36.83
C THR D 92 -24.66 41.77 36.16
N CYS D 93 -23.81 41.41 35.19
CA CYS D 93 -23.98 40.14 34.47
C CYS D 93 -22.99 39.07 34.88
N ARG D 94 -23.37 38.26 35.86
CA ARG D 94 -22.59 37.14 36.34
C ARG D 94 -23.24 35.91 35.69
N HIS D 95 -22.46 35.12 34.93
CA HIS D 95 -23.01 33.95 34.26
C HIS D 95 -21.89 32.99 33.86
N ALA D 96 -22.19 31.69 33.87
CA ALA D 96 -21.22 30.69 33.49
C ALA D 96 -20.74 30.83 32.02
N ASN D 97 -21.48 31.55 31.18
CA ASN D 97 -21.10 31.78 29.78
C ASN D 97 -20.69 33.22 29.49
N ILE D 98 -20.28 33.96 30.54
CA ILE D 98 -19.76 35.33 30.42
C ILE D 98 -18.43 35.36 31.17
N VAL D 99 -17.39 35.95 30.55
CA VAL D 99 -16.05 36.07 31.18
C VAL D 99 -16.16 36.68 32.60
N ALA D 100 -15.43 36.13 33.57
CA ALA D 100 -15.52 36.62 34.96
C ALA D 100 -14.87 37.99 35.13
N TYR D 101 -15.53 38.89 35.87
CA TYR D 101 -15.03 40.22 36.15
C TYR D 101 -14.51 40.22 37.61
N HIS D 102 -13.25 40.65 37.84
CA HIS D 102 -12.64 40.63 39.17
C HIS D 102 -12.64 41.99 39.86
N GLY D 103 -12.21 43.02 39.15
CA GLY D 103 -12.16 44.36 39.69
C GLY D 103 -11.74 45.41 38.69
N SER D 104 -11.50 46.63 39.16
CA SER D 104 -11.09 47.73 38.30
C SER D 104 -10.13 48.68 39.02
N TYR D 105 -9.27 49.37 38.27
CA TYR D 105 -8.29 50.28 38.85
C TYR D 105 -8.27 51.59 38.10
N LEU D 106 -8.20 52.71 38.80
CA LEU D 106 -8.11 54.02 38.15
C LEU D 106 -6.85 54.65 38.67
N TRP D 107 -5.82 54.74 37.83
CA TRP D 107 -4.54 55.28 38.26
C TRP D 107 -3.83 55.99 37.11
N LEU D 108 -3.57 57.30 37.29
CA LEU D 108 -2.86 58.16 36.34
C LEU D 108 -3.50 58.23 34.95
N GLN D 109 -4.79 58.58 34.90
CA GLN D 109 -5.57 58.73 33.67
C GLN D 109 -5.65 57.44 32.84
N LYS D 110 -5.70 56.29 33.51
CA LYS D 110 -5.81 54.99 32.85
C LYS D 110 -6.73 54.10 33.65
N LEU D 111 -7.80 53.63 33.01
CA LEU D 111 -8.74 52.74 33.65
C LEU D 111 -8.32 51.31 33.31
N TRP D 112 -8.22 50.43 34.31
CA TRP D 112 -7.84 49.05 34.12
C TRP D 112 -9.02 48.18 34.54
N ILE D 113 -9.40 47.22 33.69
CA ILE D 113 -10.52 46.34 33.93
C ILE D 113 -9.96 44.92 34.09
N CYS D 114 -10.01 44.37 35.30
CA CYS D 114 -9.51 43.02 35.58
C CYS D 114 -10.57 41.97 35.25
N MET D 115 -10.23 41.06 34.35
CA MET D 115 -11.13 40.00 33.91
C MET D 115 -10.44 38.64 33.94
N GLU D 116 -11.20 37.57 33.73
CA GLU D 116 -10.68 36.22 33.72
C GLU D 116 -9.74 36.01 32.54
N PHE D 117 -8.63 35.28 32.76
CA PHE D 117 -7.73 34.94 31.68
C PHE D 117 -8.15 33.54 31.23
N CYS D 118 -8.48 33.37 29.94
CA CYS D 118 -8.88 32.05 29.45
C CYS D 118 -7.70 31.48 28.70
N GLY D 119 -7.09 30.45 29.29
CA GLY D 119 -5.87 29.83 28.78
C GLY D 119 -5.75 29.57 27.30
N ALA D 120 -6.82 29.08 26.67
CA ALA D 120 -6.79 28.79 25.23
C ALA D 120 -7.06 30.01 24.33
N GLY D 121 -7.46 31.15 24.90
CA GLY D 121 -7.74 32.36 24.14
C GLY D 121 -9.11 32.31 23.52
N SER D 122 -9.29 32.96 22.35
CA SER D 122 -10.57 32.95 21.67
C SER D 122 -10.70 31.75 20.74
N LEU D 123 -11.93 31.49 20.27
CA LEU D 123 -12.15 30.45 19.28
C LEU D 123 -11.36 30.76 17.98
N GLN D 124 -11.18 32.04 17.64
CA GLN D 124 -10.36 32.42 16.49
C GLN D 124 -8.90 32.02 16.75
N ASP D 125 -8.36 32.27 17.95
CA ASP D 125 -6.99 31.86 18.26
C ASP D 125 -6.83 30.31 18.09
N ILE D 126 -7.86 29.58 18.48
CA ILE D 126 -7.89 28.12 18.38
C ILE D 126 -8.00 27.61 16.95
N TYR D 127 -9.04 28.01 16.18
CA TYR D 127 -9.21 27.49 14.83
C TYR D 127 -8.08 27.88 13.89
N GLN D 128 -7.37 28.98 14.16
CA GLN D 128 -6.21 29.36 13.31
C GLN D 128 -5.12 28.26 13.38
N VAL D 129 -5.05 27.53 14.50
CA VAL D 129 -4.11 26.43 14.74
C VAL D 129 -4.75 25.06 14.41
N THR D 130 -5.94 24.77 14.95
CA THR D 130 -6.61 23.47 14.76
C THR D 130 -7.29 23.26 13.39
N GLY D 131 -7.65 24.35 12.72
CA GLY D 131 -8.49 24.30 11.53
C GLY D 131 -9.97 24.26 11.92
N SER D 132 -10.86 24.02 10.96
CA SER D 132 -12.32 23.94 11.13
C SER D 132 -12.79 23.09 12.32
N LEU D 133 -13.76 23.60 13.07
CA LEU D 133 -14.33 22.82 14.18
C LEU D 133 -15.26 21.76 13.62
N SER D 134 -15.45 20.63 14.33
CA SER D 134 -16.41 19.61 13.89
C SER D 134 -17.84 20.19 14.09
N GLU D 135 -18.84 19.61 13.41
CA GLU D 135 -20.22 20.06 13.59
C GLU D 135 -20.68 19.93 15.04
N LEU D 136 -20.29 18.83 15.74
CA LEU D 136 -20.68 18.68 17.16
C LEU D 136 -19.99 19.75 18.06
N GLN D 137 -18.73 20.11 17.80
CA GLN D 137 -18.05 21.17 18.56
C GLN D 137 -18.72 22.52 18.32
N ILE D 138 -19.11 22.80 17.06
CA ILE D 138 -19.82 24.03 16.73
C ILE D 138 -21.17 24.04 17.42
N SER D 139 -21.86 22.88 17.43
CA SER D 139 -23.15 22.75 18.07
C SER D 139 -23.07 23.12 19.58
N TYR D 140 -22.04 22.64 20.25
CA TYR D 140 -21.82 22.86 21.66
C TYR D 140 -21.55 24.37 21.91
N VAL D 141 -20.71 24.98 21.07
CA VAL D 141 -20.38 26.41 21.19
C VAL D 141 -21.64 27.25 20.98
N CYS D 142 -22.49 26.89 20.00
CA CYS D 142 -23.74 27.61 19.74
C CYS D 142 -24.68 27.48 20.94
N ARG D 143 -24.72 26.30 21.59
CA ARG D 143 -25.60 26.14 22.75
C ARG D 143 -25.12 27.02 23.90
N GLU D 144 -23.82 27.01 24.17
CA GLU D 144 -23.24 27.81 25.24
C GLU D 144 -23.39 29.29 25.00
N VAL D 145 -23.21 29.77 23.75
CA VAL D 145 -23.41 31.18 23.44
C VAL D 145 -24.88 31.53 23.54
N LEU D 146 -25.78 30.63 23.10
CA LEU D 146 -27.21 30.90 23.20
C LEU D 146 -27.64 31.03 24.68
N GLN D 147 -27.01 30.29 25.59
CA GLN D 147 -27.34 30.39 27.02
C GLN D 147 -26.85 31.74 27.59
N GLY D 148 -25.67 32.18 27.15
CA GLY D 148 -25.13 33.47 27.55
C GLY D 148 -25.95 34.60 26.98
N LEU D 149 -26.49 34.43 25.74
CA LEU D 149 -27.31 35.43 25.10
C LEU D 149 -28.68 35.48 25.74
N ALA D 150 -29.27 34.32 26.06
CA ALA D 150 -30.60 34.23 26.71
C ALA D 150 -30.54 34.99 28.05
N TYR D 151 -29.44 34.81 28.79
CA TYR D 151 -29.18 35.52 30.02
C TYR D 151 -29.07 37.05 29.79
N LEU D 152 -28.20 37.49 28.87
CA LEU D 152 -28.01 38.91 28.55
C LEU D 152 -29.28 39.59 28.11
N HIS D 153 -30.06 38.96 27.23
CA HIS D 153 -31.27 39.58 26.70
C HIS D 153 -32.38 39.75 27.76
N SER D 154 -32.35 38.91 28.79
CA SER D 154 -33.29 38.93 29.93
C SER D 154 -32.90 40.05 30.89
N GLN D 155 -31.58 40.37 31.00
CA GLN D 155 -31.06 41.48 31.79
C GLN D 155 -31.09 42.80 31.02
N LYS D 156 -31.85 42.86 29.90
CA LYS D 156 -32.05 43.98 28.98
C LYS D 156 -30.78 44.44 28.28
N LYS D 157 -29.84 43.50 28.03
CA LYS D 157 -28.58 43.78 27.35
C LYS D 157 -28.47 43.14 25.97
N ILE D 158 -27.81 43.80 25.04
CA ILE D 158 -27.53 43.27 23.70
C ILE D 158 -25.99 43.18 23.59
N HIS D 159 -25.40 42.03 23.18
CA HIS D 159 -23.93 41.96 23.04
C HIS D 159 -23.45 42.83 21.85
N ARG D 160 -24.03 42.62 20.67
CA ARG D 160 -23.79 43.38 19.44
C ARG D 160 -22.41 43.12 18.79
N ASP D 161 -21.57 42.28 19.38
CA ASP D 161 -20.30 41.92 18.76
C ASP D 161 -20.00 40.41 18.90
N ILE D 162 -21.01 39.54 18.65
CA ILE D 162 -20.75 38.11 18.75
C ILE D 162 -19.97 37.72 17.47
N LYS D 163 -18.82 37.06 17.66
CA LYS D 163 -17.86 36.56 16.65
C LYS D 163 -16.87 35.63 17.35
N GLY D 164 -16.14 34.81 16.59
CA GLY D 164 -15.13 33.89 17.12
C GLY D 164 -14.10 34.55 18.02
N ALA D 165 -13.72 35.80 17.72
CA ALA D 165 -12.74 36.53 18.54
C ALA D 165 -13.25 36.89 19.92
N ASN D 166 -14.55 36.97 20.09
CA ASN D 166 -15.14 37.34 21.38
C ASN D 166 -15.76 36.19 22.16
N ILE D 167 -15.51 34.96 21.72
CA ILE D 167 -15.93 33.76 22.41
C ILE D 167 -14.66 33.10 22.89
N LEU D 168 -14.47 33.10 24.20
CA LEU D 168 -13.27 32.55 24.79
C LEU D 168 -13.46 31.16 25.33
N ILE D 169 -12.37 30.39 25.38
CA ILE D 169 -12.41 29.04 25.91
C ILE D 169 -11.41 28.96 27.04
N ASN D 170 -11.86 28.55 28.25
CA ASN D 170 -10.90 28.40 29.36
C ASN D 170 -10.35 26.94 29.43
N ASP D 171 -9.40 26.68 30.32
CA ASP D 171 -8.82 25.36 30.48
C ASP D 171 -9.83 24.28 30.87
N ALA D 172 -10.93 24.66 31.53
CA ALA D 172 -11.98 23.72 31.90
C ALA D 172 -12.94 23.37 30.74
N GLY D 173 -12.72 23.92 29.55
CA GLY D 173 -13.62 23.68 28.42
C GLY D 173 -14.86 24.54 28.46
N GLU D 174 -14.85 25.62 29.26
CA GLU D 174 -16.02 26.51 29.31
C GLU D 174 -15.95 27.57 28.22
N VAL D 175 -17.11 27.94 27.70
CA VAL D 175 -17.35 28.89 26.62
C VAL D 175 -17.86 30.18 27.25
N ARG D 176 -17.05 31.24 27.16
CA ARG D 176 -17.33 32.53 27.79
C ARG D 176 -17.33 33.71 26.81
N LEU D 177 -18.38 34.51 26.79
CA LEU D 177 -18.48 35.69 25.94
C LEU D 177 -17.60 36.80 26.53
N ALA D 178 -16.96 37.57 25.67
CA ALA D 178 -16.08 38.64 26.09
C ALA D 178 -16.32 39.92 25.22
N ASP D 179 -15.70 41.04 25.59
CA ASP D 179 -15.75 42.34 24.93
C ASP D 179 -17.13 42.92 24.84
N PHE D 180 -17.54 43.55 25.93
CA PHE D 180 -18.78 44.31 25.99
C PHE D 180 -18.61 45.78 25.53
N GLY D 181 -17.55 46.07 24.77
CA GLY D 181 -17.28 47.40 24.25
C GLY D 181 -18.36 48.00 23.36
N ILE D 182 -18.77 47.29 22.29
CA ILE D 182 -19.82 47.80 21.40
C ILE D 182 -21.14 47.98 22.19
N SER D 183 -21.46 47.01 23.06
CA SER D 183 -22.66 47.03 23.91
C SER D 183 -22.68 48.32 24.77
N ALA D 184 -21.52 48.73 25.28
CA ALA D 184 -21.40 49.90 26.14
C ALA D 184 -21.59 51.19 25.34
N GLN D 185 -20.95 51.30 24.17
CA GLN D 185 -21.09 52.46 23.29
C GLN D 185 -22.55 52.64 22.86
N ILE D 186 -23.28 51.54 22.67
CA ILE D 186 -24.69 51.53 22.30
C ILE D 186 -25.56 52.05 23.44
N GLY D 187 -25.31 51.56 24.64
CA GLY D 187 -26.04 51.98 25.83
C GLY D 187 -25.83 53.47 26.11
N ALA D 188 -24.60 53.94 25.89
CA ALA D 188 -24.22 55.34 26.06
C ALA D 188 -24.90 56.23 25.02
N GLU D 189 -24.95 55.77 23.75
CA GLU D 189 -25.62 56.51 22.68
C GLU D 189 -27.13 56.57 22.91
N LEU D 190 -27.71 55.49 23.45
CA LEU D 190 -29.13 55.42 23.80
C LEU D 190 -29.49 56.36 24.96
N ALA D 191 -28.54 56.62 25.86
CA ALA D 191 -28.76 57.53 26.97
C ALA D 191 -28.69 58.97 26.45
N ARG D 192 -27.71 59.27 25.58
CA ARG D 192 -27.54 60.58 24.97
C ARG D 192 -28.67 60.87 23.98
N GLY D 198 -36.50 65.66 23.32
CA GLY D 198 -37.44 66.72 23.67
C GLY D 198 -38.86 66.21 23.67
N THR D 199 -39.83 67.08 23.31
CA THR D 199 -41.26 66.73 23.23
C THR D 199 -41.53 65.78 22.08
N PRO D 200 -42.37 64.76 22.30
CA PRO D 200 -42.67 63.82 21.21
C PRO D 200 -43.97 64.10 20.47
N TYR D 201 -44.77 65.09 20.92
CA TYR D 201 -46.13 65.33 20.41
C TYR D 201 -46.25 65.47 18.90
N TRP D 202 -45.23 66.04 18.24
CA TRP D 202 -45.25 66.23 16.79
C TRP D 202 -44.48 65.12 16.01
N MET D 203 -43.90 64.14 16.73
CA MET D 203 -43.08 63.09 16.14
C MET D 203 -43.89 62.07 15.43
N ALA D 204 -43.45 61.69 14.24
CA ALA D 204 -44.01 60.60 13.44
C ALA D 204 -43.76 59.30 14.27
N PRO D 205 -44.66 58.31 14.22
CA PRO D 205 -44.47 57.10 15.05
C PRO D 205 -43.13 56.38 14.83
N GLU D 206 -42.58 56.42 13.61
CA GLU D 206 -41.30 55.79 13.32
C GLU D 206 -40.13 56.54 13.98
N VAL D 207 -40.27 57.88 14.16
CA VAL D 207 -39.29 58.71 14.84
C VAL D 207 -39.33 58.41 16.34
N ALA D 208 -40.54 58.27 16.91
CA ALA D 208 -40.72 57.93 18.32
C ALA D 208 -40.16 56.53 18.58
N ALA D 209 -40.37 55.59 17.66
CA ALA D 209 -39.86 54.22 17.79
C ALA D 209 -38.33 54.14 17.85
N VAL D 210 -37.61 54.86 16.98
CA VAL D 210 -36.15 54.80 17.02
C VAL D 210 -35.56 55.62 18.18
N ALA D 211 -36.30 56.58 18.75
CA ALA D 211 -35.83 57.31 19.93
C ALA D 211 -35.82 56.38 21.15
N LEU D 212 -36.77 55.43 21.21
CA LEU D 212 -36.85 54.48 22.31
C LEU D 212 -36.17 53.14 22.06
N LYS D 213 -35.74 52.84 20.83
CA LYS D 213 -35.13 51.54 20.52
C LYS D 213 -33.80 51.64 19.78
N GLY D 214 -33.78 52.37 18.67
CA GLY D 214 -32.56 52.56 17.90
C GLY D 214 -32.56 51.98 16.50
N GLY D 215 -33.66 51.40 16.08
CA GLY D 215 -33.76 50.82 14.74
C GLY D 215 -33.60 49.32 14.70
N TYR D 216 -33.10 48.72 15.79
CA TYR D 216 -32.92 47.27 15.89
C TYR D 216 -32.99 46.79 17.35
N ASN D 217 -33.08 45.47 17.55
CA ASN D 217 -33.20 44.91 18.89
C ASN D 217 -32.19 43.74 19.15
N GLU D 218 -32.35 43.01 20.24
CA GLU D 218 -31.48 41.93 20.67
C GLU D 218 -31.37 40.78 19.69
N LEU D 219 -32.32 40.65 18.77
CA LEU D 219 -32.29 39.58 17.78
C LEU D 219 -31.11 39.72 16.83
N CYS D 220 -30.45 40.89 16.78
CA CYS D 220 -29.25 41.05 15.98
C CYS D 220 -28.16 40.06 16.45
N ASP D 221 -28.17 39.68 17.76
CA ASP D 221 -27.21 38.72 18.33
C ASP D 221 -27.38 37.31 17.77
N ILE D 222 -28.62 36.95 17.42
CA ILE D 222 -28.97 35.63 16.87
C ILE D 222 -28.41 35.54 15.45
N TRP D 223 -28.51 36.62 14.66
CA TRP D 223 -27.92 36.66 13.32
C TRP D 223 -26.38 36.52 13.46
N SER D 224 -25.73 37.31 14.35
CA SER D 224 -24.28 37.19 14.55
C SER D 224 -23.83 35.80 14.95
N LEU D 225 -24.63 35.08 15.76
CA LEU D 225 -24.28 33.71 16.13
C LEU D 225 -24.33 32.78 14.90
N GLY D 226 -25.30 32.98 14.01
CA GLY D 226 -25.39 32.20 12.78
C GLY D 226 -24.18 32.44 11.89
N ILE D 227 -23.72 33.69 11.77
CA ILE D 227 -22.50 34.00 11.00
C ILE D 227 -21.30 33.36 11.70
N THR D 228 -21.24 33.45 13.03
CA THR D 228 -20.17 32.83 13.79
C THR D 228 -20.11 31.31 13.58
N ALA D 229 -21.27 30.64 13.44
CA ALA D 229 -21.28 29.20 13.20
C ALA D 229 -20.61 28.91 11.84
N ILE D 230 -20.89 29.73 10.83
CA ILE D 230 -20.23 29.58 9.52
C ILE D 230 -18.72 29.85 9.66
N GLU D 231 -18.33 30.88 10.40
CA GLU D 231 -16.93 31.22 10.67
C GLU D 231 -16.18 30.03 11.32
N LEU D 232 -16.78 29.35 12.31
CA LEU D 232 -16.14 28.19 12.95
C LEU D 232 -16.01 26.99 12.00
N ALA D 233 -16.90 26.89 11.03
CA ALA D 233 -16.91 25.82 10.06
C ALA D 233 -15.97 26.10 8.87
N GLU D 234 -15.81 27.37 8.48
CA GLU D 234 -15.06 27.79 7.28
C GLU D 234 -13.80 28.63 7.51
N LEU D 235 -13.51 28.98 8.77
CA LEU D 235 -12.32 29.76 9.18
C LEU D 235 -12.40 31.25 8.90
N GLN D 236 -13.55 31.74 8.41
CA GLN D 236 -13.83 33.13 8.17
C GLN D 236 -15.34 33.30 7.91
N PRO D 237 -15.89 34.48 8.21
CA PRO D 237 -17.31 34.70 7.92
C PRO D 237 -17.50 34.93 6.41
N PRO D 238 -18.76 34.80 5.95
CA PRO D 238 -19.04 35.03 4.53
C PRO D 238 -18.60 36.42 4.07
N LEU D 239 -18.05 36.49 2.84
CA LEU D 239 -17.57 37.71 2.20
C LEU D 239 -16.39 38.36 2.94
N PHE D 240 -15.63 37.60 3.77
CA PHE D 240 -14.52 38.19 4.53
C PHE D 240 -13.42 38.76 3.62
N ASP D 241 -13.28 38.19 2.43
CA ASP D 241 -12.31 38.61 1.39
C ASP D 241 -12.75 39.86 0.61
N VAL D 242 -13.91 40.41 0.90
CA VAL D 242 -14.47 41.57 0.19
C VAL D 242 -14.36 42.82 1.03
N HIS D 243 -13.99 43.99 0.39
CA HIS D 243 -13.83 45.24 1.16
C HIS D 243 -15.09 45.54 2.02
N PRO D 244 -14.93 45.94 3.29
CA PRO D 244 -16.11 46.12 4.14
C PRO D 244 -17.14 47.12 3.59
N LEU D 245 -16.70 48.13 2.82
CA LEU D 245 -17.65 49.10 2.25
C LEU D 245 -18.52 48.46 1.18
N ARG D 246 -17.95 47.55 0.39
CA ARG D 246 -18.68 46.81 -0.63
C ARG D 246 -19.66 45.84 0.05
N VAL D 247 -19.27 45.22 1.19
CA VAL D 247 -20.19 44.32 1.93
C VAL D 247 -21.34 45.14 2.52
N LEU D 248 -21.04 46.33 3.07
CA LEU D 248 -22.06 47.22 3.61
C LEU D 248 -23.07 47.65 2.52
N PHE D 249 -22.59 47.95 1.31
CA PHE D 249 -23.42 48.30 0.18
C PHE D 249 -24.36 47.11 -0.16
N LEU D 250 -23.81 45.89 -0.31
CA LEU D 250 -24.57 44.67 -0.63
C LEU D 250 -25.62 44.28 0.39
N MET D 251 -25.27 44.36 1.69
CA MET D 251 -26.14 44.00 2.82
C MET D 251 -27.43 44.79 2.88
N THR D 252 -27.39 46.02 2.40
CA THR D 252 -28.51 46.92 2.46
C THR D 252 -29.36 46.92 1.18
N LYS D 253 -28.93 46.22 0.11
CA LYS D 253 -29.74 46.12 -1.11
C LYS D 253 -31.00 45.26 -0.85
N SER D 254 -32.08 45.50 -1.62
CA SER D 254 -33.34 44.77 -1.40
C SER D 254 -33.20 43.27 -1.69
N GLY D 255 -32.47 42.93 -2.74
CA GLY D 255 -32.25 41.53 -3.08
C GLY D 255 -31.20 40.79 -2.26
N TYR D 256 -30.71 41.37 -1.15
CA TYR D 256 -29.69 40.70 -0.32
C TYR D 256 -30.19 39.38 0.31
N GLN D 257 -29.55 38.26 -0.04
CA GLN D 257 -29.93 36.96 0.49
C GLN D 257 -29.02 36.55 1.63
N PRO D 258 -29.56 35.91 2.67
CA PRO D 258 -28.72 35.46 3.78
C PRO D 258 -27.64 34.47 3.34
N PRO D 259 -26.46 34.54 3.96
CA PRO D 259 -25.40 33.58 3.62
C PRO D 259 -25.83 32.14 3.92
N ARG D 260 -25.09 31.19 3.33
CA ARG D 260 -25.28 29.77 3.59
C ARG D 260 -23.91 29.14 3.71
N LEU D 261 -23.82 27.93 4.27
CA LEU D 261 -22.56 27.20 4.34
C LEU D 261 -22.15 26.85 2.90
N LYS D 262 -20.87 27.03 2.58
CA LYS D 262 -20.37 26.76 1.24
C LYS D 262 -20.48 25.29 0.86
N GLU D 263 -20.09 24.38 1.75
CA GLU D 263 -20.22 22.95 1.51
C GLU D 263 -21.61 22.47 1.92
N LYS D 264 -22.15 21.48 1.20
CA LYS D 264 -23.52 21.01 1.45
C LYS D 264 -23.60 19.65 2.14
N GLY D 265 -23.17 18.58 1.45
CA GLY D 265 -23.24 17.21 1.95
C GLY D 265 -22.55 16.92 3.26
N LYS D 266 -21.47 17.64 3.57
CA LYS D 266 -20.63 17.43 4.76
C LYS D 266 -21.35 17.82 6.07
N TRP D 267 -22.30 18.72 6.00
CA TRP D 267 -23.03 19.21 7.15
C TRP D 267 -24.43 18.63 7.20
N SER D 268 -24.90 18.26 8.39
CA SER D 268 -26.21 17.67 8.59
C SER D 268 -27.33 18.65 8.24
N ALA D 269 -28.54 18.13 8.05
CA ALA D 269 -29.68 18.98 7.77
C ALA D 269 -29.99 19.89 8.94
N ALA D 270 -29.72 19.46 10.19
CA ALA D 270 -29.97 20.31 11.36
C ALA D 270 -29.03 21.51 11.41
N PHE D 271 -27.77 21.37 10.95
CA PHE D 271 -26.82 22.49 10.91
C PHE D 271 -27.23 23.49 9.84
N HIS D 272 -27.53 23.02 8.61
CA HIS D 272 -28.02 23.92 7.56
C HIS D 272 -29.32 24.66 8.03
N ASN D 273 -30.23 23.93 8.72
CA ASN D 273 -31.47 24.57 9.18
C ASN D 273 -31.19 25.61 10.30
N PHE D 274 -30.26 25.31 11.19
CA PHE D 274 -29.84 26.22 12.26
C PHE D 274 -29.32 27.54 11.66
N ILE D 275 -28.57 27.44 10.54
CA ILE D 275 -28.04 28.62 9.85
C ILE D 275 -29.17 29.37 9.18
N LYS D 276 -30.06 28.67 8.49
CA LYS D 276 -31.20 29.30 7.82
C LYS D 276 -32.09 30.06 8.83
N VAL D 277 -32.35 29.47 10.03
CA VAL D 277 -33.27 30.13 10.97
C VAL D 277 -32.57 31.29 11.75
N THR D 278 -31.32 31.11 12.18
CA THR D 278 -30.59 32.22 12.83
C THR D 278 -30.37 33.37 11.87
N LEU D 279 -30.14 33.06 10.57
CA LEU D 279 -29.98 34.07 9.54
C LEU D 279 -31.28 34.44 8.84
N THR D 280 -32.38 34.56 9.59
CA THR D 280 -33.65 35.01 9.01
C THR D 280 -33.47 36.52 8.76
N LYS D 281 -33.68 37.00 7.54
CA LYS D 281 -33.47 38.41 7.17
C LYS D 281 -34.38 39.35 7.94
N SER D 282 -35.64 38.96 8.11
CA SER D 282 -36.59 39.79 8.85
C SER D 282 -36.42 39.64 10.35
N PRO D 283 -36.09 40.74 11.06
CA PRO D 283 -36.01 40.64 12.53
C PRO D 283 -37.36 40.34 13.21
N LYS D 284 -38.49 40.49 12.49
CA LYS D 284 -39.80 40.15 13.03
C LYS D 284 -39.94 38.61 13.14
N LYS D 285 -39.40 37.88 12.14
CA LYS D 285 -39.48 36.41 12.10
C LYS D 285 -38.27 35.71 12.68
N ARG D 286 -37.19 36.44 13.04
CA ARG D 286 -35.99 35.82 13.59
C ARG D 286 -36.24 35.33 14.99
N PRO D 287 -35.95 34.06 15.27
CA PRO D 287 -36.20 33.54 16.63
C PRO D 287 -35.28 34.04 17.74
N SER D 288 -35.86 34.12 18.95
CA SER D 288 -35.19 34.56 20.17
C SER D 288 -34.12 33.54 20.59
N ALA D 289 -33.25 33.92 21.53
CA ALA D 289 -32.23 33.01 22.04
C ALA D 289 -32.86 31.82 22.74
N THR D 290 -33.94 32.08 23.54
CA THR D 290 -34.57 30.98 24.25
C THR D 290 -35.25 30.03 23.24
N LYS D 291 -35.88 30.57 22.19
CA LYS D 291 -36.52 29.74 21.16
C LYS D 291 -35.50 28.88 20.40
N MET D 292 -34.32 29.49 20.07
CA MET D 292 -33.23 28.79 19.41
C MET D 292 -32.65 27.64 20.26
N LEU D 293 -32.73 27.75 21.60
CA LEU D 293 -32.24 26.68 22.47
C LEU D 293 -33.05 25.37 22.36
N SER D 294 -34.21 25.40 21.74
CA SER D 294 -35.00 24.18 21.50
C SER D 294 -34.72 23.56 20.10
N HIS D 295 -33.98 24.30 19.21
CA HIS D 295 -33.61 23.80 17.87
C HIS D 295 -32.84 22.49 17.99
N GLN D 296 -33.11 21.53 17.11
CA GLN D 296 -32.47 20.20 17.15
C GLN D 296 -30.96 20.24 17.27
N LEU D 297 -30.28 21.14 16.54
CA LEU D 297 -28.81 21.20 16.57
C LEU D 297 -28.26 21.38 17.98
N VAL D 298 -28.86 22.26 18.77
CA VAL D 298 -28.32 22.56 20.09
C VAL D 298 -29.01 21.80 21.23
N SER D 299 -30.13 21.11 20.96
CA SER D 299 -30.79 20.32 22.01
C SER D 299 -30.43 18.81 21.93
N GLN D 300 -29.49 18.43 21.04
CA GLN D 300 -28.92 17.10 20.80
C GLN D 300 -28.40 16.48 22.10
N PRO D 301 -28.30 15.14 22.18
CA PRO D 301 -27.85 14.52 23.44
C PRO D 301 -26.34 14.53 23.73
N GLY D 302 -25.50 14.33 22.74
CA GLY D 302 -24.06 14.24 22.95
C GLY D 302 -23.30 15.54 23.21
N LEU D 303 -24.02 16.63 23.51
CA LEU D 303 -23.39 17.92 23.73
C LEU D 303 -22.93 18.18 25.15
N ASN D 304 -21.63 18.15 25.34
CA ASN D 304 -20.99 18.47 26.62
C ASN D 304 -19.57 19.02 26.39
N ARG D 305 -18.94 19.53 27.45
CA ARG D 305 -17.60 20.11 27.42
C ARG D 305 -16.50 19.20 26.91
N GLY D 306 -16.77 17.88 26.87
CA GLY D 306 -15.79 16.93 26.35
C GLY D 306 -15.44 17.21 24.90
N LEU D 307 -16.38 17.78 24.14
CA LEU D 307 -16.17 18.18 22.74
C LEU D 307 -15.10 19.29 22.69
N ILE D 308 -15.19 20.25 23.62
CA ILE D 308 -14.20 21.34 23.69
C ILE D 308 -12.85 20.88 24.23
N LEU D 309 -12.86 19.98 25.23
CA LEU D 309 -11.61 19.42 25.76
C LEU D 309 -10.84 18.68 24.67
N ASP D 310 -11.55 18.01 23.76
CA ASP D 310 -10.99 17.34 22.59
C ASP D 310 -10.33 18.38 21.65
N LEU D 311 -10.96 19.56 21.51
CA LEU D 311 -10.41 20.64 20.66
C LEU D 311 -9.12 21.19 21.27
N LEU D 312 -9.09 21.40 22.61
CA LEU D 312 -7.91 21.88 23.33
C LEU D 312 -6.78 20.84 23.35
N ASP D 313 -7.13 19.53 23.35
CA ASP D 313 -6.12 18.47 23.23
C ASP D 313 -5.48 18.57 21.83
N LYS D 314 -6.29 18.84 20.79
CA LYS D 314 -5.82 19.01 19.40
C LYS D 314 -4.94 20.26 19.29
N LEU D 315 -5.29 21.33 20.03
CA LEU D 315 -4.53 22.58 20.10
C LEU D 315 -3.13 22.28 20.64
N LYS D 316 -3.04 21.53 21.76
CA LYS D 316 -1.76 21.20 22.39
C LYS D 316 -0.99 20.12 21.62
N PRO E 30 23.70 6.02 34.36
CA PRO E 30 24.55 6.71 33.38
C PRO E 30 24.14 8.17 33.17
N ASP E 31 22.84 8.42 32.88
CA ASP E 31 22.33 9.78 32.69
C ASP E 31 22.17 10.54 34.03
N ILE E 32 22.32 9.83 35.17
CA ILE E 32 22.19 10.33 36.54
C ILE E 32 23.10 11.53 36.82
N PHE E 33 22.49 12.63 37.29
CA PHE E 33 23.19 13.88 37.61
C PHE E 33 23.97 13.76 38.91
N ASN E 34 25.28 14.04 38.89
CA ASN E 34 26.11 13.97 40.08
C ASN E 34 26.11 15.34 40.78
N ARG E 35 24.93 15.78 41.23
CA ARG E 35 24.78 17.07 41.89
C ARG E 35 23.62 17.07 42.89
N ASP E 36 23.70 17.96 43.89
CA ASP E 36 22.69 18.09 44.94
C ASP E 36 21.37 18.56 44.34
N PRO E 37 20.27 17.82 44.56
CA PRO E 37 18.97 18.26 44.04
C PRO E 37 18.54 19.62 44.60
N ARG E 38 18.92 19.93 45.86
CA ARG E 38 18.60 21.20 46.55
C ARG E 38 19.11 22.45 45.81
N ASP E 39 20.11 22.29 44.92
CA ASP E 39 20.62 23.37 44.08
C ASP E 39 19.62 23.75 42.97
N HIS E 40 18.70 22.85 42.61
CA HIS E 40 17.74 23.09 41.54
C HIS E 40 16.28 23.05 42.02
N TYR E 41 16.00 22.42 43.18
CA TYR E 41 14.63 22.36 43.68
C TYR E 41 14.51 22.76 45.13
N ASP E 42 13.41 23.42 45.47
CA ASP E 42 13.03 23.79 46.83
C ASP E 42 12.04 22.71 47.31
N LEU E 43 12.39 21.96 48.35
CA LEU E 43 11.51 20.94 48.92
C LEU E 43 10.37 21.67 49.64
N LEU E 44 9.11 21.25 49.42
CA LEU E 44 7.95 21.94 49.99
C LEU E 44 7.19 21.15 51.08
N GLN E 45 6.80 19.90 50.78
CA GLN E 45 6.00 19.12 51.71
C GLN E 45 6.18 17.63 51.41
N ARG E 46 6.41 16.83 52.44
CA ARG E 46 6.46 15.37 52.28
C ARG E 46 5.02 14.87 51.93
N LEU E 47 4.85 14.20 50.79
CA LEU E 47 3.56 13.69 50.31
C LEU E 47 3.19 12.33 50.83
N GLY E 48 4.19 11.52 51.09
CA GLY E 48 4.02 10.18 51.61
C GLY E 48 5.19 9.30 51.22
N GLY E 49 4.99 8.00 51.32
CA GLY E 49 5.99 7.03 50.93
C GLY E 49 5.40 6.06 49.94
N GLY E 50 6.17 5.69 48.93
CA GLY E 50 5.74 4.68 47.97
C GLY E 50 6.05 3.30 48.51
N THR E 51 6.34 2.33 47.62
CA THR E 51 6.73 0.97 48.04
C THR E 51 7.99 1.05 48.95
N TYR E 52 8.92 1.94 48.60
CA TYR E 52 10.10 2.28 49.41
C TYR E 52 10.45 3.78 49.23
N GLY E 53 11.16 4.35 50.19
CA GLY E 53 11.55 5.75 50.13
C GLY E 53 10.41 6.72 50.37
N GLU E 54 10.69 8.04 50.30
CA GLU E 54 9.63 9.04 50.50
C GLU E 54 9.52 10.02 49.36
N VAL E 55 8.33 10.54 49.15
CA VAL E 55 8.07 11.44 48.04
C VAL E 55 7.74 12.81 48.57
N PHE E 56 8.40 13.82 48.02
CA PHE E 56 8.24 15.21 48.41
C PHE E 56 7.73 16.01 47.24
N LYS E 57 6.83 16.93 47.54
CA LYS E 57 6.42 17.93 46.58
C LYS E 57 7.57 18.95 46.55
N ALA E 58 8.00 19.38 45.38
CA ALA E 58 9.11 20.32 45.26
C ALA E 58 8.88 21.31 44.13
N ARG E 59 9.61 22.45 44.13
CA ARG E 59 9.46 23.46 43.10
C ARG E 59 10.79 23.74 42.41
N ASP E 60 10.79 23.72 41.07
CA ASP E 60 11.98 23.99 40.27
C ASP E 60 12.40 25.44 40.51
N LYS E 61 13.65 25.66 40.91
CA LYS E 61 14.18 26.98 41.21
C LYS E 61 14.21 27.89 39.98
N VAL E 62 14.42 27.33 38.79
CA VAL E 62 14.43 28.14 37.55
C VAL E 62 13.00 28.32 36.99
N SER E 63 12.34 27.20 36.61
CA SER E 63 11.02 27.16 35.99
C SER E 63 9.88 27.63 36.88
N GLY E 64 9.89 27.21 38.14
CA GLY E 64 8.79 27.47 39.05
C GLY E 64 7.73 26.36 39.03
N ASP E 65 7.90 25.36 38.13
CA ASP E 65 7.00 24.22 37.99
C ASP E 65 7.15 23.30 39.18
N LEU E 66 6.06 22.68 39.59
CA LEU E 66 6.09 21.72 40.68
C LEU E 66 6.47 20.35 40.16
N VAL E 67 7.30 19.63 40.90
CA VAL E 67 7.74 18.27 40.59
C VAL E 67 7.57 17.38 41.85
N ALA E 68 7.64 16.06 41.68
CA ALA E 68 7.63 15.12 42.77
C ALA E 68 9.06 14.56 42.86
N LEU E 69 9.65 14.54 44.06
CA LEU E 69 11.00 14.03 44.26
C LEU E 69 10.97 12.84 45.20
N LYS E 70 11.35 11.67 44.71
CA LYS E 70 11.40 10.47 45.49
C LYS E 70 12.83 10.31 46.05
N MET E 71 12.98 10.32 47.37
CA MET E 71 14.29 10.19 48.00
C MET E 71 14.47 8.79 48.59
N VAL E 72 15.61 8.16 48.31
CA VAL E 72 15.91 6.85 48.86
C VAL E 72 17.27 6.90 49.55
N LYS E 73 17.37 6.33 50.76
CA LYS E 73 18.63 6.32 51.50
C LYS E 73 19.53 5.20 50.95
N ASP E 78 25.25 -1.41 50.64
CA ASP E 78 23.87 -1.62 50.21
C ASP E 78 23.80 -2.15 48.79
N ASP E 79 22.75 -2.90 48.47
CA ASP E 79 22.56 -3.42 47.12
C ASP E 79 21.80 -2.37 46.30
N VAL E 80 22.30 -2.05 45.10
CA VAL E 80 21.66 -1.03 44.27
C VAL E 80 20.95 -1.64 43.02
N SER E 81 20.76 -2.97 42.99
CA SER E 81 20.11 -3.66 41.87
C SER E 81 18.66 -3.21 41.65
N THR E 82 17.88 -3.10 42.74
CA THR E 82 16.48 -2.68 42.64
C THR E 82 16.39 -1.22 42.18
N LEU E 83 17.16 -0.32 42.82
CA LEU E 83 17.17 1.10 42.47
C LEU E 83 17.58 1.34 41.03
N GLN E 84 18.58 0.59 40.56
CA GLN E 84 19.06 0.70 39.17
C GLN E 84 17.98 0.26 38.18
N LYS E 85 17.24 -0.81 38.51
CA LYS E 85 16.16 -1.28 37.63
C LYS E 85 14.99 -0.30 37.58
N GLU E 86 14.70 0.41 38.70
CA GLU E 86 13.60 1.38 38.70
C GLU E 86 13.92 2.52 37.76
N ILE E 87 15.17 3.04 37.85
CA ILE E 87 15.66 4.10 36.99
C ILE E 87 15.61 3.66 35.54
N LEU E 88 16.04 2.44 35.26
CA LEU E 88 15.99 1.84 33.93
C LEU E 88 14.55 1.82 33.39
N ILE E 89 13.57 1.37 34.21
CA ILE E 89 12.16 1.34 33.85
C ILE E 89 11.63 2.73 33.50
N LEU E 90 11.92 3.71 34.36
CA LEU E 90 11.44 5.10 34.23
C LEU E 90 12.01 5.83 33.03
N LYS E 91 13.29 5.60 32.76
CA LYS E 91 13.96 6.22 31.62
C LYS E 91 13.47 5.58 30.32
N THR E 92 13.28 4.26 30.30
CA THR E 92 12.84 3.56 29.09
C THR E 92 11.33 3.72 28.81
N CYS E 93 10.53 4.20 29.79
CA CYS E 93 9.09 4.41 29.56
C CYS E 93 8.86 5.74 28.85
N ARG E 94 8.06 5.72 27.80
CA ARG E 94 7.75 6.92 27.04
C ARG E 94 6.28 6.80 26.64
N HIS E 95 5.38 7.06 27.59
CA HIS E 95 3.95 6.95 27.31
C HIS E 95 3.16 8.01 28.03
N ALA E 96 2.08 8.47 27.42
CA ALA E 96 1.25 9.51 28.00
C ALA E 96 0.58 9.08 29.30
N ASN E 97 0.29 7.76 29.47
CA ASN E 97 -0.36 7.28 30.70
C ASN E 97 0.61 6.82 31.77
N ILE E 98 1.90 7.17 31.62
CA ILE E 98 2.91 6.86 32.61
C ILE E 98 3.52 8.20 33.06
N VAL E 99 3.67 8.39 34.37
CA VAL E 99 4.26 9.59 34.98
C VAL E 99 5.63 9.92 34.34
N ALA E 100 5.78 11.18 33.90
CA ALA E 100 7.02 11.62 33.25
C ALA E 100 8.24 11.51 34.17
N TYR E 101 9.37 11.10 33.62
CA TYR E 101 10.62 11.00 34.37
C TYR E 101 11.49 12.22 33.97
N HIS E 102 12.02 12.94 34.96
CA HIS E 102 12.81 14.14 34.71
C HIS E 102 14.30 14.00 34.98
N GLY E 103 14.71 12.90 35.59
CA GLY E 103 16.11 12.66 35.89
C GLY E 103 16.32 12.21 37.32
N SER E 104 17.51 11.69 37.62
CA SER E 104 17.86 11.24 38.96
C SER E 104 19.12 11.92 39.46
N TYR E 105 19.14 12.26 40.74
CA TYR E 105 20.25 12.94 41.38
C TYR E 105 20.89 12.01 42.40
N LEU E 106 22.22 11.97 42.44
CA LEU E 106 22.93 11.19 43.44
C LEU E 106 23.81 12.14 44.24
N TRP E 107 23.56 12.24 45.56
CA TRP E 107 24.31 13.14 46.42
C TRP E 107 24.28 12.65 47.84
N LEU E 108 25.44 12.61 48.52
CA LEU E 108 25.55 12.20 49.93
C LEU E 108 24.85 10.87 50.24
N GLN E 109 25.03 9.86 49.37
CA GLN E 109 24.43 8.53 49.53
C GLN E 109 22.91 8.61 49.65
N LYS E 110 22.30 9.40 48.77
CA LYS E 110 20.85 9.57 48.68
C LYS E 110 20.49 9.67 47.22
N LEU E 111 19.57 8.82 46.77
CA LEU E 111 19.13 8.82 45.38
C LEU E 111 17.83 9.65 45.28
N TRP E 112 17.71 10.54 44.29
CA TRP E 112 16.55 11.41 44.14
C TRP E 112 15.95 11.30 42.75
N ILE E 113 14.80 10.65 42.63
CA ILE E 113 14.14 10.50 41.35
C ILE E 113 13.14 11.59 41.15
N CYS E 114 13.33 12.39 40.10
CA CYS E 114 12.44 13.48 39.80
C CYS E 114 11.40 13.06 38.81
N MET E 115 10.11 13.25 39.15
CA MET E 115 9.00 12.87 38.30
C MET E 115 7.94 13.97 38.26
N GLU E 116 6.96 13.82 37.35
CA GLU E 116 5.86 14.74 37.20
C GLU E 116 5.05 14.85 38.49
N PHE E 117 4.62 16.06 38.85
CA PHE E 117 3.78 16.26 40.02
C PHE E 117 2.36 16.28 39.48
N CYS E 118 1.50 15.37 39.94
CA CYS E 118 0.12 15.34 39.47
C CYS E 118 -0.69 16.00 40.58
N GLY E 119 -1.13 17.23 40.30
CA GLY E 119 -1.81 18.12 41.24
C GLY E 119 -2.99 17.59 42.02
N ALA E 120 -3.79 16.69 41.43
CA ALA E 120 -4.93 16.10 42.17
C ALA E 120 -4.56 14.90 43.03
N GLY E 121 -3.33 14.43 42.93
CA GLY E 121 -2.86 13.28 43.68
C GLY E 121 -3.35 12.00 43.05
N SER E 122 -3.48 10.95 43.86
CA SER E 122 -3.93 9.65 43.37
C SER E 122 -5.45 9.57 43.39
N LEU E 123 -6.02 8.58 42.70
CA LEU E 123 -7.46 8.33 42.75
C LEU E 123 -7.90 7.99 44.20
N GLN E 124 -7.05 7.34 44.99
CA GLN E 124 -7.38 7.06 46.40
C GLN E 124 -7.51 8.39 47.18
N ASP E 125 -6.56 9.34 46.97
CA ASP E 125 -6.62 10.66 47.63
C ASP E 125 -7.97 11.35 47.34
N ILE E 126 -8.43 11.21 46.08
CA ILE E 126 -9.67 11.76 45.59
C ILE E 126 -10.93 11.09 46.14
N TYR E 127 -11.10 9.76 45.98
CA TYR E 127 -12.34 9.11 46.39
C TYR E 127 -12.51 9.12 47.93
N GLN E 128 -11.41 9.23 48.70
CA GLN E 128 -11.52 9.39 50.17
C GLN E 128 -12.27 10.69 50.53
N VAL E 129 -12.36 11.65 49.57
CA VAL E 129 -13.06 12.91 49.75
C VAL E 129 -14.39 12.96 48.98
N THR E 130 -14.38 12.57 47.69
CA THR E 130 -15.58 12.65 46.87
C THR E 130 -16.58 11.53 47.09
N GLY E 131 -16.09 10.37 47.49
CA GLY E 131 -16.93 9.18 47.54
C GLY E 131 -16.82 8.46 46.20
N SER E 132 -17.65 7.44 46.02
CA SER E 132 -17.64 6.56 44.86
C SER E 132 -17.60 7.24 43.53
N LEU E 133 -16.81 6.69 42.61
CA LEU E 133 -16.76 7.24 41.25
C LEU E 133 -17.97 6.71 40.48
N SER E 134 -18.42 7.48 39.49
CA SER E 134 -19.53 7.05 38.65
C SER E 134 -18.99 5.95 37.71
N GLU E 135 -19.90 5.15 37.14
CA GLU E 135 -19.50 4.10 36.21
C GLU E 135 -18.70 4.65 35.01
N LEU E 136 -19.14 5.78 34.42
CA LEU E 136 -18.45 6.41 33.30
C LEU E 136 -17.06 6.87 33.71
N GLN E 137 -16.93 7.45 34.92
CA GLN E 137 -15.60 7.87 35.43
C GLN E 137 -14.67 6.65 35.55
N ILE E 138 -15.16 5.54 36.12
CA ILE E 138 -14.39 4.31 36.26
C ILE E 138 -14.03 3.76 34.86
N SER E 139 -14.98 3.79 33.91
CA SER E 139 -14.72 3.33 32.53
C SER E 139 -13.59 4.11 31.88
N TYR E 140 -13.60 5.45 32.03
CA TYR E 140 -12.53 6.29 31.51
C TYR E 140 -11.21 5.92 32.15
N VAL E 141 -11.19 5.77 33.49
CA VAL E 141 -9.96 5.38 34.18
C VAL E 141 -9.40 4.05 33.66
N CYS E 142 -10.27 3.04 33.57
CA CYS E 142 -9.84 1.70 33.14
C CYS E 142 -9.24 1.71 31.75
N ARG E 143 -9.84 2.45 30.81
CA ARG E 143 -9.29 2.57 29.46
C ARG E 143 -7.91 3.19 29.47
N GLU E 144 -7.70 4.28 30.26
CA GLU E 144 -6.40 4.93 30.35
C GLU E 144 -5.37 4.05 31.01
N VAL E 145 -5.76 3.28 32.04
CA VAL E 145 -4.82 2.36 32.68
C VAL E 145 -4.46 1.23 31.72
N LEU E 146 -5.47 0.69 31.01
CA LEU E 146 -5.28 -0.37 30.01
C LEU E 146 -4.35 0.11 28.91
N GLN E 147 -4.39 1.40 28.53
CA GLN E 147 -3.47 1.91 27.50
C GLN E 147 -2.02 1.91 28.01
N GLY E 148 -1.83 2.31 29.27
CA GLY E 148 -0.52 2.30 29.90
C GLY E 148 0.00 0.90 30.12
N LEU E 149 -0.88 -0.05 30.50
CA LEU E 149 -0.47 -1.44 30.73
C LEU E 149 -0.10 -2.11 29.41
N ALA E 150 -0.86 -1.86 28.34
CA ALA E 150 -0.53 -2.43 27.01
C ALA E 150 0.84 -1.95 26.54
N TYR E 151 1.19 -0.70 26.85
CA TYR E 151 2.51 -0.18 26.51
C TYR E 151 3.56 -0.84 27.37
N LEU E 152 3.32 -0.92 28.68
CA LEU E 152 4.28 -1.55 29.59
C LEU E 152 4.55 -3.01 29.24
N HIS E 153 3.49 -3.78 28.98
CA HIS E 153 3.58 -5.20 28.63
C HIS E 153 4.28 -5.42 27.29
N SER E 154 4.13 -4.48 26.36
CA SER E 154 4.84 -4.56 25.08
C SER E 154 6.35 -4.37 25.31
N GLN E 155 6.75 -3.53 26.29
CA GLN E 155 8.16 -3.34 26.64
C GLN E 155 8.71 -4.40 27.60
N LYS E 156 8.01 -5.55 27.73
CA LYS E 156 8.33 -6.67 28.61
C LYS E 156 8.42 -6.25 30.08
N LYS E 157 7.57 -5.30 30.50
CA LYS E 157 7.57 -4.84 31.89
C LYS E 157 6.25 -5.21 32.54
N ILE E 158 6.26 -5.42 33.84
CA ILE E 158 5.04 -5.69 34.62
C ILE E 158 4.96 -4.62 35.71
N HIS E 159 3.79 -4.00 35.93
CA HIS E 159 3.67 -2.97 36.99
C HIS E 159 3.66 -3.65 38.36
N ARG E 160 2.80 -4.68 38.52
CA ARG E 160 2.65 -5.49 39.72
C ARG E 160 2.06 -4.72 40.92
N ASP E 161 1.69 -3.45 40.74
CA ASP E 161 1.08 -2.70 41.85
C ASP E 161 -0.01 -1.75 41.38
N ILE E 162 -0.93 -2.26 40.57
CA ILE E 162 -2.02 -1.42 40.09
C ILE E 162 -3.04 -1.34 41.23
N LYS E 163 -3.35 -0.14 41.63
CA LYS E 163 -4.34 0.17 42.69
C LYS E 163 -4.58 1.69 42.63
N GLY E 164 -5.67 2.15 43.23
CA GLY E 164 -6.03 3.57 43.19
C GLY E 164 -4.94 4.50 43.68
N ALA E 165 -4.14 4.04 44.67
CA ALA E 165 -3.03 4.85 45.23
C ALA E 165 -1.92 5.11 44.18
N ASN E 166 -1.82 4.24 43.17
CA ASN E 166 -0.79 4.38 42.15
C ASN E 166 -1.28 4.90 40.82
N ILE E 167 -2.54 5.35 40.75
CA ILE E 167 -3.07 5.94 39.53
C ILE E 167 -3.28 7.42 39.86
N LEU E 168 -2.46 8.27 39.26
CA LEU E 168 -2.51 9.69 39.52
C LEU E 168 -3.36 10.46 38.52
N ILE E 169 -3.93 11.55 38.98
CA ILE E 169 -4.74 12.45 38.16
C ILE E 169 -4.02 13.80 38.11
N ASN E 170 -3.77 14.33 36.91
CA ASN E 170 -3.19 15.67 36.80
C ASN E 170 -4.31 16.73 36.73
N ASP E 171 -3.98 18.04 36.73
CA ASP E 171 -4.99 19.11 36.71
C ASP E 171 -5.89 19.09 35.49
N ALA E 172 -5.46 18.47 34.39
CA ALA E 172 -6.30 18.34 33.18
C ALA E 172 -7.23 17.11 33.21
N GLY E 173 -7.23 16.35 34.30
CA GLY E 173 -8.04 15.15 34.39
C GLY E 173 -7.43 13.96 33.67
N GLU E 174 -6.13 14.02 33.40
CA GLU E 174 -5.44 12.94 32.73
C GLU E 174 -4.94 11.90 33.72
N VAL E 175 -4.89 10.64 33.28
CA VAL E 175 -4.50 9.49 34.09
C VAL E 175 -3.06 9.09 33.90
N ARG E 176 -2.30 8.96 34.99
CA ARG E 176 -0.90 8.55 34.94
C ARG E 176 -0.61 7.44 35.93
N LEU E 177 0.04 6.36 35.48
CA LEU E 177 0.49 5.29 36.36
C LEU E 177 1.79 5.70 37.04
N ALA E 178 1.91 5.36 38.32
CA ALA E 178 3.10 5.70 39.08
C ALA E 178 3.59 4.53 39.97
N ASP E 179 4.79 4.67 40.54
CA ASP E 179 5.43 3.76 41.46
C ASP E 179 5.83 2.44 40.86
N PHE E 180 7.03 2.44 40.28
CA PHE E 180 7.61 1.23 39.71
C PHE E 180 8.56 0.52 40.71
N GLY E 181 8.35 0.75 42.01
CA GLY E 181 9.12 0.14 43.09
C GLY E 181 8.95 -1.37 43.20
N ILE E 182 7.70 -1.87 43.16
CA ILE E 182 7.46 -3.30 43.19
C ILE E 182 8.03 -3.94 41.92
N SER E 183 7.80 -3.29 40.78
CA SER E 183 8.26 -3.69 39.46
C SER E 183 9.78 -3.81 39.37
N ALA E 184 10.52 -2.97 40.13
CA ALA E 184 11.98 -2.98 40.13
C ALA E 184 12.50 -4.06 41.05
N GLN E 185 11.85 -4.25 42.23
CA GLN E 185 12.23 -5.28 43.19
C GLN E 185 12.10 -6.70 42.61
N ILE E 186 11.19 -6.89 41.64
CA ILE E 186 10.93 -8.15 40.98
C ILE E 186 11.91 -8.38 39.84
N GLY E 187 12.21 -7.34 39.08
CA GLY E 187 13.19 -7.42 38.01
C GLY E 187 14.60 -7.70 38.54
N ALA E 188 14.88 -7.26 39.77
CA ALA E 188 16.17 -7.52 40.40
C ALA E 188 16.17 -8.92 41.05
N GLU E 189 15.02 -9.37 41.59
CA GLU E 189 14.85 -10.67 42.20
C GLU E 189 15.00 -11.77 41.13
N LEU E 190 14.45 -11.53 39.92
CA LEU E 190 14.51 -12.46 38.81
C LEU E 190 15.95 -12.65 38.36
N ALA E 191 16.70 -11.56 38.18
CA ALA E 191 18.10 -11.62 37.75
C ALA E 191 18.97 -12.32 38.80
N ARG E 192 18.65 -12.14 40.10
CA ARG E 192 19.34 -12.79 41.21
C ARG E 192 19.04 -14.29 41.23
N ARG E 193 17.81 -14.68 40.90
CA ARG E 193 17.43 -16.09 40.85
C ARG E 193 18.22 -16.78 39.74
N LEU E 194 18.30 -16.15 38.56
CA LEU E 194 19.06 -16.65 37.41
C LEU E 194 20.56 -16.72 37.69
N GLU E 195 21.07 -15.85 38.58
CA GLU E 195 22.48 -15.79 38.94
C GLU E 195 22.84 -16.99 39.82
N PHE E 196 22.07 -17.21 40.89
CA PHE E 196 22.34 -18.30 41.82
C PHE E 196 21.56 -19.56 41.51
N ILE E 197 21.15 -19.79 40.24
CA ILE E 197 20.41 -20.99 39.85
C ILE E 197 21.19 -22.27 40.23
N GLY E 198 22.47 -22.31 39.88
CA GLY E 198 23.29 -23.48 40.22
C GLY E 198 23.08 -24.62 39.24
N THR E 199 23.80 -25.72 39.47
CA THR E 199 23.74 -26.91 38.60
C THR E 199 22.31 -27.43 38.43
N PRO E 200 21.86 -27.68 37.19
CA PRO E 200 20.45 -28.03 36.98
C PRO E 200 20.07 -29.49 36.79
N TYR E 201 21.04 -30.39 36.63
CA TYR E 201 20.74 -31.79 36.23
C TYR E 201 19.80 -32.56 37.17
N TRP E 202 19.83 -32.25 38.48
CA TRP E 202 18.97 -32.95 39.44
C TRP E 202 17.68 -32.16 39.78
N MET E 203 17.49 -31.00 39.16
CA MET E 203 16.33 -30.15 39.44
C MET E 203 15.08 -30.62 38.78
N ALA E 204 13.98 -30.59 39.54
CA ALA E 204 12.66 -30.86 38.97
C ALA E 204 12.33 -29.75 37.95
N PRO E 205 11.60 -30.07 36.87
CA PRO E 205 11.29 -29.05 35.85
C PRO E 205 10.61 -27.79 36.37
N GLU E 206 9.74 -27.92 37.40
CA GLU E 206 9.05 -26.75 37.97
C GLU E 206 10.03 -25.86 38.73
N VAL E 207 11.13 -26.40 39.26
CA VAL E 207 12.14 -25.59 39.95
C VAL E 207 12.89 -24.77 38.91
N ALA E 208 13.28 -25.40 37.80
CA ALA E 208 13.97 -24.72 36.72
C ALA E 208 13.08 -23.67 36.06
N ALA E 209 11.77 -23.95 35.94
CA ALA E 209 10.83 -23.02 35.35
C ALA E 209 10.65 -21.72 36.17
N VAL E 210 10.46 -21.83 37.50
CA VAL E 210 10.27 -20.64 38.33
C VAL E 210 11.56 -19.80 38.47
N ALA E 211 12.72 -20.37 38.16
CA ALA E 211 13.98 -19.62 38.17
C ALA E 211 14.25 -18.93 36.82
N LEU E 212 13.64 -19.41 35.73
CA LEU E 212 13.82 -18.79 34.42
C LEU E 212 12.63 -17.85 34.03
N LYS E 213 11.44 -18.10 34.60
CA LYS E 213 10.22 -17.37 34.27
C LYS E 213 9.48 -16.76 35.48
N GLY E 214 9.85 -17.13 36.70
CA GLY E 214 9.30 -16.51 37.90
C GLY E 214 8.14 -17.12 38.68
N GLY E 215 7.05 -17.44 38.00
CA GLY E 215 5.87 -17.95 38.69
C GLY E 215 4.56 -17.35 38.22
N TYR E 216 4.63 -16.18 37.54
CA TYR E 216 3.48 -15.48 36.98
C TYR E 216 3.92 -14.50 35.88
N ASN E 217 2.97 -13.98 35.09
CA ASN E 217 3.27 -13.05 34.02
C ASN E 217 2.51 -11.70 34.18
N GLU E 218 2.56 -10.85 33.14
CA GLU E 218 1.96 -9.52 33.06
C GLU E 218 0.44 -9.50 33.20
N LEU E 219 -0.22 -10.66 33.04
CA LEU E 219 -1.66 -10.74 33.22
C LEU E 219 -2.08 -10.51 34.69
N CYS E 220 -1.13 -10.50 35.63
CA CYS E 220 -1.42 -10.21 37.03
C CYS E 220 -1.95 -8.75 37.14
N ASP E 221 -1.48 -7.83 36.24
CA ASP E 221 -1.91 -6.43 36.18
C ASP E 221 -3.36 -6.30 35.79
N ILE E 222 -3.88 -7.22 34.91
CA ILE E 222 -5.27 -7.20 34.47
C ILE E 222 -6.19 -7.53 35.66
N TRP E 223 -5.79 -8.49 36.49
CA TRP E 223 -6.53 -8.82 37.70
C TRP E 223 -6.58 -7.59 38.61
N SER E 224 -5.42 -6.99 38.90
CA SER E 224 -5.31 -5.81 39.77
C SER E 224 -6.15 -4.67 39.28
N LEU E 225 -6.25 -4.48 37.96
CA LEU E 225 -7.14 -3.43 37.43
C LEU E 225 -8.63 -3.73 37.70
N GLY E 226 -9.01 -5.01 37.71
CA GLY E 226 -10.39 -5.40 38.02
C GLY E 226 -10.70 -5.08 39.46
N ILE E 227 -9.75 -5.35 40.35
CA ILE E 227 -9.89 -5.03 41.77
C ILE E 227 -9.96 -3.52 41.96
N THR E 228 -9.14 -2.77 41.21
CA THR E 228 -9.12 -1.30 41.31
C THR E 228 -10.48 -0.74 40.88
N ALA E 229 -11.13 -1.36 39.86
CA ALA E 229 -12.45 -0.88 39.44
C ALA E 229 -13.47 -1.06 40.57
N ILE E 230 -13.35 -2.15 41.36
CA ILE E 230 -14.21 -2.34 42.53
C ILE E 230 -13.86 -1.31 43.61
N GLU E 231 -12.59 -1.04 43.80
CA GLU E 231 -12.11 -0.05 44.75
C GLU E 231 -12.67 1.34 44.44
N LEU E 232 -12.67 1.74 43.18
CA LEU E 232 -13.21 3.04 42.77
C LEU E 232 -14.74 3.10 42.94
N ALA E 233 -15.43 1.97 42.72
CA ALA E 233 -16.87 1.89 42.85
C ALA E 233 -17.35 1.77 44.31
N GLU E 234 -16.57 1.13 45.20
CA GLU E 234 -16.97 0.85 46.59
C GLU E 234 -16.12 1.44 47.69
N LEU E 235 -15.05 2.17 47.33
CA LEU E 235 -14.15 2.86 48.27
C LEU E 235 -13.13 1.94 48.98
N GLN E 236 -13.12 0.66 48.64
CA GLN E 236 -12.17 -0.29 49.17
C GLN E 236 -12.16 -1.54 48.31
N PRO E 237 -11.01 -2.20 48.21
CA PRO E 237 -10.96 -3.47 47.47
C PRO E 237 -11.74 -4.54 48.26
N PRO E 238 -12.19 -5.61 47.59
CA PRO E 238 -12.94 -6.66 48.30
C PRO E 238 -12.14 -7.25 49.44
N LEU E 239 -12.80 -7.52 50.57
CA LEU E 239 -12.21 -8.12 51.78
C LEU E 239 -11.18 -7.26 52.46
N PHE E 240 -11.20 -5.94 52.21
CA PHE E 240 -10.26 -5.00 52.82
C PHE E 240 -10.30 -5.08 54.34
N ASP E 241 -11.48 -5.29 54.92
CA ASP E 241 -11.65 -5.41 56.37
C ASP E 241 -11.13 -6.72 56.91
N VAL E 242 -11.15 -7.79 56.10
CA VAL E 242 -10.67 -9.11 56.51
C VAL E 242 -9.15 -9.04 56.69
N HIS E 243 -8.61 -9.76 57.67
CA HIS E 243 -7.18 -9.75 57.98
C HIS E 243 -6.31 -10.03 56.75
N PRO E 244 -5.22 -9.27 56.55
CA PRO E 244 -4.39 -9.43 55.34
C PRO E 244 -3.70 -10.79 55.20
N LEU E 245 -3.23 -11.37 56.32
CA LEU E 245 -2.64 -12.72 56.28
C LEU E 245 -3.74 -13.75 56.01
N ARG E 246 -4.95 -13.53 56.54
CA ARG E 246 -6.11 -14.37 56.29
C ARG E 246 -6.52 -14.27 54.83
N VAL E 247 -6.46 -13.07 54.23
CA VAL E 247 -6.82 -12.85 52.82
C VAL E 247 -5.79 -13.53 51.91
N LEU E 248 -4.50 -13.38 52.25
CA LEU E 248 -3.41 -13.99 51.51
C LEU E 248 -3.56 -15.52 51.50
N PHE E 249 -4.00 -16.10 52.63
CA PHE E 249 -4.20 -17.55 52.70
C PHE E 249 -5.50 -17.98 52.01
N LEU E 250 -6.56 -17.17 52.11
CA LEU E 250 -7.84 -17.43 51.45
C LEU E 250 -7.69 -17.48 49.94
N MET E 251 -6.90 -16.56 49.37
CA MET E 251 -6.70 -16.46 47.93
C MET E 251 -6.05 -17.70 47.31
N THR E 252 -5.30 -18.47 48.12
CA THR E 252 -4.60 -19.68 47.70
C THR E 252 -5.45 -20.95 47.84
N LYS E 253 -6.50 -20.92 48.66
CA LYS E 253 -7.40 -22.05 48.87
C LYS E 253 -8.09 -22.43 47.55
N SER E 254 -8.24 -23.74 47.30
CA SER E 254 -8.86 -24.30 46.10
C SER E 254 -10.28 -23.78 45.83
N GLY E 255 -11.02 -23.49 46.89
CA GLY E 255 -12.39 -22.99 46.75
C GLY E 255 -12.50 -21.49 46.55
N TYR E 256 -11.37 -20.75 46.50
CA TYR E 256 -11.40 -19.29 46.30
C TYR E 256 -12.12 -18.88 45.02
N GLN E 257 -13.05 -17.97 45.15
CA GLN E 257 -13.83 -17.50 44.01
C GLN E 257 -13.58 -16.01 43.81
N PRO E 258 -13.43 -15.57 42.55
CA PRO E 258 -13.20 -14.14 42.29
C PRO E 258 -14.32 -13.26 42.85
N PRO E 259 -13.95 -12.09 43.39
CA PRO E 259 -14.97 -11.20 43.94
C PRO E 259 -15.84 -10.54 42.88
N ARG E 260 -16.94 -9.94 43.29
CA ARG E 260 -17.86 -9.24 42.39
C ARG E 260 -18.29 -7.89 43.02
N LEU E 261 -18.95 -7.04 42.21
CA LEU E 261 -19.52 -5.79 42.70
C LEU E 261 -20.66 -6.11 43.67
N LYS E 262 -20.74 -5.41 44.80
CA LYS E 262 -21.76 -5.67 45.83
C LYS E 262 -23.21 -5.39 45.38
N GLU E 263 -23.52 -4.15 44.96
CA GLU E 263 -24.87 -3.80 44.54
C GLU E 263 -24.97 -4.08 43.07
N LYS E 264 -25.85 -5.00 42.65
CA LYS E 264 -25.96 -5.35 41.23
C LYS E 264 -26.73 -4.32 40.39
N GLY E 265 -27.80 -3.77 40.94
CA GLY E 265 -28.64 -2.80 40.21
C GLY E 265 -27.97 -1.46 39.94
N LYS E 266 -26.98 -1.10 40.76
CA LYS E 266 -26.27 0.16 40.62
C LYS E 266 -25.37 0.22 39.36
N TRP E 267 -24.96 -0.94 38.82
CA TRP E 267 -24.02 -0.99 37.71
C TRP E 267 -24.55 -1.70 36.47
N SER E 268 -24.11 -1.28 35.28
CA SER E 268 -24.56 -1.88 34.04
C SER E 268 -24.06 -3.33 33.86
N ALA E 269 -24.67 -4.08 32.95
CA ALA E 269 -24.25 -5.45 32.66
C ALA E 269 -22.81 -5.47 32.13
N ALA E 270 -22.44 -4.46 31.31
CA ALA E 270 -21.11 -4.33 30.76
C ALA E 270 -20.04 -4.13 31.87
N PHE E 271 -20.37 -3.42 32.96
CA PHE E 271 -19.43 -3.23 34.08
C PHE E 271 -19.28 -4.56 34.84
N HIS E 272 -20.40 -5.26 35.07
CA HIS E 272 -20.35 -6.58 35.70
C HIS E 272 -19.50 -7.55 34.88
N ASN E 273 -19.59 -7.46 33.55
CA ASN E 273 -18.82 -8.31 32.64
C ASN E 273 -17.35 -7.93 32.62
N PHE E 274 -17.04 -6.63 32.66
CA PHE E 274 -15.65 -6.15 32.74
C PHE E 274 -14.99 -6.73 34.00
N ILE E 275 -15.70 -6.70 35.13
CA ILE E 275 -15.20 -7.26 36.37
C ILE E 275 -15.04 -8.78 36.21
N LYS E 276 -16.05 -9.46 35.66
CA LYS E 276 -15.99 -10.91 35.48
C LYS E 276 -14.79 -11.36 34.65
N VAL E 277 -14.52 -10.70 33.51
CA VAL E 277 -13.42 -11.13 32.64
C VAL E 277 -12.03 -10.67 33.13
N THR E 278 -11.90 -9.47 33.77
CA THR E 278 -10.59 -9.07 34.31
C THR E 278 -10.24 -9.98 35.50
N LEU E 279 -11.25 -10.36 36.31
CA LEU E 279 -11.02 -11.21 37.46
C LEU E 279 -11.13 -12.71 37.16
N THR E 280 -10.57 -13.14 36.01
CA THR E 280 -10.56 -14.54 35.62
C THR E 280 -9.54 -15.22 36.49
N LYS E 281 -9.97 -16.21 37.30
CA LYS E 281 -9.07 -16.88 38.22
C LYS E 281 -7.81 -17.45 37.56
N SER E 282 -7.97 -18.14 36.43
CA SER E 282 -6.86 -18.73 35.70
C SER E 282 -6.11 -17.72 34.86
N PRO E 283 -4.81 -17.49 35.13
CA PRO E 283 -4.05 -16.55 34.30
C PRO E 283 -4.03 -16.89 32.82
N LYS E 284 -4.11 -18.18 32.49
CA LYS E 284 -4.08 -18.65 31.11
C LYS E 284 -5.31 -18.20 30.31
N LYS E 285 -6.45 -18.03 30.97
CA LYS E 285 -7.68 -17.63 30.28
C LYS E 285 -8.02 -16.12 30.41
N ARG E 286 -7.33 -15.41 31.32
CA ARG E 286 -7.51 -13.96 31.54
C ARG E 286 -7.05 -13.17 30.32
N PRO E 287 -7.88 -12.24 29.81
CA PRO E 287 -7.47 -11.46 28.63
C PRO E 287 -6.34 -10.46 28.83
N SER E 288 -5.60 -10.20 27.73
CA SER E 288 -4.48 -9.25 27.70
C SER E 288 -4.98 -7.79 27.76
N ALA E 289 -4.06 -6.85 27.95
CA ALA E 289 -4.43 -5.44 27.98
C ALA E 289 -5.03 -4.97 26.65
N THR E 290 -4.43 -5.37 25.51
CA THR E 290 -4.98 -4.97 24.21
C THR E 290 -6.34 -5.59 23.95
N LYS E 291 -6.56 -6.85 24.39
CA LYS E 291 -7.87 -7.49 24.21
C LYS E 291 -8.90 -6.76 25.07
N MET E 292 -8.54 -6.43 26.33
CA MET E 292 -9.48 -5.70 27.20
C MET E 292 -9.88 -4.35 26.62
N LEU E 293 -9.00 -3.70 25.86
CA LEU E 293 -9.30 -2.40 25.25
C LEU E 293 -10.51 -2.46 24.29
N SER E 294 -10.85 -3.64 23.77
CA SER E 294 -12.02 -3.79 22.90
C SER E 294 -13.31 -4.12 23.65
N HIS E 295 -13.25 -4.27 24.98
CA HIS E 295 -14.44 -4.54 25.78
C HIS E 295 -15.38 -3.32 25.73
N GLN E 296 -16.67 -3.56 25.65
CA GLN E 296 -17.73 -2.57 25.58
C GLN E 296 -17.57 -1.40 26.58
N LEU E 297 -17.21 -1.71 27.83
CA LEU E 297 -17.06 -0.73 28.90
C LEU E 297 -16.02 0.33 28.60
N VAL E 298 -14.89 -0.07 28.00
CA VAL E 298 -13.81 0.88 27.74
C VAL E 298 -13.78 1.38 26.30
N SER E 299 -14.42 0.68 25.35
CA SER E 299 -14.46 1.19 23.96
C SER E 299 -15.66 2.15 23.71
N GLN E 300 -16.53 2.35 24.73
CA GLN E 300 -17.67 3.27 24.80
C GLN E 300 -17.29 4.65 24.23
N PRO E 301 -18.24 5.34 23.58
CA PRO E 301 -17.88 6.63 22.96
C PRO E 301 -17.59 7.82 23.88
N GLY E 302 -18.48 8.14 24.82
CA GLY E 302 -18.33 9.33 25.65
C GLY E 302 -17.26 9.37 26.74
N LEU E 303 -16.17 8.59 26.59
CA LEU E 303 -15.13 8.57 27.60
C LEU E 303 -14.01 9.59 27.36
N ASN E 304 -13.95 10.65 28.18
CA ASN E 304 -12.88 11.66 28.05
C ASN E 304 -12.47 12.27 29.40
N ARG E 305 -11.32 12.97 29.45
CA ARG E 305 -10.81 13.61 30.67
C ARG E 305 -11.79 14.55 31.35
N GLY E 306 -12.82 14.98 30.63
CA GLY E 306 -13.86 15.82 31.22
C GLY E 306 -14.68 15.12 32.28
N LEU E 307 -14.72 13.77 32.24
CA LEU E 307 -15.42 13.02 33.30
C LEU E 307 -14.64 13.18 34.61
N ILE E 308 -13.32 13.19 34.52
CA ILE E 308 -12.46 13.36 35.69
C ILE E 308 -12.41 14.84 36.14
N LEU E 309 -12.62 15.80 35.21
CA LEU E 309 -12.75 17.21 35.58
C LEU E 309 -14.00 17.39 36.42
N ASP E 310 -15.10 16.66 36.12
CA ASP E 310 -16.33 16.67 36.91
C ASP E 310 -16.04 16.17 38.33
N LEU E 311 -15.20 15.12 38.45
CA LEU E 311 -14.81 14.56 39.74
C LEU E 311 -13.96 15.58 40.52
N LEU E 312 -13.05 16.30 39.82
CA LEU E 312 -12.22 17.31 40.49
C LEU E 312 -13.06 18.53 40.91
N ASP E 313 -14.13 18.84 40.16
CA ASP E 313 -15.07 19.90 40.54
C ASP E 313 -15.74 19.53 41.87
N LYS E 314 -16.12 18.25 42.02
CA LYS E 314 -16.74 17.70 43.23
C LYS E 314 -15.70 17.69 44.38
N LEU E 315 -14.43 17.38 44.06
CA LEU E 315 -13.32 17.37 45.02
C LEU E 315 -13.16 18.75 45.64
N LYS E 316 -13.32 19.81 44.86
CA LYS E 316 -13.21 21.18 45.38
C LYS E 316 -14.45 21.57 46.17
N PHE F 33 50.94 -19.82 -36.32
CA PHE F 33 51.63 -18.60 -36.72
C PHE F 33 52.89 -18.37 -35.91
N ASN F 34 54.06 -18.72 -36.45
CA ASN F 34 55.34 -18.51 -35.76
C ASN F 34 55.72 -17.04 -35.94
N ARG F 35 55.04 -16.15 -35.20
CA ARG F 35 55.23 -14.71 -35.25
C ARG F 35 54.72 -14.08 -33.94
N ASP F 36 55.31 -12.94 -33.56
CA ASP F 36 54.90 -12.25 -32.34
C ASP F 36 53.52 -11.64 -32.53
N PRO F 37 52.55 -12.01 -31.66
CA PRO F 37 51.18 -11.48 -31.83
C PRO F 37 51.02 -9.99 -31.54
N ARG F 38 51.98 -9.36 -30.84
CA ARG F 38 51.93 -7.93 -30.54
C ARG F 38 52.05 -7.03 -31.79
N ASP F 39 52.45 -7.58 -32.94
CA ASP F 39 52.54 -6.82 -34.17
C ASP F 39 51.14 -6.59 -34.75
N HIS F 40 50.26 -7.60 -34.63
CA HIS F 40 48.90 -7.52 -35.15
C HIS F 40 47.88 -6.95 -34.15
N TYR F 41 48.13 -7.11 -32.83
CA TYR F 41 47.17 -6.64 -31.84
C TYR F 41 47.78 -5.94 -30.63
N ASP F 42 47.02 -5.04 -30.01
CA ASP F 42 47.44 -4.32 -28.81
C ASP F 42 46.70 -4.90 -27.60
N LEU F 43 47.43 -5.34 -26.59
CA LEU F 43 46.82 -5.92 -25.39
C LEU F 43 46.23 -4.84 -24.50
N LEU F 44 44.89 -4.71 -24.50
CA LEU F 44 44.19 -3.70 -23.73
C LEU F 44 44.07 -4.02 -22.23
N GLN F 45 43.50 -5.20 -21.87
CA GLN F 45 43.35 -5.54 -20.46
C GLN F 45 43.50 -7.03 -20.12
N ARG F 46 43.86 -7.32 -18.86
CA ARG F 46 44.00 -8.68 -18.36
C ARG F 46 42.62 -9.13 -17.87
N LEU F 47 41.96 -10.01 -18.63
CA LEU F 47 40.61 -10.48 -18.31
C LEU F 47 40.54 -11.50 -17.17
N GLY F 48 41.66 -12.15 -16.87
CA GLY F 48 41.74 -13.17 -15.84
C GLY F 48 42.40 -14.42 -16.38
N GLY F 49 42.06 -15.56 -15.79
CA GLY F 49 42.63 -16.83 -16.23
C GLY F 49 41.64 -17.98 -16.27
N GLY F 50 41.89 -18.94 -17.15
CA GLY F 50 41.02 -20.11 -17.26
C GLY F 50 41.58 -21.27 -16.47
N THR F 51 41.30 -22.52 -16.91
CA THR F 51 41.82 -23.75 -16.28
C THR F 51 43.36 -23.68 -16.21
N TYR F 52 43.98 -23.14 -17.28
CA TYR F 52 45.40 -22.86 -17.35
C TYR F 52 45.63 -21.67 -18.28
N GLY F 53 46.68 -20.89 -18.03
CA GLY F 53 46.99 -19.73 -18.85
C GLY F 53 46.22 -18.48 -18.48
N GLU F 54 46.50 -17.37 -19.19
CA GLU F 54 45.85 -16.09 -18.92
C GLU F 54 45.17 -15.54 -20.17
N VAL F 55 44.01 -14.89 -20.01
CA VAL F 55 43.28 -14.34 -21.15
C VAL F 55 43.39 -12.82 -21.22
N PHE F 56 43.66 -12.28 -22.41
CA PHE F 56 43.76 -10.85 -22.60
C PHE F 56 42.76 -10.31 -23.62
N LYS F 57 42.16 -9.17 -23.32
CA LYS F 57 41.28 -8.49 -24.26
C LYS F 57 42.21 -7.68 -25.14
N ALA F 58 42.24 -7.95 -26.44
CA ALA F 58 43.14 -7.25 -27.36
C ALA F 58 42.39 -6.59 -28.52
N ARG F 59 42.99 -5.55 -29.13
CA ARG F 59 42.34 -4.86 -30.25
C ARG F 59 43.19 -4.99 -31.51
N ASP F 60 42.57 -5.29 -32.65
CA ASP F 60 43.29 -5.44 -33.92
C ASP F 60 43.74 -4.07 -34.41
N LYS F 61 44.99 -3.96 -34.89
CA LYS F 61 45.54 -2.71 -35.39
C LYS F 61 44.92 -2.32 -36.73
N ASP F 65 37.90 -4.36 -34.08
CA ASP F 65 37.76 -5.80 -33.89
C ASP F 65 38.49 -6.28 -32.65
N LEU F 66 37.74 -6.58 -31.58
CA LEU F 66 38.35 -7.07 -30.36
C LEU F 66 38.49 -8.59 -30.37
N VAL F 67 39.52 -9.12 -29.71
CA VAL F 67 39.80 -10.56 -29.62
C VAL F 67 40.19 -10.95 -28.19
N ALA F 68 40.17 -12.25 -27.88
CA ALA F 68 40.60 -12.76 -26.59
C ALA F 68 41.79 -13.65 -26.84
N LEU F 69 42.98 -13.20 -26.44
CA LEU F 69 44.20 -13.99 -26.64
C LEU F 69 44.54 -14.74 -25.35
N LYS F 70 44.61 -16.07 -25.44
CA LYS F 70 44.95 -16.91 -24.30
C LYS F 70 46.44 -17.25 -24.37
N MET F 71 47.22 -16.77 -23.41
CA MET F 71 48.66 -17.01 -23.38
C MET F 71 49.03 -18.14 -22.41
N VAL F 72 49.74 -19.17 -22.92
CA VAL F 72 50.20 -20.31 -22.12
C VAL F 72 51.74 -20.35 -22.20
N LYS F 73 52.43 -20.59 -21.07
CA LYS F 73 53.89 -20.63 -21.05
C LYS F 73 54.46 -21.89 -21.74
N ASP F 79 55.66 -31.07 -21.34
CA ASP F 79 54.74 -31.91 -22.11
C ASP F 79 53.64 -31.04 -22.73
N VAL F 80 53.55 -31.06 -24.06
CA VAL F 80 52.58 -30.27 -24.82
C VAL F 80 51.38 -31.10 -25.34
N SER F 81 51.17 -32.31 -24.80
CA SER F 81 50.05 -33.16 -25.21
C SER F 81 48.71 -32.47 -24.94
N THR F 82 48.58 -31.82 -23.79
CA THR F 82 47.37 -31.12 -23.38
C THR F 82 47.07 -29.95 -24.32
N LEU F 83 48.08 -29.10 -24.57
CA LEU F 83 47.94 -27.96 -25.46
C LEU F 83 47.64 -28.38 -26.91
N GLN F 84 48.27 -29.47 -27.38
CA GLN F 84 48.02 -30.00 -28.73
C GLN F 84 46.58 -30.55 -28.85
N LYS F 85 46.03 -31.09 -27.75
CA LYS F 85 44.65 -31.60 -27.74
C LYS F 85 43.67 -30.44 -27.78
N GLU F 86 43.95 -29.34 -27.05
CA GLU F 86 43.09 -28.16 -27.05
C GLU F 86 43.01 -27.50 -28.42
N ILE F 87 44.17 -27.36 -29.09
CA ILE F 87 44.26 -26.78 -30.43
C ILE F 87 43.41 -27.59 -31.41
N LEU F 88 43.52 -28.93 -31.32
CA LEU F 88 42.76 -29.86 -32.15
C LEU F 88 41.25 -29.68 -31.96
N ILE F 89 40.80 -29.58 -30.69
CA ILE F 89 39.39 -29.40 -30.38
C ILE F 89 38.88 -28.09 -30.96
N LEU F 90 39.58 -26.98 -30.71
CA LEU F 90 39.21 -25.66 -31.20
C LEU F 90 39.18 -25.59 -32.73
N LYS F 91 40.10 -26.30 -33.38
CA LYS F 91 40.17 -26.32 -34.84
C LYS F 91 39.04 -27.15 -35.46
N THR F 92 38.69 -28.28 -34.84
CA THR F 92 37.65 -29.15 -35.38
C THR F 92 36.24 -28.78 -34.89
N CYS F 93 36.09 -27.80 -33.97
CA CYS F 93 34.78 -27.35 -33.52
C CYS F 93 34.21 -26.33 -34.47
N ARG F 94 33.12 -26.69 -35.14
CA ARG F 94 32.47 -25.81 -36.10
C ARG F 94 31.01 -25.69 -35.67
N HIS F 95 30.73 -24.84 -34.65
CA HIS F 95 29.36 -24.69 -34.18
C HIS F 95 29.01 -23.30 -33.66
N ALA F 96 27.74 -22.90 -33.87
CA ALA F 96 27.15 -21.64 -33.45
C ALA F 96 27.14 -21.43 -31.92
N ASN F 97 27.26 -22.50 -31.14
CA ASN F 97 27.24 -22.37 -29.68
C ASN F 97 28.58 -22.63 -29.03
N ILE F 98 29.67 -22.51 -29.77
CA ILE F 98 31.01 -22.66 -29.24
C ILE F 98 31.80 -21.37 -29.58
N VAL F 99 32.68 -20.89 -28.67
CA VAL F 99 33.48 -19.68 -28.88
C VAL F 99 34.29 -19.76 -30.21
N ALA F 100 34.26 -18.69 -31.03
CA ALA F 100 34.96 -18.73 -32.31
C ALA F 100 36.45 -18.81 -32.11
N TYR F 101 37.10 -19.67 -32.90
CA TYR F 101 38.54 -19.88 -32.85
C TYR F 101 39.16 -19.19 -34.08
N HIS F 102 40.20 -18.36 -33.86
CA HIS F 102 40.85 -17.63 -34.95
C HIS F 102 42.24 -18.16 -35.34
N GLY F 103 42.87 -18.95 -34.48
CA GLY F 103 44.21 -19.47 -34.76
C GLY F 103 45.20 -19.25 -33.63
N SER F 104 46.30 -20.01 -33.62
CA SER F 104 47.30 -19.89 -32.55
C SER F 104 48.64 -19.32 -33.02
N TYR F 105 49.18 -18.36 -32.27
CA TYR F 105 50.45 -17.72 -32.56
C TYR F 105 51.51 -18.23 -31.58
N LEU F 106 52.51 -18.98 -32.06
CA LEU F 106 53.58 -19.45 -31.19
C LEU F 106 54.78 -18.48 -31.29
N TRP F 107 55.28 -17.99 -30.14
CA TRP F 107 56.39 -17.03 -30.13
C TRP F 107 57.04 -16.85 -28.75
N LEU F 108 58.37 -17.09 -28.67
CA LEU F 108 59.21 -16.89 -27.48
C LEU F 108 58.77 -17.69 -26.25
N GLN F 109 58.53 -19.01 -26.43
CA GLN F 109 58.08 -19.93 -25.39
C GLN F 109 56.73 -19.54 -24.80
N LYS F 110 55.85 -18.94 -25.61
CA LYS F 110 54.51 -18.50 -25.21
C LYS F 110 53.52 -18.77 -26.33
N LEU F 111 52.56 -19.67 -26.11
CA LEU F 111 51.54 -19.98 -27.10
C LEU F 111 50.38 -19.00 -26.92
N TRP F 112 49.89 -18.41 -28.02
CA TRP F 112 48.81 -17.44 -27.95
C TRP F 112 47.61 -17.91 -28.77
N ILE F 113 46.57 -18.42 -28.10
CA ILE F 113 45.38 -18.89 -28.80
C ILE F 113 44.40 -17.74 -28.98
N CYS F 114 44.16 -17.35 -30.24
CA CYS F 114 43.25 -16.25 -30.54
C CYS F 114 41.82 -16.76 -30.64
N MET F 115 40.93 -16.13 -29.88
CA MET F 115 39.53 -16.52 -29.83
C MET F 115 38.61 -15.28 -29.87
N GLU F 116 37.33 -15.50 -30.16
CA GLU F 116 36.34 -14.43 -30.22
C GLU F 116 36.20 -13.71 -28.87
N PHE F 117 36.14 -12.38 -28.90
CA PHE F 117 35.93 -11.61 -27.69
C PHE F 117 34.43 -11.45 -27.49
N CYS F 118 33.90 -12.07 -26.43
CA CYS F 118 32.47 -11.98 -26.14
C CYS F 118 32.27 -10.80 -25.20
N GLY F 119 31.79 -9.69 -25.77
CA GLY F 119 31.60 -8.40 -25.12
C GLY F 119 31.05 -8.35 -23.70
N ALA F 120 30.04 -9.18 -23.41
CA ALA F 120 29.46 -9.21 -22.07
C ALA F 120 30.18 -10.19 -21.11
N GLY F 121 31.21 -10.85 -21.58
CA GLY F 121 31.94 -11.82 -20.77
C GLY F 121 31.10 -13.06 -20.56
N SER F 122 31.35 -13.74 -19.45
CA SER F 122 30.64 -14.96 -19.11
C SER F 122 29.31 -14.66 -18.44
N LEU F 123 28.45 -15.67 -18.31
CA LEU F 123 27.21 -15.52 -17.55
C LEU F 123 27.51 -15.18 -16.09
N GLN F 124 28.69 -15.60 -15.53
CA GLN F 124 29.06 -15.21 -14.17
C GLN F 124 29.40 -13.72 -14.11
N ASP F 125 30.11 -13.18 -15.12
CA ASP F 125 30.37 -11.74 -15.21
C ASP F 125 29.04 -10.96 -15.27
N ILE F 126 28.02 -11.53 -15.95
CA ILE F 126 26.72 -10.91 -16.12
C ILE F 126 25.88 -10.96 -14.87
N TYR F 127 25.61 -12.16 -14.29
CA TYR F 127 24.76 -12.25 -13.11
C TYR F 127 25.37 -11.59 -11.87
N GLN F 128 26.71 -11.40 -11.83
CA GLN F 128 27.31 -10.69 -10.70
C GLN F 128 26.89 -9.20 -10.69
N VAL F 129 26.46 -8.66 -11.85
CA VAL F 129 25.98 -7.30 -12.04
C VAL F 129 24.44 -7.25 -12.09
N THR F 130 23.80 -8.08 -12.93
CA THR F 130 22.34 -8.04 -13.10
C THR F 130 21.52 -8.90 -12.15
N GLY F 131 22.17 -9.73 -11.36
CA GLY F 131 21.46 -10.62 -10.47
C GLY F 131 20.89 -11.83 -11.20
N SER F 132 19.93 -12.51 -10.60
CA SER F 132 19.34 -13.72 -11.15
C SER F 132 18.77 -13.52 -12.53
N LEU F 133 19.03 -14.47 -13.42
CA LEU F 133 18.47 -14.43 -14.76
C LEU F 133 16.99 -14.81 -14.67
N SER F 134 16.15 -14.35 -15.60
CA SER F 134 14.75 -14.73 -15.62
C SER F 134 14.63 -16.20 -16.09
N GLU F 135 13.45 -16.82 -15.89
CA GLU F 135 13.26 -18.21 -16.30
C GLU F 135 13.39 -18.38 -17.79
N LEU F 136 12.80 -17.47 -18.58
CA LEU F 136 12.90 -17.57 -20.03
C LEU F 136 14.35 -17.41 -20.51
N GLN F 137 15.13 -16.56 -19.82
CA GLN F 137 16.54 -16.36 -20.18
C GLN F 137 17.37 -17.61 -19.87
N ILE F 138 17.15 -18.22 -18.69
CA ILE F 138 17.86 -19.46 -18.36
C ILE F 138 17.50 -20.56 -19.35
N SER F 139 16.21 -20.65 -19.72
CA SER F 139 15.73 -21.66 -20.66
C SER F 139 16.39 -21.51 -22.02
N TYR F 140 16.60 -20.26 -22.49
CA TYR F 140 17.26 -20.01 -23.77
C TYR F 140 18.74 -20.42 -23.67
N VAL F 141 19.40 -20.07 -22.57
CA VAL F 141 20.81 -20.44 -22.34
C VAL F 141 20.95 -21.97 -22.29
N CYS F 142 20.02 -22.66 -21.60
CA CYS F 142 20.06 -24.13 -21.55
C CYS F 142 19.86 -24.72 -22.92
N ARG F 143 18.98 -24.13 -23.73
CA ARG F 143 18.75 -24.62 -25.09
C ARG F 143 20.01 -24.48 -25.94
N GLU F 144 20.73 -23.34 -25.82
CA GLU F 144 21.93 -23.08 -26.61
C GLU F 144 23.08 -23.95 -26.14
N VAL F 145 23.23 -24.11 -24.82
CA VAL F 145 24.25 -24.98 -24.24
C VAL F 145 23.99 -26.43 -24.67
N LEU F 146 22.73 -26.91 -24.59
CA LEU F 146 22.37 -28.28 -25.02
C LEU F 146 22.69 -28.47 -26.49
N GLN F 147 22.46 -27.45 -27.31
CA GLN F 147 22.77 -27.52 -28.73
C GLN F 147 24.26 -27.71 -28.95
N GLY F 148 25.09 -27.03 -28.16
CA GLY F 148 26.54 -27.13 -28.24
C GLY F 148 27.04 -28.47 -27.73
N LEU F 149 26.44 -28.96 -26.64
CA LEU F 149 26.77 -30.24 -26.05
C LEU F 149 26.43 -31.39 -26.99
N ALA F 150 25.27 -31.33 -27.65
CA ALA F 150 24.86 -32.38 -28.58
C ALA F 150 25.78 -32.42 -29.80
N TYR F 151 26.33 -31.26 -30.23
CA TYR F 151 27.26 -31.22 -31.34
C TYR F 151 28.59 -31.85 -30.92
N LEU F 152 29.12 -31.47 -29.73
CA LEU F 152 30.40 -32.00 -29.24
C LEU F 152 30.31 -33.51 -29.02
N HIS F 153 29.21 -33.97 -28.39
CA HIS F 153 29.02 -35.39 -28.10
C HIS F 153 28.97 -36.24 -29.39
N SER F 154 28.43 -35.68 -30.48
CA SER F 154 28.39 -36.40 -31.75
C SER F 154 29.79 -36.51 -32.40
N GLN F 155 30.73 -35.61 -32.04
CA GLN F 155 32.12 -35.68 -32.50
C GLN F 155 33.00 -36.44 -31.49
N LYS F 156 32.39 -37.22 -30.56
CA LYS F 156 33.03 -37.97 -29.49
C LYS F 156 33.86 -37.07 -28.55
N LYS F 157 33.39 -35.83 -28.30
CA LYS F 157 34.08 -34.91 -27.39
C LYS F 157 33.26 -34.64 -26.14
N ILE F 158 33.93 -34.38 -25.01
CA ILE F 158 33.26 -34.06 -23.77
C ILE F 158 33.84 -32.73 -23.26
N HIS F 159 32.97 -31.81 -22.85
CA HIS F 159 33.41 -30.53 -22.35
C HIS F 159 34.01 -30.73 -20.96
N ARG F 160 33.26 -31.39 -20.06
CA ARG F 160 33.66 -31.71 -18.69
C ARG F 160 33.83 -30.49 -17.77
N ASP F 161 33.50 -29.27 -18.27
CA ASP F 161 33.64 -28.08 -17.45
C ASP F 161 32.55 -27.04 -17.67
N ILE F 162 31.32 -27.51 -17.83
CA ILE F 162 30.18 -26.62 -17.98
C ILE F 162 29.93 -25.90 -16.66
N LYS F 163 29.82 -24.58 -16.74
CA LYS F 163 29.53 -23.70 -15.62
C LYS F 163 29.31 -22.29 -16.16
N GLY F 164 28.69 -21.42 -15.38
CA GLY F 164 28.44 -20.04 -15.77
C GLY F 164 29.67 -19.28 -16.25
N ALA F 165 30.84 -19.58 -15.66
CA ALA F 165 32.12 -18.95 -16.04
C ALA F 165 32.57 -19.37 -17.43
N ASN F 166 32.10 -20.51 -17.93
CA ASN F 166 32.50 -21.03 -19.23
C ASN F 166 31.44 -20.95 -20.32
N ILE F 167 30.41 -20.14 -20.09
CA ILE F 167 29.33 -19.90 -21.06
C ILE F 167 29.35 -18.41 -21.27
N LEU F 168 29.84 -18.01 -22.44
CA LEU F 168 30.01 -16.60 -22.74
C LEU F 168 28.83 -16.07 -23.59
N ILE F 169 28.62 -14.75 -23.53
CA ILE F 169 27.57 -14.06 -24.26
C ILE F 169 28.20 -12.94 -25.11
N ASN F 170 28.04 -13.00 -26.44
CA ASN F 170 28.63 -11.97 -27.30
C ASN F 170 27.67 -10.77 -27.50
N ASP F 171 28.10 -9.72 -28.24
CA ASP F 171 27.25 -8.54 -28.49
C ASP F 171 26.00 -8.88 -29.28
N ALA F 172 26.06 -9.91 -30.12
CA ALA F 172 24.88 -10.39 -30.84
C ALA F 172 23.89 -11.16 -29.91
N GLY F 173 24.22 -11.33 -28.63
CA GLY F 173 23.38 -12.06 -27.67
C GLY F 173 23.43 -13.57 -27.85
N GLU F 174 24.50 -14.06 -28.49
CA GLU F 174 24.70 -15.48 -28.75
C GLU F 174 25.39 -16.16 -27.59
N VAL F 175 25.05 -17.43 -27.38
CA VAL F 175 25.56 -18.23 -26.29
C VAL F 175 26.65 -19.14 -26.78
N ARG F 176 27.87 -18.98 -26.23
CA ARG F 176 29.03 -19.74 -26.70
C ARG F 176 29.76 -20.46 -25.57
N LEU F 177 30.05 -21.75 -25.75
CA LEU F 177 30.82 -22.50 -24.75
C LEU F 177 32.29 -22.18 -24.93
N ALA F 178 32.98 -21.97 -23.82
CA ALA F 178 34.40 -21.68 -23.87
C ALA F 178 35.21 -22.57 -22.86
N ASP F 179 36.54 -22.50 -22.90
CA ASP F 179 37.49 -23.21 -22.06
C ASP F 179 37.40 -24.71 -22.19
N PHE F 180 38.09 -25.23 -23.20
CA PHE F 180 38.24 -26.64 -23.43
C PHE F 180 39.50 -27.21 -22.72
N GLY F 181 39.98 -26.52 -21.68
CA GLY F 181 41.14 -26.89 -20.90
C GLY F 181 41.04 -28.24 -20.22
N ILE F 182 39.92 -28.47 -19.50
CA ILE F 182 39.69 -29.76 -18.86
C ILE F 182 39.47 -30.85 -19.92
N SER F 183 38.75 -30.53 -21.00
CA SER F 183 38.53 -31.48 -22.10
C SER F 183 39.86 -31.95 -22.72
N ALA F 184 40.83 -31.03 -22.87
CA ALA F 184 42.14 -31.34 -23.43
C ALA F 184 42.98 -32.17 -22.46
N GLN F 185 42.93 -31.85 -21.16
CA GLN F 185 43.65 -32.60 -20.14
C GLN F 185 43.12 -34.02 -20.06
N ILE F 186 41.79 -34.19 -20.16
CA ILE F 186 41.16 -35.51 -20.09
C ILE F 186 41.53 -36.33 -21.32
N GLY F 187 41.54 -35.70 -22.49
CA GLY F 187 41.94 -36.35 -23.74
C GLY F 187 43.41 -36.74 -23.73
N ALA F 188 44.25 -35.92 -23.09
CA ALA F 188 45.68 -36.17 -22.96
C ALA F 188 45.97 -37.30 -21.97
N GLU F 189 45.28 -37.34 -20.83
CA GLU F 189 45.47 -38.40 -19.83
C GLU F 189 45.00 -39.74 -20.39
N LEU F 190 43.89 -39.77 -21.11
CA LEU F 190 43.39 -41.01 -21.71
C LEU F 190 44.29 -41.52 -22.84
N ALA F 191 44.96 -40.61 -23.55
CA ALA F 191 45.90 -40.99 -24.62
C ALA F 191 47.19 -41.51 -24.00
N ARG F 192 47.63 -40.92 -22.89
CA ARG F 192 48.84 -41.33 -22.18
C ARG F 192 48.61 -42.70 -21.54
N ARG F 193 47.43 -42.89 -20.92
CA ARG F 193 47.05 -44.13 -20.27
C ARG F 193 46.88 -45.28 -21.25
N LEU F 194 46.49 -44.98 -22.50
CA LEU F 194 46.32 -46.02 -23.51
C LEU F 194 47.62 -46.35 -24.26
N GLU F 195 48.55 -45.40 -24.35
CA GLU F 195 49.83 -45.62 -25.02
C GLU F 195 50.77 -46.47 -24.15
N PHE F 196 50.65 -46.38 -22.81
CA PHE F 196 51.48 -47.14 -21.88
C PHE F 196 50.70 -48.23 -21.13
N ILE F 197 49.46 -48.56 -21.56
CA ILE F 197 48.65 -49.62 -20.94
C ILE F 197 49.31 -51.00 -21.09
N GLY F 198 50.05 -51.19 -22.18
CA GLY F 198 50.78 -52.42 -22.44
C GLY F 198 49.88 -53.56 -22.85
N THR F 199 50.42 -54.78 -22.80
CA THR F 199 49.69 -55.97 -23.19
C THR F 199 48.41 -56.16 -22.34
N PRO F 200 47.28 -56.39 -23.02
CA PRO F 200 46.00 -56.52 -22.31
C PRO F 200 45.52 -57.92 -21.97
N TYR F 201 46.23 -58.97 -22.38
CA TYR F 201 45.70 -60.34 -22.26
C TYR F 201 45.36 -60.80 -20.86
N TRP F 202 46.05 -60.30 -19.84
CA TRP F 202 45.77 -60.73 -18.45
C TRP F 202 44.86 -59.73 -17.68
N MET F 203 44.41 -58.66 -18.35
CA MET F 203 43.61 -57.61 -17.71
C MET F 203 42.19 -57.97 -17.53
N ALA F 204 41.64 -57.63 -16.37
CA ALA F 204 40.22 -57.84 -16.11
C ALA F 204 39.42 -56.86 -17.00
N PRO F 205 38.20 -57.25 -17.40
CA PRO F 205 37.41 -56.36 -18.27
C PRO F 205 37.20 -54.94 -17.74
N GLU F 206 36.98 -54.77 -16.42
CA GLU F 206 36.78 -53.45 -15.80
C GLU F 206 38.06 -52.57 -15.82
N VAL F 207 39.24 -53.20 -15.89
CA VAL F 207 40.52 -52.49 -16.01
C VAL F 207 40.70 -51.99 -17.46
N ALA F 208 40.35 -52.84 -18.43
CA ALA F 208 40.44 -52.46 -19.84
C ALA F 208 39.41 -51.34 -20.14
N ALA F 209 38.25 -51.38 -19.48
CA ALA F 209 37.17 -50.39 -19.60
C ALA F 209 37.62 -49.01 -19.14
N VAL F 210 38.29 -48.90 -17.97
CA VAL F 210 38.73 -47.60 -17.48
C VAL F 210 39.90 -47.08 -18.32
N ALA F 211 40.76 -47.95 -18.85
CA ALA F 211 41.86 -47.51 -19.72
C ALA F 211 41.32 -46.87 -20.99
N LEU F 212 40.21 -47.40 -21.52
CA LEU F 212 39.63 -46.88 -22.76
C LEU F 212 38.55 -45.81 -22.61
N LYS F 213 37.70 -45.93 -21.60
CA LYS F 213 36.55 -45.05 -21.39
C LYS F 213 36.64 -44.14 -20.16
N GLY F 214 37.67 -44.31 -19.32
CA GLY F 214 37.88 -43.45 -18.17
C GLY F 214 37.04 -43.66 -16.93
N GLY F 215 35.87 -44.29 -17.06
CA GLY F 215 35.00 -44.51 -15.92
C GLY F 215 33.73 -43.69 -15.89
N TYR F 216 33.53 -42.84 -16.90
CA TYR F 216 32.34 -42.01 -17.06
C TYR F 216 32.15 -41.65 -18.55
N ASN F 217 31.05 -40.99 -18.89
CA ASN F 217 30.77 -40.62 -20.27
C ASN F 217 30.30 -39.14 -20.40
N GLU F 218 29.88 -38.76 -21.60
CA GLU F 218 29.41 -37.43 -21.97
C GLU F 218 28.23 -36.92 -21.12
N LEU F 219 27.44 -37.83 -20.53
CA LEU F 219 26.31 -37.46 -19.70
C LEU F 219 26.68 -36.65 -18.46
N CYS F 220 27.97 -36.59 -18.11
CA CYS F 220 28.43 -35.73 -17.02
C CYS F 220 28.17 -34.25 -17.36
N ASP F 221 28.23 -33.89 -18.66
CA ASP F 221 27.92 -32.54 -19.14
C ASP F 221 26.46 -32.18 -18.88
N ILE F 222 25.54 -33.16 -18.94
CA ILE F 222 24.13 -32.93 -18.70
C ILE F 222 23.87 -32.58 -17.24
N TRP F 223 24.63 -33.20 -16.31
CA TRP F 223 24.55 -32.92 -14.88
C TRP F 223 25.01 -31.49 -14.64
N SER F 224 26.18 -31.12 -15.20
CA SER F 224 26.82 -29.81 -15.05
C SER F 224 25.88 -28.68 -15.51
N LEU F 225 25.11 -28.92 -16.56
CA LEU F 225 24.14 -27.95 -17.04
C LEU F 225 22.98 -27.78 -16.04
N GLY F 226 22.61 -28.84 -15.33
CA GLY F 226 21.59 -28.76 -14.30
C GLY F 226 22.06 -27.88 -13.15
N ILE F 227 23.31 -28.08 -12.74
CA ILE F 227 23.89 -27.24 -11.67
C ILE F 227 23.98 -25.79 -12.15
N THR F 228 24.37 -25.58 -13.42
CA THR F 228 24.47 -24.26 -14.04
C THR F 228 23.12 -23.51 -14.07
N ALA F 229 22.00 -24.21 -14.32
CA ALA F 229 20.67 -23.56 -14.28
C ALA F 229 20.35 -23.11 -12.84
N ILE F 230 20.76 -23.89 -11.82
CA ILE F 230 20.56 -23.48 -10.42
C ILE F 230 21.45 -22.25 -10.14
N GLU F 231 22.68 -22.26 -10.67
CA GLU F 231 23.64 -21.18 -10.52
C GLU F 231 23.07 -19.90 -11.14
N LEU F 232 22.43 -20.00 -12.30
CA LEU F 232 21.87 -18.80 -12.96
C LEU F 232 20.68 -18.21 -12.20
N ALA F 233 19.98 -19.07 -11.43
CA ALA F 233 18.79 -18.74 -10.64
C ALA F 233 19.10 -18.27 -9.24
N GLU F 234 20.17 -18.78 -8.63
CA GLU F 234 20.48 -18.45 -7.24
C GLU F 234 21.83 -17.76 -7.02
N LEU F 235 22.62 -17.57 -8.11
CA LEU F 235 23.91 -16.87 -8.21
C LEU F 235 25.12 -17.68 -7.72
N GLN F 236 24.90 -18.88 -7.21
CA GLN F 236 25.95 -19.77 -6.73
C GLN F 236 25.52 -21.22 -7.00
N PRO F 237 26.45 -22.14 -7.30
CA PRO F 237 26.06 -23.56 -7.46
C PRO F 237 25.69 -24.11 -6.09
N PRO F 238 24.85 -25.17 -6.02
CA PRO F 238 24.49 -25.74 -4.71
C PRO F 238 25.69 -26.11 -3.86
N LEU F 239 25.53 -25.99 -2.54
CA LEU F 239 26.57 -26.32 -1.58
C LEU F 239 27.86 -25.53 -1.74
N PHE F 240 27.76 -24.28 -2.27
CA PHE F 240 28.89 -23.36 -2.50
C PHE F 240 29.72 -23.09 -1.24
N ASP F 241 29.10 -23.21 -0.05
CA ASP F 241 29.80 -22.94 1.20
C ASP F 241 30.45 -24.20 1.81
N VAL F 242 29.92 -25.39 1.47
CA VAL F 242 30.44 -26.67 1.94
C VAL F 242 31.83 -26.92 1.33
N HIS F 243 32.78 -27.41 2.14
CA HIS F 243 34.16 -27.71 1.74
C HIS F 243 34.20 -28.61 0.51
N PRO F 244 35.12 -28.35 -0.45
CA PRO F 244 35.19 -29.17 -1.66
C PRO F 244 35.37 -30.66 -1.44
N LEU F 245 36.08 -31.06 -0.37
CA LEU F 245 36.26 -32.49 -0.07
C LEU F 245 34.97 -33.10 0.48
N ARG F 246 34.24 -32.34 1.30
CA ARG F 246 32.99 -32.79 1.91
C ARG F 246 31.87 -32.96 0.88
N VAL F 247 31.87 -32.11 -0.15
CA VAL F 247 30.86 -32.18 -1.21
C VAL F 247 31.00 -33.48 -2.00
N LEU F 248 32.23 -33.81 -2.41
CA LEU F 248 32.53 -35.02 -3.18
C LEU F 248 32.24 -36.29 -2.37
N PHE F 249 32.43 -36.22 -1.04
CA PHE F 249 32.19 -37.34 -0.15
C PHE F 249 30.70 -37.70 -0.07
N LEU F 250 29.83 -36.67 -0.02
CA LEU F 250 28.38 -36.90 0.07
C LEU F 250 27.77 -37.47 -1.22
N MET F 251 28.45 -37.30 -2.36
CA MET F 251 27.99 -37.83 -3.65
C MET F 251 28.21 -39.36 -3.79
N THR F 252 29.02 -39.96 -2.91
CA THR F 252 29.33 -41.40 -2.96
C THR F 252 28.38 -42.25 -2.11
N LYS F 253 27.75 -41.66 -1.07
CA LYS F 253 26.81 -42.35 -0.20
C LYS F 253 25.60 -42.84 -0.99
N SER F 254 25.11 -44.06 -0.69
CA SER F 254 23.98 -44.64 -1.43
C SER F 254 22.72 -43.78 -1.42
N GLY F 255 22.48 -43.08 -0.31
CA GLY F 255 21.33 -42.20 -0.18
C GLY F 255 21.58 -40.76 -0.58
N TYR F 256 22.54 -40.54 -1.50
CA TYR F 256 22.86 -39.18 -1.97
C TYR F 256 21.68 -38.60 -2.73
N GLN F 257 21.27 -37.39 -2.36
CA GLN F 257 20.16 -36.74 -3.04
C GLN F 257 20.70 -35.64 -3.96
N PRO F 258 20.38 -35.70 -5.26
CA PRO F 258 20.84 -34.64 -6.17
C PRO F 258 20.34 -33.26 -5.74
N PRO F 259 21.10 -32.20 -6.05
CA PRO F 259 20.69 -30.86 -5.61
C PRO F 259 19.34 -30.42 -6.18
N ARG F 260 18.83 -29.32 -5.64
CA ARG F 260 17.53 -28.77 -6.00
C ARG F 260 17.52 -27.27 -5.75
N LEU F 261 16.47 -26.56 -6.22
CA LEU F 261 16.32 -25.15 -5.91
C LEU F 261 15.92 -25.01 -4.44
N LYS F 262 16.50 -24.01 -3.74
CA LYS F 262 16.28 -23.75 -2.32
C LYS F 262 14.80 -23.54 -2.00
N GLU F 263 14.10 -22.83 -2.89
CA GLU F 263 12.71 -22.45 -2.75
C GLU F 263 11.88 -22.88 -3.97
N LYS F 264 10.54 -22.89 -3.82
CA LYS F 264 9.65 -23.15 -4.95
C LYS F 264 9.74 -21.93 -5.88
N GLY F 265 9.69 -20.72 -5.29
CA GLY F 265 9.79 -19.43 -5.97
C GLY F 265 8.71 -19.22 -7.02
N LYS F 266 8.97 -18.32 -7.96
CA LYS F 266 8.03 -18.08 -9.05
C LYS F 266 8.28 -19.03 -10.25
N TRP F 267 9.31 -19.90 -10.17
CA TRP F 267 9.69 -20.85 -11.22
C TRP F 267 8.57 -21.81 -11.55
N SER F 268 8.44 -22.14 -12.82
CA SER F 268 7.37 -23.03 -13.28
C SER F 268 7.68 -24.50 -12.96
N ALA F 269 6.67 -25.37 -13.15
CA ALA F 269 6.84 -26.81 -12.95
C ALA F 269 7.86 -27.36 -13.95
N ALA F 270 7.93 -26.80 -15.17
CA ALA F 270 8.86 -27.24 -16.18
C ALA F 270 10.31 -26.88 -15.80
N PHE F 271 10.52 -25.76 -15.10
CA PHE F 271 11.87 -25.37 -14.67
C PHE F 271 12.32 -26.32 -13.57
N HIS F 272 11.46 -26.59 -12.57
CA HIS F 272 11.79 -27.53 -11.50
C HIS F 272 12.05 -28.92 -12.05
N ASN F 273 11.25 -29.35 -13.05
CA ASN F 273 11.40 -30.67 -13.64
C ASN F 273 12.69 -30.73 -14.44
N PHE F 274 12.99 -29.67 -15.22
CA PHE F 274 14.24 -29.59 -16.01
C PHE F 274 15.47 -29.82 -15.12
N ILE F 275 15.52 -29.18 -13.92
CA ILE F 275 16.62 -29.35 -12.97
C ILE F 275 16.69 -30.82 -12.54
N LYS F 276 15.54 -31.39 -12.24
CA LYS F 276 15.35 -32.78 -11.80
C LYS F 276 15.88 -33.79 -12.82
N VAL F 277 15.52 -33.66 -14.11
CA VAL F 277 15.96 -34.65 -15.09
C VAL F 277 17.46 -34.54 -15.39
N THR F 278 17.99 -33.30 -15.55
CA THR F 278 19.43 -33.14 -15.78
C THR F 278 20.23 -33.64 -14.56
N LEU F 279 19.71 -33.42 -13.35
CA LEU F 279 20.38 -33.89 -12.16
C LEU F 279 19.98 -35.32 -11.76
N THR F 280 19.78 -36.21 -12.74
CA THR F 280 19.48 -37.62 -12.44
C THR F 280 20.76 -38.23 -11.92
N LYS F 281 20.72 -38.79 -10.70
CA LYS F 281 21.89 -39.35 -10.04
C LYS F 281 22.52 -40.48 -10.86
N SER F 282 21.67 -41.36 -11.42
CA SER F 282 22.21 -42.47 -12.22
C SER F 282 22.59 -42.06 -13.64
N PRO F 283 23.86 -42.26 -14.01
CA PRO F 283 24.28 -41.96 -15.39
C PRO F 283 23.52 -42.79 -16.44
N LYS F 284 23.09 -44.01 -16.09
CA LYS F 284 22.33 -44.85 -16.99
C LYS F 284 20.94 -44.26 -17.30
N LYS F 285 20.35 -43.53 -16.34
CA LYS F 285 19.04 -42.91 -16.53
C LYS F 285 19.10 -41.42 -16.95
N ARG F 286 20.29 -40.79 -16.92
CA ARG F 286 20.41 -39.38 -17.32
C ARG F 286 20.17 -39.20 -18.83
N PRO F 287 19.23 -38.33 -19.23
CA PRO F 287 18.96 -38.15 -20.66
C PRO F 287 20.10 -37.47 -21.41
N SER F 288 20.31 -37.84 -22.69
CA SER F 288 21.35 -37.23 -23.53
C SER F 288 21.03 -35.76 -23.85
N ALA F 289 21.93 -35.05 -24.55
CA ALA F 289 21.72 -33.65 -24.90
C ALA F 289 20.60 -33.50 -25.91
N THR F 290 20.53 -34.41 -26.89
CA THR F 290 19.47 -34.37 -27.88
C THR F 290 18.11 -34.68 -27.24
N LYS F 291 18.07 -35.57 -26.25
CA LYS F 291 16.83 -35.92 -25.56
C LYS F 291 16.33 -34.74 -24.73
N MET F 292 17.26 -34.00 -24.10
CA MET F 292 16.91 -32.82 -23.31
C MET F 292 16.39 -31.66 -24.14
N LEU F 293 16.73 -31.62 -25.44
CA LEU F 293 16.24 -30.58 -26.35
C LEU F 293 14.73 -30.67 -26.61
N SER F 294 14.12 -31.84 -26.37
CA SER F 294 12.68 -32.01 -26.51
C SER F 294 11.92 -31.72 -25.19
N HIS F 295 12.63 -31.34 -24.11
CA HIS F 295 11.99 -31.01 -22.84
C HIS F 295 11.21 -29.71 -22.98
N GLN F 296 10.07 -29.63 -22.28
CA GLN F 296 9.14 -28.50 -22.25
C GLN F 296 9.86 -27.14 -22.13
N LEU F 297 10.78 -27.02 -21.16
CA LEU F 297 11.52 -25.80 -20.89
C LEU F 297 12.28 -25.22 -22.08
N VAL F 298 13.00 -26.05 -22.84
CA VAL F 298 13.79 -25.54 -23.96
C VAL F 298 13.12 -25.74 -25.33
N SER F 299 11.97 -26.42 -25.41
CA SER F 299 11.29 -26.59 -26.70
C SER F 299 10.24 -25.50 -27.00
N GLN F 300 10.13 -24.46 -26.15
CA GLN F 300 9.21 -23.33 -26.34
C GLN F 300 9.60 -22.56 -27.61
N PRO F 301 8.62 -21.97 -28.33
CA PRO F 301 8.96 -21.23 -29.57
C PRO F 301 9.53 -19.82 -29.37
N GLY F 302 9.18 -19.16 -28.27
CA GLY F 302 9.67 -17.82 -27.99
C GLY F 302 11.07 -17.73 -27.42
N LEU F 303 11.94 -18.70 -27.78
CA LEU F 303 13.31 -18.69 -27.31
C LEU F 303 14.23 -18.21 -28.42
N ASN F 304 14.66 -16.95 -28.32
CA ASN F 304 15.57 -16.33 -29.29
C ASN F 304 16.50 -15.32 -28.58
N ARG F 305 17.54 -14.86 -29.30
CA ARG F 305 18.57 -13.92 -28.83
C ARG F 305 18.00 -12.70 -28.10
N GLY F 306 16.73 -12.34 -28.37
CA GLY F 306 16.06 -11.21 -27.76
C GLY F 306 16.00 -11.19 -26.24
N LEU F 307 15.85 -12.36 -25.62
CA LEU F 307 15.86 -12.46 -24.16
C LEU F 307 17.24 -12.03 -23.62
N ILE F 308 18.30 -12.46 -24.31
CA ILE F 308 19.67 -12.14 -23.93
C ILE F 308 20.04 -10.69 -24.25
N LEU F 309 19.51 -10.15 -25.35
CA LEU F 309 19.73 -8.75 -25.68
C LEU F 309 19.13 -7.83 -24.61
N ASP F 310 17.97 -8.22 -24.04
CA ASP F 310 17.36 -7.47 -22.95
C ASP F 310 18.25 -7.56 -21.71
N LEU F 311 18.88 -8.72 -21.45
CA LEU F 311 19.80 -8.91 -20.35
C LEU F 311 21.01 -7.97 -20.54
N LEU F 312 21.61 -7.92 -21.76
CA LEU F 312 22.75 -7.03 -22.02
C LEU F 312 22.36 -5.54 -21.91
N ASP F 313 21.09 -5.21 -22.20
CA ASP F 313 20.60 -3.83 -22.07
C ASP F 313 20.61 -3.37 -20.61
N LYS F 314 20.25 -4.29 -19.69
CA LYS F 314 20.25 -4.03 -18.25
C LYS F 314 21.66 -3.77 -17.69
N LEU F 315 22.72 -4.27 -18.37
CA LEU F 315 24.10 -4.05 -17.94
C LEU F 315 24.55 -2.61 -18.23
N LYS F 316 24.19 -2.09 -19.42
CA LYS F 316 24.55 -0.73 -19.80
C LYS F 316 23.48 0.24 -19.31
#